data_5H7L
#
_entry.id   5H7L
#
_cell.length_a   79.774
_cell.length_b   121.902
_cell.length_c   199.265
_cell.angle_alpha   90.00
_cell.angle_beta   90.00
_cell.angle_gamma   90.00
#
_symmetry.space_group_name_H-M   'P 21 21 21'
#
loop_
_entity.id
_entity.type
_entity.pdbx_description
1 polymer 'Elongation factor 2'
2 polymer '50S ribosomal protein L12'
3 non-polymer 'PHOSPHOMETHYLPHOSPHONIC ACID GUANYLATE ESTER'
#
loop_
_entity_poly.entity_id
_entity_poly.type
_entity_poly.pdbx_seq_one_letter_code
_entity_poly.pdbx_strand_id
1 'polypeptide(L)'
;MVEMGRREEMIAKIKELMLQPERIRNIGIAAHIDHGKTTLSDNLLAGAGMISEELAGKQLVLDFDEQEQARGITINAANV
SMVHNYEGKDYLINLIDTPGHVDFGGDVTRAMRAIDGVIIVVDAVEGVMPQTETVVRQALREYVKPVLFINKVDRLIREL
KLTPQQMMERFSKIIMDVNRLIQRYAPEEYKKKWMVKVEDGSVAFGSAYYNWALSVPFMKRTGVKFNEIIDLTLKGDNRT
LRQKAPLHVVVLDMVVRHLPSPIEAQKYRIPHLWEGDISSDIGQAMLNCDPKGKMVMVVTKIIIDKHAGEVATGRVWSGT
VKSGQEVYLINTKRKARIQQVGIYMGPERINMEAVPAGNIVAVTGLRDAMAGETVAEEQIEPFEALHYVSEPVVTVAIEA
KNVKDLPRLIEALRQLAKEDPTLHVKIDEETGQHLLSGMGELHLEVKLYKLKKDWGIDIEVSEPIVVYRESITKSSPMVE
GKSPNRHNRFYIVVEPMPDEIYNAIKEGIIPEGRVKNPKEVAKKLAELGMDYEIARGIVDIYNGNMFIDNTKGVQYLNEV
MDLLIDGFHQAMDEGPLAREPVMKVIVRLLDAQVHEDNVHRGPAQIYPAIRTAIHCAMMKSNPVLYEPYQKVIINIPYEY
MGAVSREITQRRGQLVDMKQEGEVMTIIAEAPVAEMFGFAGSIRSATSGRALWSTEHAGFKRVPNELAQQIIRQIRQRKG
LDPNPPTEKDVCPLFLEHHHHHH
;
A,B
2 'polypeptide(L)' EALAGLSALFG G,E
#
loop_
_chem_comp.id
_chem_comp.type
_chem_comp.name
_chem_comp.formula
GCP non-polymer 'PHOSPHOMETHYLPHOSPHONIC ACID GUANYLATE ESTER' 'C11 H18 N5 O13 P3'
#
# COMPACT_ATOMS: atom_id res chain seq x y z
N ALA A 12 -33.66 3.93 44.71
CA ALA A 12 -33.21 3.69 46.09
C ALA A 12 -32.98 2.20 46.34
N LYS A 13 -33.61 1.38 45.51
CA LYS A 13 -33.26 -0.03 45.40
C LYS A 13 -33.52 -0.39 43.94
N ILE A 14 -32.44 -0.36 43.17
CA ILE A 14 -32.53 -0.69 41.76
C ILE A 14 -31.42 -1.62 41.29
N LYS A 15 -30.63 -2.07 42.26
CA LYS A 15 -29.46 -2.91 42.02
C LYS A 15 -29.74 -4.25 41.29
N GLU A 16 -30.95 -4.79 41.40
CA GLU A 16 -31.23 -6.04 40.70
C GLU A 16 -32.09 -5.91 39.42
N LEU A 17 -31.77 -4.95 38.55
CA LEU A 17 -32.21 -4.99 37.15
C LEU A 17 -31.24 -5.82 36.31
N MET A 18 -30.01 -5.88 36.76
CA MET A 18 -28.90 -6.50 36.06
C MET A 18 -29.11 -7.99 35.73
N LEU A 19 -29.95 -8.68 36.50
CA LEU A 19 -30.39 -10.05 36.19
C LEU A 19 -30.92 -10.14 34.76
N GLN A 20 -31.67 -9.12 34.34
CA GLN A 20 -32.31 -9.17 33.03
C GLN A 20 -31.50 -8.35 32.04
N PRO A 21 -30.96 -9.03 31.03
CA PRO A 21 -30.07 -8.39 30.06
C PRO A 21 -30.82 -7.47 29.10
N GLU A 22 -32.12 -7.69 28.93
CA GLU A 22 -32.85 -7.03 27.86
C GLU A 22 -33.54 -5.77 28.37
N ARG A 23 -32.95 -5.18 29.41
CA ARG A 23 -33.44 -3.94 29.98
C ARG A 23 -32.22 -3.05 30.19
N ILE A 24 -31.05 -3.63 29.93
CA ILE A 24 -29.77 -2.92 29.92
C ILE A 24 -29.62 -2.19 28.58
N ARG A 25 -29.09 -0.98 28.60
CA ARG A 25 -28.76 -0.27 27.36
C ARG A 25 -27.34 0.26 27.45
N ASN A 26 -26.46 -0.27 26.60
CA ASN A 26 -25.07 0.15 26.61
C ASN A 26 -24.82 1.09 25.44
N ILE A 27 -24.65 2.36 25.80
CA ILE A 27 -24.69 3.41 24.80
C ILE A 27 -23.69 4.51 25.06
N GLY A 28 -23.41 5.26 24.02
CA GLY A 28 -22.54 6.40 24.18
C GLY A 28 -22.98 7.54 23.30
N ILE A 29 -22.49 8.74 23.62
CA ILE A 29 -22.83 9.93 22.84
C ILE A 29 -21.70 10.42 21.96
N ALA A 30 -21.98 10.46 20.66
CA ALA A 30 -21.06 10.93 19.65
C ALA A 30 -21.44 12.35 19.28
N ALA A 31 -20.46 13.24 19.28
CA ALA A 31 -20.72 14.64 19.00
C ALA A 31 -19.46 15.34 18.53
N HIS A 32 -19.64 16.39 17.73
CA HIS A 32 -18.60 17.35 17.37
C HIS A 32 -18.33 18.15 18.66
N ILE A 33 -17.42 19.09 18.70
CA ILE A 33 -17.14 19.77 19.96
C ILE A 33 -17.86 21.13 20.06
N ASP A 34 -18.26 21.49 21.27
CA ASP A 34 -19.19 22.59 21.57
C ASP A 34 -20.63 22.30 21.14
N HIS A 35 -20.81 21.19 20.42
CA HIS A 35 -22.12 20.82 19.92
C HIS A 35 -23.10 20.48 21.02
N GLY A 36 -22.60 20.17 22.22
CA GLY A 36 -23.50 20.05 23.35
C GLY A 36 -23.43 18.80 24.19
N LYS A 37 -22.46 17.94 23.89
CA LYS A 37 -22.46 16.57 24.40
C LYS A 37 -22.26 16.45 25.91
N THR A 38 -21.33 17.22 26.48
CA THR A 38 -21.18 17.18 27.93
C THR A 38 -22.47 17.65 28.58
N THR A 39 -22.95 18.82 28.18
CA THR A 39 -24.21 19.42 28.67
C THR A 39 -25.37 18.46 28.54
N LEU A 40 -25.52 17.90 27.33
CA LEU A 40 -26.57 16.92 27.07
C LEU A 40 -26.54 15.82 28.08
N SER A 41 -25.36 15.27 28.30
CA SER A 41 -25.23 14.13 29.22
C SER A 41 -25.54 14.54 30.65
N ASP A 42 -25.00 15.68 31.09
CA ASP A 42 -25.25 16.18 32.43
C ASP A 42 -26.75 16.32 32.69
N ASN A 43 -27.44 17.09 31.85
CA ASN A 43 -28.86 17.30 32.06
C ASN A 43 -29.71 16.10 31.65
N LEU A 44 -29.13 15.16 30.89
CA LEU A 44 -29.84 13.92 30.60
C LEU A 44 -29.97 13.10 31.82
N LEU A 45 -28.88 12.99 32.56
CA LEU A 45 -28.94 12.07 33.65
C LEU A 45 -29.35 12.76 34.96
N ALA A 46 -29.11 14.07 35.08
CA ALA A 46 -29.71 14.83 36.18
C ALA A 46 -31.23 14.82 36.04
N GLY A 47 -31.71 14.72 34.80
CA GLY A 47 -33.13 14.80 34.53
C GLY A 47 -33.85 13.55 35.01
N ALA A 48 -33.08 12.50 35.28
CA ALA A 48 -33.64 11.23 35.74
C ALA A 48 -33.30 10.98 37.21
N GLY A 49 -32.85 12.04 37.89
CA GLY A 49 -32.48 11.96 39.28
C GLY A 49 -30.98 11.70 39.33
N MET A 50 -30.54 10.72 40.11
CA MET A 50 -29.13 10.38 40.06
C MET A 50 -28.98 8.87 39.97
N ASN A 76 -13.72 14.39 32.85
CA ASN A 76 -14.54 13.24 32.45
C ASN A 76 -14.54 12.16 33.52
N ALA A 77 -15.69 11.53 33.71
CA ALA A 77 -15.80 10.32 34.51
C ALA A 77 -15.93 9.14 33.55
N ALA A 78 -15.57 7.94 34.02
CA ALA A 78 -15.57 6.77 33.15
C ALA A 78 -16.98 6.35 32.66
N ASN A 79 -17.88 6.12 33.60
CA ASN A 79 -19.21 5.69 33.22
C ASN A 79 -20.17 6.31 34.20
N VAL A 80 -21.37 6.61 33.72
CA VAL A 80 -22.42 7.13 34.58
C VAL A 80 -23.71 6.44 34.16
N SER A 81 -24.45 5.88 35.12
CA SER A 81 -25.64 5.07 34.82
C SER A 81 -26.93 5.73 35.27
N MET A 82 -28.00 5.53 34.50
CA MET A 82 -29.32 6.02 34.86
C MET A 82 -30.45 5.06 34.60
N VAL A 83 -31.39 4.99 35.54
CA VAL A 83 -32.58 4.16 35.39
C VAL A 83 -33.78 5.01 34.99
N HIS A 84 -34.49 4.53 33.98
CA HIS A 84 -35.53 5.31 33.32
C HIS A 84 -36.76 4.44 33.06
N ASN A 85 -37.95 4.97 33.31
CA ASN A 85 -39.19 4.23 33.11
C ASN A 85 -39.68 4.44 31.69
N TYR A 86 -39.78 3.36 30.93
CA TYR A 86 -40.36 3.42 29.58
C TYR A 86 -41.43 2.35 29.46
N GLU A 87 -42.64 2.78 29.08
CA GLU A 87 -43.79 1.89 28.90
C GLU A 87 -44.04 0.96 30.09
N GLY A 88 -43.95 1.54 31.29
CA GLY A 88 -44.21 0.82 32.53
C GLY A 88 -43.04 -0.02 33.02
N LYS A 89 -42.10 -0.32 32.13
CA LYS A 89 -40.97 -1.17 32.51
C LYS A 89 -39.72 -0.33 32.68
N ASP A 90 -38.86 -0.72 33.62
CA ASP A 90 -37.76 0.14 34.01
C ASP A 90 -36.51 -0.34 33.31
N TYR A 91 -35.73 0.60 32.78
CA TYR A 91 -34.53 0.21 32.07
C TYR A 91 -33.29 0.82 32.70
N LEU A 92 -32.21 0.03 32.73
CA LEU A 92 -30.93 0.50 33.23
C LEU A 92 -30.10 0.89 32.02
N ILE A 93 -29.84 2.18 31.91
CA ILE A 93 -29.12 2.70 30.75
C ILE A 93 -27.74 3.11 31.17
N ASN A 94 -26.77 2.72 30.36
CA ASN A 94 -25.36 2.98 30.61
C ASN A 94 -24.82 4.07 29.71
N LEU A 95 -24.44 5.19 30.31
CA LEU A 95 -23.84 6.25 29.54
C LEU A 95 -22.34 6.20 29.79
N ILE A 96 -21.63 5.75 28.77
CA ILE A 96 -20.19 5.50 28.85
C ILE A 96 -19.39 6.67 28.30
N ASP A 97 -18.30 7.07 28.96
CA ASP A 97 -17.46 8.14 28.44
C ASP A 97 -16.93 7.76 27.06
N THR A 98 -17.07 8.69 26.12
CA THR A 98 -16.66 8.44 24.74
C THR A 98 -15.96 9.65 24.18
N PRO A 99 -14.61 9.56 23.97
CA PRO A 99 -13.89 10.70 23.40
C PRO A 99 -14.27 10.91 21.92
N GLY A 100 -14.04 12.12 21.40
CA GLY A 100 -14.38 12.41 20.01
C GLY A 100 -13.28 12.98 19.12
N HIS A 101 -12.07 13.11 19.65
CA HIS A 101 -10.94 13.66 18.90
C HIS A 101 -10.62 12.70 17.76
N VAL A 102 -10.67 13.20 16.52
CA VAL A 102 -10.55 12.35 15.34
C VAL A 102 -9.08 12.13 14.97
N ASP A 103 -8.21 12.91 15.61
CA ASP A 103 -6.77 12.69 15.52
C ASP A 103 -6.34 11.65 16.57
N PHE A 104 -7.29 11.12 17.33
CA PHE A 104 -7.10 9.91 18.13
C PHE A 104 -7.88 8.72 17.55
N GLY A 105 -7.23 7.80 16.87
CA GLY A 105 -7.89 6.58 16.44
C GLY A 105 -8.30 5.63 17.58
N GLY A 106 -7.30 5.23 18.36
CA GLY A 106 -7.43 4.14 19.29
C GLY A 106 -8.45 4.30 20.41
N ASP A 107 -8.44 5.45 21.08
CA ASP A 107 -9.33 5.65 22.22
C ASP A 107 -10.79 5.69 21.76
N VAL A 108 -11.01 6.47 20.71
CA VAL A 108 -12.33 6.69 20.17
C VAL A 108 -12.95 5.38 19.74
N THR A 109 -12.16 4.61 18.99
CA THR A 109 -12.64 3.33 18.48
C THR A 109 -12.89 2.34 19.65
N ARG A 110 -12.06 2.41 20.68
CA ARG A 110 -12.17 1.52 21.84
C ARG A 110 -13.43 1.76 22.67
N ALA A 111 -13.66 3.04 22.98
CA ALA A 111 -14.87 3.42 23.69
C ALA A 111 -16.10 3.07 22.86
N MET A 112 -16.06 3.29 21.55
CA MET A 112 -17.25 2.97 20.78
C MET A 112 -17.51 1.49 20.49
N ARG A 113 -16.52 0.61 20.64
CA ARG A 113 -16.92 -0.80 20.56
C ARG A 113 -17.34 -1.25 21.97
N ALA A 114 -16.99 -0.46 22.99
CA ALA A 114 -17.46 -0.76 24.35
C ALA A 114 -19.00 -0.64 24.46
N ILE A 115 -19.59 0.23 23.64
CA ILE A 115 -21.02 0.58 23.67
C ILE A 115 -21.77 -0.22 22.59
N ASP A 116 -23.09 -0.40 22.72
CA ASP A 116 -23.89 -1.14 21.69
C ASP A 116 -24.71 -0.22 20.82
N GLY A 117 -25.01 0.97 21.36
CA GLY A 117 -25.83 1.96 20.67
C GLY A 117 -25.26 3.36 20.86
N VAL A 118 -25.58 4.25 19.92
CA VAL A 118 -25.01 5.60 20.00
C VAL A 118 -26.02 6.71 19.73
N ILE A 119 -25.94 7.76 20.52
CA ILE A 119 -26.69 8.95 20.19
C ILE A 119 -25.76 9.91 19.49
N ILE A 120 -25.97 10.04 18.19
CA ILE A 120 -25.30 11.07 17.40
C ILE A 120 -25.95 12.44 17.68
N VAL A 121 -25.15 13.39 18.14
CA VAL A 121 -25.57 14.73 18.48
C VAL A 121 -25.10 15.74 17.47
N VAL A 122 -26.03 16.48 16.88
CA VAL A 122 -25.61 17.49 15.91
C VAL A 122 -26.15 18.84 16.29
N ASP A 123 -25.31 19.87 16.30
CA ASP A 123 -25.76 21.24 16.44
C ASP A 123 -26.66 21.56 15.25
N ALA A 124 -27.82 22.18 15.51
CA ALA A 124 -28.79 22.52 14.47
C ALA A 124 -28.36 23.75 13.67
N VAL A 125 -27.59 24.62 14.31
CA VAL A 125 -27.05 25.81 13.69
C VAL A 125 -25.99 25.37 12.68
N GLU A 126 -25.03 24.55 13.16
CA GLU A 126 -23.86 24.11 12.38
C GLU A 126 -24.10 22.91 11.43
N GLY A 127 -24.85 21.91 11.86
CA GLY A 127 -25.19 20.81 10.99
C GLY A 127 -24.19 19.67 11.01
N VAL A 128 -24.44 18.67 10.17
CA VAL A 128 -23.52 17.55 9.99
C VAL A 128 -22.21 18.06 9.40
N MET A 129 -21.13 17.87 10.14
CA MET A 129 -19.80 18.36 9.77
C MET A 129 -19.02 17.16 9.23
N PRO A 130 -17.83 17.39 8.63
CA PRO A 130 -17.00 16.24 8.28
C PRO A 130 -16.64 15.34 9.50
N GLN A 131 -16.29 15.98 10.62
CA GLN A 131 -15.92 15.30 11.86
C GLN A 131 -17.08 14.43 12.39
N THR A 132 -18.30 14.96 12.27
CA THR A 132 -19.49 14.20 12.59
C THR A 132 -19.56 12.97 11.68
N GLU A 133 -19.33 13.15 10.38
CA GLU A 133 -19.36 12.04 9.43
C GLU A 133 -18.37 10.95 9.88
N THR A 134 -17.19 11.36 10.38
CA THR A 134 -16.21 10.41 10.91
C THR A 134 -16.70 9.63 12.13
N VAL A 135 -17.05 10.34 13.21
CA VAL A 135 -17.39 9.67 14.47
C VAL A 135 -18.55 8.72 14.21
N VAL A 136 -19.42 9.11 13.29
CA VAL A 136 -20.45 8.23 12.79
C VAL A 136 -19.86 6.99 12.09
N ARG A 137 -18.82 7.20 11.28
CA ARG A 137 -18.21 6.07 10.56
C ARG A 137 -17.72 5.03 11.56
N GLN A 138 -16.91 5.42 12.55
CA GLN A 138 -16.50 4.41 13.56
C GLN A 138 -17.67 3.88 14.37
N ALA A 139 -18.62 4.74 14.72
CA ALA A 139 -19.73 4.26 15.51
C ALA A 139 -20.35 3.10 14.79
N LEU A 140 -20.65 3.31 13.52
CA LEU A 140 -21.29 2.31 12.72
C LEU A 140 -20.36 1.13 12.31
N ARG A 141 -19.06 1.37 12.33
CA ARG A 141 -18.08 0.36 12.02
C ARG A 141 -18.28 -0.92 12.86
N GLU A 142 -18.34 -0.82 14.19
CA GLU A 142 -18.40 -2.01 15.01
C GLU A 142 -19.82 -2.27 15.40
N TYR A 143 -20.66 -2.30 14.39
CA TYR A 143 -22.06 -2.62 14.53
C TYR A 143 -22.63 -1.96 15.80
N VAL A 144 -22.70 -0.62 15.77
CA VAL A 144 -23.33 0.15 16.84
C VAL A 144 -24.54 0.73 16.15
N LYS A 145 -25.73 0.58 16.74
CA LYS A 145 -26.93 1.10 16.08
C LYS A 145 -27.06 2.56 16.49
N PRO A 146 -27.47 3.42 15.53
CA PRO A 146 -27.50 4.88 15.76
C PRO A 146 -28.89 5.53 16.01
N VAL A 147 -28.90 6.62 16.80
CA VAL A 147 -30.07 7.51 16.86
C VAL A 147 -29.62 8.98 16.89
N LEU A 148 -30.34 9.81 16.13
CA LEU A 148 -29.97 11.20 15.90
C LEU A 148 -30.71 12.10 16.92
N PHE A 149 -30.00 13.11 17.38
CA PHE A 149 -30.55 14.12 18.24
C PHE A 149 -30.00 15.44 17.78
N ILE A 150 -30.91 16.26 17.25
CA ILE A 150 -30.55 17.58 16.82
C ILE A 150 -30.64 18.48 18.03
N ASN A 151 -29.57 19.18 18.33
CA ASN A 151 -29.53 19.95 19.54
C ASN A 151 -29.41 21.43 19.22
N LYS A 152 -29.56 22.25 20.26
CA LYS A 152 -29.47 23.69 20.14
C LYS A 152 -30.64 24.28 19.31
N VAL A 153 -31.83 23.69 19.39
CA VAL A 153 -32.94 24.20 18.57
C VAL A 153 -33.41 25.60 19.06
N ASP A 154 -33.24 25.85 20.36
CA ASP A 154 -33.52 27.17 20.91
C ASP A 154 -32.74 28.23 20.13
N ARG A 155 -31.53 27.87 19.69
CA ARG A 155 -30.67 28.82 18.97
C ARG A 155 -31.33 29.14 17.63
N LEU A 156 -31.98 28.15 17.03
CA LEU A 156 -32.75 28.37 15.79
C LEU A 156 -33.88 29.37 15.98
N ILE A 157 -34.63 29.18 17.06
CA ILE A 157 -35.78 30.02 17.35
C ILE A 157 -35.42 31.45 17.77
N ARG A 158 -34.69 31.61 18.87
CA ARG A 158 -34.46 32.94 19.45
C ARG A 158 -33.48 33.78 18.64
N GLU A 159 -32.34 33.15 18.33
CA GLU A 159 -31.11 33.76 17.85
C GLU A 159 -31.02 33.88 16.33
N LEU A 160 -31.45 32.82 15.66
CA LEU A 160 -31.32 32.74 14.20
C LEU A 160 -32.62 33.09 13.49
N LYS A 161 -33.72 33.11 14.24
CA LYS A 161 -34.97 33.76 13.83
C LYS A 161 -35.67 33.02 12.62
N LEU A 162 -35.66 31.69 12.62
CA LEU A 162 -36.27 31.00 11.47
C LEU A 162 -37.77 30.75 11.50
N THR A 163 -38.36 30.78 10.32
CA THR A 163 -39.71 30.32 10.13
C THR A 163 -39.74 28.84 10.47
N PRO A 164 -40.91 28.32 10.91
CA PRO A 164 -41.09 26.90 11.18
C PRO A 164 -40.64 26.03 10.03
N GLN A 165 -40.88 26.44 8.80
CA GLN A 165 -40.58 25.55 7.70
C GLN A 165 -39.15 25.68 7.24
N GLN A 166 -38.51 26.78 7.61
CA GLN A 166 -37.07 26.81 7.42
C GLN A 166 -36.46 25.77 8.35
N MET A 167 -37.01 25.67 9.55
CA MET A 167 -36.54 24.71 10.53
C MET A 167 -36.79 23.32 10.03
N MET A 168 -37.95 23.11 9.40
CA MET A 168 -38.23 21.82 8.78
C MET A 168 -37.19 21.46 7.72
N GLU A 169 -36.85 22.45 6.89
CA GLU A 169 -35.84 22.27 5.85
C GLU A 169 -34.52 21.82 6.48
N ARG A 170 -34.12 22.52 7.54
CA ARG A 170 -32.80 22.38 8.10
C ARG A 170 -32.67 21.07 8.88
N PHE A 171 -33.73 20.73 9.58
CA PHE A 171 -33.87 19.45 10.25
C PHE A 171 -33.77 18.31 9.22
N SER A 172 -34.61 18.38 8.19
CA SER A 172 -34.66 17.32 7.17
C SER A 172 -33.35 17.19 6.41
N LYS A 173 -32.58 18.26 6.27
CA LYS A 173 -31.35 18.06 5.51
C LYS A 173 -30.28 17.45 6.42
N ILE A 174 -30.26 17.82 7.71
CA ILE A 174 -29.38 17.11 8.66
C ILE A 174 -29.70 15.62 8.70
N ILE A 175 -30.98 15.32 8.74
CA ILE A 175 -31.45 13.93 8.76
C ILE A 175 -30.97 13.24 7.50
N MET A 176 -31.12 13.89 6.35
CA MET A 176 -30.79 13.25 5.08
C MET A 176 -29.28 13.03 4.93
N ASP A 177 -28.48 13.97 5.43
CA ASP A 177 -27.03 13.86 5.50
C ASP A 177 -26.63 12.59 6.23
N VAL A 178 -27.15 12.49 7.45
CA VAL A 178 -26.87 11.31 8.26
C VAL A 178 -27.34 10.04 7.56
N ASN A 179 -28.53 10.04 6.97
CA ASN A 179 -28.99 8.81 6.32
C ASN A 179 -28.28 8.47 5.00
N ARG A 180 -27.53 9.40 4.39
CA ARG A 180 -26.66 9.00 3.26
C ARG A 180 -25.34 8.45 3.81
N LEU A 181 -24.91 8.91 5.00
CA LEU A 181 -23.83 8.19 5.69
C LEU A 181 -24.23 6.75 6.05
N ILE A 182 -25.43 6.57 6.58
CA ILE A 182 -25.90 5.23 6.92
C ILE A 182 -26.10 4.37 5.67
N GLN A 183 -26.70 4.96 4.62
CA GLN A 183 -26.63 4.42 3.26
C GLN A 183 -25.25 3.88 2.89
N ARG A 184 -24.23 4.70 3.13
CA ARG A 184 -22.89 4.52 2.55
C ARG A 184 -22.00 3.55 3.30
N TYR A 185 -22.03 3.57 4.63
CA TYR A 185 -21.03 2.81 5.37
C TYR A 185 -21.60 1.69 6.21
N ALA A 186 -22.93 1.54 6.23
CA ALA A 186 -23.51 0.47 7.03
C ALA A 186 -23.25 -0.89 6.39
N PRO A 187 -23.14 -1.92 7.23
CA PRO A 187 -23.08 -3.32 6.81
C PRO A 187 -24.27 -3.65 5.90
N GLU A 188 -24.05 -4.50 4.90
CA GLU A 188 -25.05 -4.73 3.85
C GLU A 188 -26.37 -5.23 4.41
N GLU A 189 -26.31 -5.91 5.56
CA GLU A 189 -27.51 -6.38 6.25
C GLU A 189 -28.33 -5.26 6.90
N TYR A 190 -27.81 -4.02 6.92
CA TYR A 190 -28.40 -2.96 7.75
C TYR A 190 -28.64 -1.58 7.13
N LYS A 191 -28.28 -1.36 5.87
CA LYS A 191 -28.18 0.02 5.41
C LYS A 191 -29.51 0.64 4.99
N LYS A 192 -30.62 0.09 5.45
CA LYS A 192 -31.92 0.68 5.07
C LYS A 192 -32.93 0.54 6.22
N LYS A 193 -32.56 -0.23 7.25
CA LYS A 193 -33.38 -0.32 8.47
C LYS A 193 -32.52 0.14 9.65
N TRP A 194 -31.35 0.67 9.32
CA TRP A 194 -30.53 1.31 10.31
C TRP A 194 -30.52 2.81 10.00
N MET A 195 -31.34 3.21 9.04
CA MET A 195 -31.58 4.62 8.76
C MET A 195 -32.29 5.24 9.94
N VAL A 196 -32.39 6.56 9.94
CA VAL A 196 -33.10 7.23 11.02
C VAL A 196 -34.46 7.68 10.50
N LYS A 197 -35.46 7.42 11.34
CA LYS A 197 -36.84 7.48 10.96
C LYS A 197 -37.45 8.59 11.83
N VAL A 198 -37.50 9.81 11.31
CA VAL A 198 -38.10 10.90 12.09
C VAL A 198 -39.50 10.52 12.56
N GLU A 199 -40.20 9.77 11.71
CA GLU A 199 -41.59 9.41 11.96
C GLU A 199 -41.80 8.31 13.01
N ASP A 200 -40.76 7.58 13.39
CA ASP A 200 -40.95 6.52 14.38
C ASP A 200 -40.16 6.82 15.66
N GLY A 201 -39.71 8.08 15.76
CA GLY A 201 -39.04 8.60 16.94
C GLY A 201 -37.58 8.25 17.13
N SER A 202 -36.94 7.76 16.07
CA SER A 202 -35.49 7.56 16.07
C SER A 202 -34.72 8.88 15.85
N VAL A 203 -35.45 9.99 15.76
CA VAL A 203 -34.83 11.31 15.68
C VAL A 203 -35.54 12.25 16.67
N ALA A 204 -34.80 12.73 17.67
CA ALA A 204 -35.31 13.70 18.61
C ALA A 204 -34.73 15.06 18.27
N PHE A 205 -35.45 16.12 18.63
CA PHE A 205 -35.06 17.51 18.38
C PHE A 205 -35.13 18.23 19.69
N GLY A 206 -34.33 19.27 19.87
CA GLY A 206 -34.40 19.95 21.13
C GLY A 206 -33.27 20.86 21.55
N SER A 207 -33.21 21.05 22.86
CA SER A 207 -32.26 21.93 23.50
C SER A 207 -31.83 21.27 24.77
N ALA A 208 -30.52 21.12 24.91
CA ALA A 208 -29.96 20.37 26.04
C ALA A 208 -29.74 21.30 27.20
N TYR A 209 -29.58 22.58 26.90
CA TYR A 209 -29.34 23.54 27.95
C TYR A 209 -30.65 23.91 28.64
N TYR A 210 -31.74 23.84 27.89
CA TYR A 210 -33.04 24.22 28.42
C TYR A 210 -33.91 22.98 28.66
N ASN A 211 -33.23 21.84 28.82
CA ASN A 211 -33.81 20.58 29.27
C ASN A 211 -35.08 20.20 28.54
N TRP A 212 -35.11 20.40 27.24
CA TRP A 212 -36.30 20.00 26.52
C TRP A 212 -36.00 19.30 25.22
N ALA A 213 -36.88 18.39 24.86
CA ALA A 213 -36.79 17.72 23.58
C ALA A 213 -38.19 17.46 23.04
N LEU A 214 -38.25 16.83 21.89
CA LEU A 214 -39.51 16.51 21.24
C LEU A 214 -39.20 15.48 20.16
N SER A 215 -40.05 14.47 20.05
CA SER A 215 -39.96 13.45 19.01
C SER A 215 -41.38 13.18 18.65
N VAL A 216 -41.67 12.53 17.53
CA VAL A 216 -43.09 12.27 17.22
C VAL A 216 -43.79 11.31 18.23
N PRO A 217 -43.12 10.27 18.76
CA PRO A 217 -43.85 9.52 19.79
C PRO A 217 -44.27 10.37 20.98
N PHE A 218 -43.36 11.16 21.54
CA PHE A 218 -43.69 12.01 22.68
C PHE A 218 -44.85 12.95 22.34
N MET A 219 -44.95 13.40 21.09
CA MET A 219 -46.10 14.19 20.62
C MET A 219 -47.40 13.36 20.62
N LYS A 220 -47.34 12.22 19.93
CA LYS A 220 -48.35 11.15 19.98
C LYS A 220 -48.92 10.98 21.37
N ARG A 221 -48.04 10.96 22.36
CA ARG A 221 -48.40 10.57 23.71
C ARG A 221 -48.69 11.80 24.60
N THR A 222 -48.39 13.00 24.12
CA THR A 222 -48.54 14.18 24.99
C THR A 222 -49.21 15.36 24.29
N GLY A 223 -49.29 15.28 22.97
CA GLY A 223 -49.93 16.32 22.18
C GLY A 223 -49.09 17.58 22.06
N VAL A 224 -47.82 17.48 22.45
CA VAL A 224 -46.91 18.60 22.35
C VAL A 224 -46.38 18.63 20.92
N LYS A 225 -46.56 19.77 20.26
CA LYS A 225 -46.01 20.02 18.92
C LYS A 225 -45.02 21.20 18.95
N PHE A 226 -44.46 21.57 17.80
CA PHE A 226 -43.40 22.59 17.83
C PHE A 226 -43.86 23.98 18.19
N ASN A 227 -45.10 24.31 17.84
CA ASN A 227 -45.64 25.66 18.05
C ASN A 227 -45.57 26.09 19.52
N GLU A 228 -45.92 25.18 20.42
CA GLU A 228 -45.86 25.48 21.85
C GLU A 228 -44.42 25.67 22.34
N ILE A 229 -43.50 24.82 21.87
CA ILE A 229 -42.10 24.98 22.27
C ILE A 229 -41.59 26.32 21.76
N ILE A 230 -41.91 26.64 20.51
CA ILE A 230 -41.46 27.92 19.97
C ILE A 230 -42.04 29.08 20.78
N ASP A 231 -43.34 28.98 21.06
CA ASP A 231 -44.03 29.99 21.82
C ASP A 231 -43.43 30.20 23.20
N LEU A 232 -43.51 29.15 24.00
CA LEU A 232 -42.94 29.12 25.34
C LEU A 232 -41.48 29.60 25.38
N THR A 233 -40.72 29.23 24.35
CA THR A 233 -39.34 29.66 24.21
C THR A 233 -39.24 31.15 24.08
N LEU A 234 -40.12 31.67 23.23
CA LEU A 234 -40.13 33.07 22.85
C LEU A 234 -40.61 33.95 24.00
N LYS A 235 -41.44 33.38 24.87
CA LYS A 235 -41.87 34.08 26.08
C LYS A 235 -40.68 34.06 27.03
N GLY A 236 -39.84 33.04 26.90
CA GLY A 236 -38.73 32.84 27.81
C GLY A 236 -39.20 31.98 28.97
N ASP A 237 -40.36 31.36 28.80
CA ASP A 237 -40.98 30.54 29.84
C ASP A 237 -40.36 29.15 29.95
N ASN A 238 -39.08 29.13 30.32
CA ASN A 238 -38.26 27.93 30.34
C ASN A 238 -38.87 26.82 31.22
N ARG A 239 -39.23 27.13 32.47
CA ARG A 239 -39.75 26.13 33.41
C ARG A 239 -40.99 25.34 32.93
N THR A 240 -41.89 26.00 32.22
CA THR A 240 -43.02 25.28 31.64
C THR A 240 -42.52 24.26 30.65
N LEU A 241 -41.67 24.75 29.75
CA LEU A 241 -41.10 23.98 28.66
C LEU A 241 -40.37 22.73 29.19
N ARG A 242 -39.52 22.95 30.19
CA ARG A 242 -38.82 21.93 30.98
C ARG A 242 -39.68 20.71 31.27
N GLN A 243 -40.90 20.97 31.74
CA GLN A 243 -41.80 19.92 32.20
C GLN A 243 -43.07 19.78 31.36
N LYS A 244 -43.04 20.32 30.14
CA LYS A 244 -44.09 20.09 29.15
C LYS A 244 -43.59 19.17 28.06
N ALA A 245 -42.25 19.13 27.93
CA ALA A 245 -41.56 18.33 26.93
C ALA A 245 -40.11 18.04 27.39
N PRO A 246 -39.98 17.29 28.50
CA PRO A 246 -38.72 17.02 29.19
C PRO A 246 -37.69 16.22 28.38
N LEU A 247 -36.46 16.73 28.38
CA LEU A 247 -35.36 16.17 27.62
C LEU A 247 -35.18 14.68 27.80
N HIS A 248 -34.87 14.30 29.04
CA HIS A 248 -34.51 12.93 29.37
C HIS A 248 -35.64 11.99 29.05
N VAL A 249 -36.87 12.45 29.17
CA VAL A 249 -37.94 11.56 28.78
C VAL A 249 -37.86 11.30 27.27
N VAL A 250 -37.83 12.36 26.46
CA VAL A 250 -37.96 12.18 25.00
C VAL A 250 -36.80 11.36 24.46
N VAL A 251 -35.62 11.73 24.93
CA VAL A 251 -34.37 11.16 24.51
C VAL A 251 -34.20 9.69 24.96
N LEU A 252 -34.36 9.44 26.27
CA LEU A 252 -34.23 8.08 26.79
C LEU A 252 -35.30 7.17 26.19
N ASP A 253 -36.48 7.70 25.95
CA ASP A 253 -37.50 6.97 25.20
C ASP A 253 -36.99 6.54 23.86
N MET A 254 -36.40 7.47 23.12
CA MET A 254 -35.78 7.12 21.85
C MET A 254 -34.70 6.03 22.02
N VAL A 255 -33.88 6.16 23.06
CA VAL A 255 -32.85 5.18 23.36
C VAL A 255 -33.45 3.79 23.44
N VAL A 256 -34.30 3.58 24.46
CA VAL A 256 -34.95 2.29 24.70
C VAL A 256 -35.74 1.78 23.47
N ARG A 257 -36.52 2.65 22.84
CA ARG A 257 -37.35 2.23 21.72
C ARG A 257 -36.50 1.87 20.51
N HIS A 258 -35.24 2.32 20.48
CA HIS A 258 -34.46 2.10 19.26
C HIS A 258 -33.04 1.55 19.47
N LEU A 259 -32.36 1.90 20.57
CA LEU A 259 -31.03 1.32 20.82
C LEU A 259 -31.12 -0.06 21.48
N PRO A 260 -30.25 -1.00 21.08
CA PRO A 260 -30.42 -2.41 21.42
C PRO A 260 -29.84 -2.84 22.77
N SER A 261 -30.51 -3.83 23.35
CA SER A 261 -30.06 -4.53 24.54
C SER A 261 -28.71 -5.20 24.31
N PRO A 262 -27.98 -5.54 25.39
CA PRO A 262 -26.74 -6.27 25.13
C PRO A 262 -27.00 -7.58 24.42
N ILE A 263 -28.00 -8.33 24.85
CA ILE A 263 -28.31 -9.61 24.20
C ILE A 263 -28.97 -9.32 22.83
N GLU A 264 -29.66 -8.18 22.69
CA GLU A 264 -30.07 -7.68 21.38
C GLU A 264 -28.87 -7.54 20.43
N ALA A 265 -27.72 -7.16 20.99
CA ALA A 265 -26.62 -6.60 20.19
C ALA A 265 -25.50 -7.58 19.89
N GLN A 266 -25.12 -8.36 20.89
CA GLN A 266 -23.96 -9.25 20.76
C GLN A 266 -24.13 -10.32 19.69
N LYS A 267 -25.39 -10.68 19.39
CA LYS A 267 -25.79 -11.64 18.33
C LYS A 267 -25.19 -11.33 16.96
N TYR A 268 -24.83 -10.07 16.75
CA TYR A 268 -24.23 -9.66 15.51
C TYR A 268 -22.94 -8.93 15.81
N ARG A 269 -22.78 -8.51 17.07
CA ARG A 269 -21.62 -7.72 17.43
C ARG A 269 -20.37 -8.59 17.62
N ILE A 270 -20.41 -9.56 18.54
CA ILE A 270 -19.16 -10.30 18.85
C ILE A 270 -18.43 -10.95 17.66
N PRO A 271 -19.15 -11.47 16.62
CA PRO A 271 -18.36 -11.99 15.50
C PRO A 271 -17.46 -10.93 14.87
N HIS A 272 -18.07 -9.80 14.50
CA HIS A 272 -17.29 -8.70 13.96
C HIS A 272 -16.26 -8.11 14.93
N LEU A 273 -16.48 -8.30 16.23
CA LEU A 273 -15.68 -7.60 17.22
C LEU A 273 -14.26 -8.14 17.27
N TRP A 274 -14.07 -9.44 17.05
CA TRP A 274 -12.70 -10.01 16.98
C TRP A 274 -12.62 -11.42 16.35
N GLU A 275 -11.44 -11.77 15.83
CA GLU A 275 -11.19 -12.95 15.02
C GLU A 275 -11.05 -14.23 15.88
N GLY A 276 -12.15 -14.64 16.53
CA GLY A 276 -12.16 -15.87 17.32
C GLY A 276 -12.92 -16.95 16.61
N ASP A 277 -13.38 -17.96 17.35
CA ASP A 277 -14.24 -18.98 16.77
C ASP A 277 -15.51 -19.03 17.61
N ILE A 278 -16.64 -19.10 16.93
CA ILE A 278 -17.93 -18.98 17.59
C ILE A 278 -18.30 -20.32 18.20
N SER A 279 -17.73 -21.39 17.63
CA SER A 279 -18.06 -22.74 18.05
C SER A 279 -17.58 -23.08 19.48
N SER A 280 -16.64 -22.29 20.03
CA SER A 280 -16.32 -22.32 21.47
C SER A 280 -17.57 -22.41 22.33
N ASP A 281 -17.51 -23.05 23.49
CA ASP A 281 -18.64 -22.94 24.41
C ASP A 281 -18.60 -21.53 25.03
N ILE A 282 -17.43 -20.89 24.90
CA ILE A 282 -17.23 -19.48 25.24
C ILE A 282 -17.75 -18.53 24.17
N GLY A 283 -17.92 -19.08 22.96
CA GLY A 283 -18.42 -18.35 21.82
C GLY A 283 -19.88 -17.96 21.97
N GLN A 284 -20.69 -18.86 22.50
CA GLN A 284 -22.09 -18.53 22.82
C GLN A 284 -22.26 -18.28 24.31
N ALA A 285 -21.15 -18.01 24.99
CA ALA A 285 -21.17 -17.27 26.24
C ALA A 285 -21.22 -15.78 25.92
N MET A 286 -20.40 -15.41 24.93
CA MET A 286 -20.33 -14.04 24.43
C MET A 286 -21.38 -13.75 23.32
N LEU A 287 -21.84 -14.77 22.59
CA LEU A 287 -22.80 -14.59 21.46
C LEU A 287 -24.16 -14.14 21.96
N ASN A 288 -24.67 -14.86 22.95
CA ASN A 288 -25.74 -14.29 23.75
C ASN A 288 -25.06 -13.55 24.90
N CYS A 289 -25.79 -13.23 25.94
CA CYS A 289 -25.17 -12.51 27.04
C CYS A 289 -25.30 -13.44 28.26
N ASP A 290 -24.49 -14.49 28.24
CA ASP A 290 -24.58 -15.59 29.19
C ASP A 290 -23.81 -15.31 30.47
N PRO A 291 -24.52 -15.20 31.60
CA PRO A 291 -23.91 -15.01 32.91
C PRO A 291 -23.35 -16.31 33.50
N LYS A 292 -23.96 -17.44 33.17
CA LYS A 292 -23.59 -18.72 33.78
C LYS A 292 -22.50 -19.47 33.00
N GLY A 293 -22.16 -18.96 31.82
CA GLY A 293 -20.92 -19.27 31.14
C GLY A 293 -19.68 -18.79 31.88
N LYS A 294 -18.51 -19.11 31.32
CA LYS A 294 -17.23 -18.53 31.71
C LYS A 294 -17.25 -16.99 31.68
N MET A 295 -16.65 -16.30 32.66
CA MET A 295 -16.72 -14.85 32.54
C MET A 295 -15.69 -14.38 31.51
N VAL A 296 -15.99 -13.26 30.87
CA VAL A 296 -15.13 -12.58 29.89
C VAL A 296 -15.47 -11.12 29.97
N MET A 297 -14.47 -10.27 30.19
CA MET A 297 -14.70 -8.83 30.23
C MET A 297 -13.57 -8.07 29.55
N VAL A 298 -13.77 -6.78 29.30
CA VAL A 298 -12.74 -5.89 28.75
C VAL A 298 -12.71 -4.58 29.56
N VAL A 299 -11.53 -4.00 29.74
CA VAL A 299 -11.43 -2.74 30.46
C VAL A 299 -11.55 -1.59 29.46
N THR A 300 -12.42 -0.63 29.77
CA THR A 300 -12.66 0.52 28.90
C THR A 300 -11.71 1.66 29.25
N LYS A 301 -11.56 1.94 30.55
CA LYS A 301 -10.66 3.01 30.99
C LYS A 301 -10.22 2.84 32.44
N ILE A 302 -9.20 3.60 32.85
CA ILE A 302 -8.58 3.46 34.16
C ILE A 302 -8.46 4.80 34.91
N ILE A 303 -8.55 4.74 36.23
CA ILE A 303 -8.53 5.90 37.12
C ILE A 303 -7.40 5.80 38.15
N GLY A 309 -7.31 3.72 45.23
CA GLY A 309 -7.15 4.83 44.29
C GLY A 309 -7.22 4.36 42.85
N GLU A 310 -6.45 3.32 42.53
CA GLU A 310 -6.50 2.66 41.23
C GLU A 310 -7.90 2.04 41.05
N VAL A 311 -8.62 2.47 40.01
CA VAL A 311 -9.96 1.90 39.73
C VAL A 311 -10.17 1.70 38.22
N ALA A 312 -10.44 0.45 37.83
CA ALA A 312 -10.65 0.13 36.41
C ALA A 312 -12.13 0.01 36.08
N THR A 313 -12.55 0.70 35.03
CA THR A 313 -13.92 0.60 34.56
C THR A 313 -13.93 -0.18 33.25
N GLY A 314 -14.84 -1.14 33.15
CA GLY A 314 -14.90 -2.00 31.98
C GLY A 314 -16.24 -2.70 31.83
N ARG A 315 -16.39 -3.45 30.74
CA ARG A 315 -17.66 -4.11 30.41
C ARG A 315 -17.57 -5.62 30.48
N VAL A 316 -18.58 -6.24 31.09
CA VAL A 316 -18.61 -7.70 31.24
C VAL A 316 -19.36 -8.39 30.08
N TRP A 317 -18.62 -9.17 29.29
CA TRP A 317 -19.19 -9.78 28.08
C TRP A 317 -19.93 -11.08 28.38
N SER A 318 -19.35 -11.86 29.29
CA SER A 318 -19.96 -13.15 29.65
C SER A 318 -19.64 -13.41 31.11
N GLY A 319 -20.45 -14.22 31.77
CA GLY A 319 -20.12 -14.68 33.10
C GLY A 319 -20.46 -13.71 34.21
N THR A 320 -19.72 -13.81 35.31
CA THR A 320 -20.00 -13.00 36.48
C THR A 320 -18.73 -12.86 37.31
N VAL A 321 -18.30 -11.64 37.55
CA VAL A 321 -17.18 -11.46 38.47
C VAL A 321 -17.68 -11.33 39.93
N LYS A 322 -16.85 -11.74 40.88
CA LYS A 322 -17.01 -11.36 42.28
C LYS A 322 -15.60 -11.14 42.80
N SER A 323 -15.45 -10.54 43.97
CA SER A 323 -14.11 -10.21 44.46
C SER A 323 -13.40 -11.50 44.83
N GLY A 324 -12.13 -11.60 44.43
CA GLY A 324 -11.30 -12.75 44.72
C GLY A 324 -11.39 -14.05 43.96
N GLN A 325 -11.73 -14.08 42.68
CA GLN A 325 -11.69 -15.40 42.06
C GLN A 325 -10.26 -15.55 41.55
N GLU A 326 -10.13 -15.59 40.22
CA GLU A 326 -8.83 -15.57 39.53
C GLU A 326 -8.98 -15.12 38.08
N VAL A 327 -8.05 -14.27 37.63
CA VAL A 327 -8.11 -13.75 36.26
C VAL A 327 -6.73 -13.63 35.62
N TYR A 328 -6.65 -14.24 34.46
CA TYR A 328 -5.51 -14.11 33.58
C TYR A 328 -5.72 -12.91 32.63
N LEU A 329 -4.81 -11.94 32.68
CA LEU A 329 -4.84 -10.78 31.78
C LEU A 329 -4.19 -11.26 30.51
N ILE A 330 -5.03 -11.53 29.51
CA ILE A 330 -4.64 -12.36 28.36
C ILE A 330 -3.28 -12.03 27.69
N ASN A 331 -2.90 -10.75 27.60
CA ASN A 331 -1.57 -10.37 27.07
C ASN A 331 -0.84 -9.22 27.79
N THR A 332 -1.04 -9.06 29.09
CA THR A 332 -0.21 -8.14 29.86
C THR A 332 0.78 -8.85 30.79
N LYS A 333 1.25 -10.02 30.34
CA LYS A 333 2.41 -10.71 30.94
C LYS A 333 2.10 -11.35 32.29
N ARG A 334 1.31 -10.66 33.13
CA ARG A 334 1.06 -11.09 34.50
C ARG A 334 -0.36 -11.59 34.56
N LYS A 335 -0.84 -11.87 35.77
CA LYS A 335 -2.19 -12.37 36.00
C LYS A 335 -2.51 -11.99 37.44
N ALA A 336 -3.77 -11.80 37.77
CA ALA A 336 -4.07 -11.22 39.05
C ALA A 336 -5.48 -11.52 39.55
N ARG A 337 -5.82 -10.80 40.62
CA ARG A 337 -7.18 -10.75 41.12
C ARG A 337 -7.55 -9.52 41.95
N ILE A 338 -8.86 -9.34 42.01
CA ILE A 338 -9.54 -8.09 42.30
C ILE A 338 -9.72 -7.84 43.79
N GLN A 339 -9.47 -6.64 44.33
CA GLN A 339 -9.69 -6.38 45.78
C GLN A 339 -11.13 -5.87 46.06
N GLN A 340 -11.61 -4.88 45.30
CA GLN A 340 -13.07 -4.59 45.29
C GLN A 340 -13.71 -4.63 43.90
N VAL A 341 -14.91 -5.19 43.88
CA VAL A 341 -15.80 -5.12 42.74
C VAL A 341 -16.96 -4.17 43.11
N GLY A 342 -17.50 -3.53 42.07
CA GLY A 342 -18.53 -2.52 42.21
C GLY A 342 -19.22 -2.09 40.92
N ILE A 343 -20.30 -1.31 41.05
CA ILE A 343 -21.06 -0.83 39.88
C ILE A 343 -21.32 0.68 40.04
N TYR A 344 -21.95 1.29 39.03
CA TYR A 344 -22.17 2.73 39.04
C TYR A 344 -23.63 3.09 39.27
N MET A 345 -23.85 3.97 40.25
CA MET A 345 -25.18 4.54 40.45
C MET A 345 -25.10 6.04 40.26
N GLY A 346 -25.80 6.53 39.23
CA GLY A 346 -25.61 7.89 38.78
C GLY A 346 -24.15 8.05 38.42
N PRO A 347 -23.53 9.10 38.97
CA PRO A 347 -22.11 9.42 38.80
C PRO A 347 -21.25 8.77 39.88
N GLU A 348 -21.91 8.13 40.85
CA GLU A 348 -21.26 7.70 42.07
C GLU A 348 -20.82 6.24 42.00
N ARG A 349 -19.60 6.01 42.51
CA ARG A 349 -19.00 4.68 42.60
C ARG A 349 -19.56 3.89 43.79
N ILE A 350 -20.28 2.81 43.52
CA ILE A 350 -20.95 2.10 44.61
C ILE A 350 -20.43 0.68 44.60
N ASN A 351 -20.39 0.03 45.76
CA ASN A 351 -19.82 -1.31 45.80
C ASN A 351 -20.89 -2.42 45.93
N MET A 352 -20.72 -3.44 45.09
CA MET A 352 -21.52 -4.67 45.15
C MET A 352 -20.55 -5.84 44.93
N GLU A 353 -21.07 -7.04 44.71
CA GLU A 353 -20.22 -8.22 44.54
C GLU A 353 -20.39 -8.98 43.20
N ALA A 354 -21.51 -9.69 43.05
CA ALA A 354 -21.73 -10.48 41.83
C ALA A 354 -22.53 -9.72 40.77
N VAL A 355 -21.89 -9.51 39.62
CA VAL A 355 -22.52 -8.86 38.48
C VAL A 355 -22.46 -9.74 37.23
N PRO A 356 -23.62 -9.98 36.59
CA PRO A 356 -23.68 -10.82 35.39
C PRO A 356 -23.13 -10.16 34.12
N ALA A 357 -23.37 -10.79 32.97
CA ALA A 357 -22.89 -10.28 31.71
C ALA A 357 -23.79 -9.17 31.20
N GLY A 358 -23.27 -8.35 30.28
CA GLY A 358 -24.03 -7.26 29.70
C GLY A 358 -24.06 -5.98 30.51
N ASN A 359 -23.28 -5.94 31.58
CA ASN A 359 -23.23 -4.78 32.45
C ASN A 359 -21.87 -4.09 32.46
N ILE A 360 -21.85 -2.93 33.11
CA ILE A 360 -20.61 -2.18 33.25
C ILE A 360 -20.16 -2.16 34.70
N VAL A 361 -18.89 -2.50 34.91
CA VAL A 361 -18.39 -2.75 36.25
C VAL A 361 -17.12 -1.93 36.51
N ALA A 362 -16.92 -1.60 37.78
CA ALA A 362 -15.67 -1.03 38.25
C ALA A 362 -14.99 -2.04 39.18
N VAL A 363 -13.69 -2.25 38.99
CA VAL A 363 -12.91 -3.25 39.72
C VAL A 363 -11.65 -2.57 40.24
N THR A 364 -11.04 -3.08 41.31
CA THR A 364 -9.74 -2.55 41.72
C THR A 364 -8.74 -3.68 41.95
N GLY A 365 -7.46 -3.34 42.16
CA GLY A 365 -6.45 -4.36 42.34
C GLY A 365 -5.75 -4.79 41.07
N LEU A 366 -6.13 -4.21 39.95
CA LEU A 366 -5.63 -4.65 38.64
C LEU A 366 -4.38 -3.88 38.22
N ARG A 367 -3.25 -4.32 38.78
CA ARG A 367 -1.90 -3.79 38.58
C ARG A 367 -1.56 -3.13 37.24
N ASP A 368 -1.38 -3.95 36.19
CA ASP A 368 -0.83 -3.46 34.94
C ASP A 368 -1.80 -3.58 33.77
N ALA A 369 -3.10 -3.59 34.06
CA ALA A 369 -4.06 -3.60 32.97
C ALA A 369 -4.02 -2.28 32.17
N MET A 370 -4.12 -2.41 30.85
CA MET A 370 -4.10 -1.27 29.93
C MET A 370 -5.53 -0.80 29.65
N ALA A 371 -5.70 0.21 28.80
CA ALA A 371 -7.04 0.51 28.33
C ALA A 371 -7.27 -0.43 27.17
N GLY A 372 -8.33 -1.24 27.24
CA GLY A 372 -8.53 -2.26 26.23
C GLY A 372 -8.15 -3.66 26.69
N GLU A 373 -7.94 -3.85 27.98
CA GLU A 373 -7.42 -5.14 28.42
C GLU A 373 -8.50 -6.21 28.49
N THR A 374 -8.29 -7.27 27.72
CA THR A 374 -9.14 -8.45 27.74
C THR A 374 -8.85 -9.29 28.98
N VAL A 375 -9.81 -9.35 29.90
CA VAL A 375 -9.61 -10.11 31.12
C VAL A 375 -10.63 -11.26 31.17
N ALA A 376 -10.11 -12.48 31.14
CA ALA A 376 -10.92 -13.69 31.14
C ALA A 376 -10.07 -14.88 31.60
N GLU A 377 -10.68 -15.93 32.13
CA GLU A 377 -9.87 -17.12 32.41
C GLU A 377 -10.38 -18.45 31.80
N GLU A 378 -10.54 -18.48 30.47
CA GLU A 378 -10.00 -19.59 29.71
C GLU A 378 -9.04 -18.75 28.85
N GLN A 379 -7.80 -19.17 28.67
CA GLN A 379 -6.93 -18.33 27.86
C GLN A 379 -7.27 -18.47 26.36
N ILE A 380 -7.74 -17.35 25.80
CA ILE A 380 -7.91 -17.20 24.35
C ILE A 380 -7.13 -15.97 23.98
N GLU A 381 -7.34 -15.48 22.76
CA GLU A 381 -6.56 -14.35 22.26
C GLU A 381 -7.52 -13.16 22.40
N PRO A 382 -6.99 -11.96 22.70
CA PRO A 382 -7.82 -10.79 23.03
C PRO A 382 -8.56 -10.21 21.82
N PHE A 383 -9.43 -9.21 22.06
CA PHE A 383 -10.29 -8.69 20.99
C PHE A 383 -9.60 -7.69 20.04
N GLU A 384 -8.53 -7.05 20.49
CA GLU A 384 -7.73 -6.18 19.62
C GLU A 384 -6.24 -6.53 19.75
N ALA A 385 -5.41 -5.97 18.88
CA ALA A 385 -4.02 -6.42 18.72
C ALA A 385 -3.16 -6.18 19.96
N LEU A 386 -2.14 -7.04 20.10
CA LEU A 386 -1.16 -6.94 21.17
C LEU A 386 -0.40 -5.62 21.02
N HIS A 387 -0.54 -4.74 22.01
CA HIS A 387 0.01 -3.39 21.85
C HIS A 387 1.40 -3.31 22.51
N TYR A 388 2.33 -2.75 21.75
CA TYR A 388 3.72 -2.69 22.17
C TYR A 388 3.74 -1.66 23.28
N VAL A 389 4.55 -1.86 24.31
CA VAL A 389 4.37 -1.03 25.51
C VAL A 389 5.17 0.23 25.31
N SER A 390 6.22 0.10 24.51
CA SER A 390 6.93 1.22 23.93
C SER A 390 7.64 2.11 24.93
N GLU A 391 8.57 2.85 24.36
CA GLU A 391 9.41 3.78 25.06
C GLU A 391 9.13 5.17 24.53
N PRO A 392 9.34 6.21 25.35
CA PRO A 392 9.14 7.55 24.80
C PRO A 392 10.18 7.86 23.68
N VAL A 393 9.71 8.54 22.63
CA VAL A 393 10.54 8.85 21.45
C VAL A 393 10.60 10.32 20.98
N VAL A 394 9.79 11.22 21.55
CA VAL A 394 9.86 12.64 21.14
C VAL A 394 9.89 13.58 22.34
N THR A 395 10.56 14.73 22.18
CA THR A 395 10.81 15.62 23.31
C THR A 395 10.67 17.10 22.98
N VAL A 396 10.10 17.85 23.92
CA VAL A 396 10.06 19.30 23.81
C VAL A 396 10.42 19.95 25.13
N ALA A 397 10.97 21.16 25.04
CA ALA A 397 11.39 21.95 26.18
C ALA A 397 10.31 22.99 26.45
N ILE A 398 10.06 23.25 27.72
CA ILE A 398 8.94 24.10 28.14
C ILE A 398 9.34 25.22 29.13
N GLU A 399 8.76 26.40 28.98
CA GLU A 399 9.09 27.53 29.85
C GLU A 399 7.82 28.28 30.22
N ALA A 400 7.62 28.45 31.53
CA ALA A 400 6.49 29.22 32.04
C ALA A 400 6.63 30.70 31.68
N LYS A 401 5.52 31.31 31.29
CA LYS A 401 5.42 32.75 30.93
C LYS A 401 5.51 33.63 32.17
N ASN A 402 4.89 33.13 33.23
CA ASN A 402 4.70 33.84 34.48
C ASN A 402 5.51 33.27 35.63
N VAL A 403 6.40 34.12 36.16
CA VAL A 403 7.37 33.77 37.20
C VAL A 403 6.75 33.06 38.37
N LYS A 404 5.50 33.39 38.66
CA LYS A 404 4.81 32.90 39.86
C LYS A 404 4.29 31.45 39.70
N ASP A 405 4.40 30.87 38.51
CA ASP A 405 4.00 29.46 38.33
C ASP A 405 5.18 28.51 38.49
N LEU A 406 6.26 29.04 39.08
CA LEU A 406 7.47 28.29 39.37
C LEU A 406 7.34 27.06 40.33
N PRO A 407 6.54 27.16 41.41
CA PRO A 407 6.89 26.30 42.55
C PRO A 407 6.77 24.79 42.40
N ARG A 408 5.66 24.26 41.90
CA ARG A 408 5.59 22.82 41.73
C ARG A 408 4.81 22.38 40.49
N LEU A 409 5.13 23.05 39.38
CA LEU A 409 4.72 22.59 38.07
C LEU A 409 5.18 21.14 37.92
N ILE A 410 6.40 20.88 38.42
CA ILE A 410 7.09 19.58 38.32
C ILE A 410 6.29 18.36 38.78
N GLU A 411 5.40 18.55 39.74
CA GLU A 411 4.70 17.39 40.26
C GLU A 411 3.32 17.35 39.68
N ALA A 412 2.87 18.48 39.11
CA ALA A 412 1.69 18.45 38.27
C ALA A 412 2.01 17.58 37.06
N LEU A 413 3.11 17.95 36.41
CA LEU A 413 3.52 17.30 35.19
C LEU A 413 3.92 15.88 35.54
N ARG A 414 4.33 15.64 36.79
CA ARG A 414 4.64 14.25 37.10
C ARG A 414 3.38 13.48 37.54
N GLN A 415 2.31 14.18 37.97
CA GLN A 415 0.99 13.54 38.07
C GLN A 415 0.72 12.92 36.72
N LEU A 416 0.87 13.70 35.65
CA LEU A 416 0.59 13.08 34.35
C LEU A 416 1.69 12.15 33.88
N ALA A 417 2.89 12.28 34.44
CA ALA A 417 4.02 11.40 34.10
C ALA A 417 3.76 9.98 34.61
N LYS A 418 2.99 9.85 35.69
CA LYS A 418 2.57 8.50 36.07
C LYS A 418 1.08 8.21 35.69
N GLU A 419 0.36 9.23 35.22
CA GLU A 419 -0.99 9.04 34.68
C GLU A 419 -0.84 8.33 33.35
N ASP A 420 0.19 8.73 32.62
CA ASP A 420 0.52 8.16 31.33
C ASP A 420 1.97 7.70 31.50
N PRO A 421 2.18 6.38 31.57
CA PRO A 421 3.45 5.70 31.86
C PRO A 421 4.55 5.97 30.84
N THR A 422 4.13 6.32 29.62
CA THR A 422 5.06 6.59 28.53
C THR A 422 5.84 7.91 28.68
N LEU A 423 5.46 8.77 29.64
CA LEU A 423 6.10 10.09 29.77
C LEU A 423 7.25 10.11 30.78
N HIS A 424 8.32 10.84 30.44
CA HIS A 424 9.49 11.01 31.30
C HIS A 424 9.86 12.49 31.27
N VAL A 425 10.31 13.04 32.40
CA VAL A 425 10.78 14.45 32.47
C VAL A 425 11.99 14.64 33.41
N LYS A 426 12.78 15.71 33.22
CA LYS A 426 13.86 15.96 34.17
C LYS A 426 13.29 16.72 35.36
N ILE A 427 13.35 16.05 36.51
CA ILE A 427 12.78 16.54 37.76
C ILE A 427 13.73 17.47 38.54
N ASP A 428 13.14 18.54 39.07
CA ASP A 428 13.75 19.44 40.06
C ASP A 428 14.74 20.42 39.41
N GLU A 429 15.50 21.13 40.26
CA GLU A 429 16.42 22.24 39.91
C GLU A 429 15.85 23.21 38.89
N GLU A 430 16.71 24.04 38.34
CA GLU A 430 16.27 24.99 37.32
C GLU A 430 17.18 24.81 36.10
N THR A 431 16.64 24.22 35.04
CA THR A 431 17.40 24.00 33.81
C THR A 431 16.92 24.93 32.70
N GLY A 432 15.64 25.22 32.65
CA GLY A 432 15.13 26.09 31.60
C GLY A 432 13.75 25.97 30.93
N GLN A 433 12.77 25.24 31.46
CA GLN A 433 12.91 24.24 32.50
C GLN A 433 12.14 22.96 32.09
N HIS A 434 12.83 21.80 32.21
CA HIS A 434 12.30 20.45 31.89
C HIS A 434 12.12 20.11 30.41
N LEU A 435 12.35 18.83 30.15
CA LEU A 435 12.10 18.23 28.86
C LEU A 435 10.93 17.24 29.04
N LEU A 436 9.89 17.41 28.21
CA LEU A 436 8.78 16.49 28.20
C LEU A 436 8.95 15.52 27.06
N SER A 437 9.00 14.24 27.42
CA SER A 437 9.23 13.16 26.46
C SER A 437 8.09 12.17 26.46
N GLY A 438 7.54 11.95 25.26
CA GLY A 438 6.41 11.07 25.09
C GLY A 438 6.43 10.38 23.74
N MET A 439 5.23 10.03 23.27
CA MET A 439 5.04 9.17 22.11
C MET A 439 4.88 9.84 20.76
N GLY A 440 4.58 11.14 20.75
CA GLY A 440 4.38 11.84 19.50
C GLY A 440 4.00 13.28 19.73
N GLU A 441 3.89 14.04 18.65
CA GLU A 441 3.49 15.44 18.73
C GLU A 441 2.14 15.71 19.44
N LEU A 442 1.06 15.07 18.99
CA LEU A 442 -0.28 15.31 19.55
C LEU A 442 -0.36 14.86 20.99
N HIS A 443 0.30 13.74 21.26
CA HIS A 443 0.38 13.18 22.58
C HIS A 443 0.79 14.25 23.58
N LEU A 444 1.92 14.87 23.28
CA LEU A 444 2.47 15.93 24.08
C LEU A 444 1.63 17.22 24.06
N GLU A 445 1.08 17.59 22.90
CA GLU A 445 0.42 18.90 22.81
C GLU A 445 -0.97 18.90 23.50
N VAL A 446 -1.52 17.70 23.67
CA VAL A 446 -2.65 17.47 24.58
C VAL A 446 -2.30 17.97 25.97
N LYS A 447 -1.14 17.50 26.42
CA LYS A 447 -0.60 17.81 27.73
C LYS A 447 -0.34 19.32 27.83
N LEU A 448 0.10 19.92 26.72
CA LEU A 448 0.22 21.39 26.58
C LEU A 448 -1.13 22.10 26.84
N TYR A 449 -2.21 21.48 26.37
CA TYR A 449 -3.47 22.15 26.54
C TYR A 449 -4.07 21.61 27.87
N LYS A 450 -3.28 20.85 28.62
CA LYS A 450 -3.50 20.83 30.06
C LYS A 450 -2.77 22.00 30.68
N LEU A 451 -1.67 22.41 30.06
CA LEU A 451 -0.85 23.49 30.64
C LEU A 451 -1.72 24.74 30.68
N LYS A 452 -2.64 24.91 29.72
CA LYS A 452 -3.81 25.76 30.09
C LYS A 452 -5.07 25.61 29.24
N LYS A 453 -5.77 24.50 29.44
CA LYS A 453 -7.21 24.57 29.51
C LYS A 453 -7.55 24.45 31.00
N ASP A 454 -6.65 23.78 31.73
CA ASP A 454 -6.94 23.31 33.07
C ASP A 454 -6.16 23.99 34.23
N TRP A 455 -4.89 24.31 34.03
CA TRP A 455 -4.07 24.76 35.15
C TRP A 455 -3.73 26.25 35.24
N GLY A 456 -3.74 26.97 34.12
CA GLY A 456 -3.63 28.41 34.18
C GLY A 456 -2.43 29.10 33.55
N ILE A 457 -1.78 28.45 32.59
CA ILE A 457 -0.56 28.99 32.01
C ILE A 457 -0.52 28.87 30.48
N ASP A 458 -0.49 30.00 29.78
CA ASP A 458 -0.26 30.00 28.33
C ASP A 458 1.23 29.76 28.17
N ILE A 459 1.64 28.94 27.21
CA ILE A 459 3.00 28.42 27.34
C ILE A 459 3.83 28.54 26.06
N GLU A 460 5.14 28.60 26.25
CA GLU A 460 6.04 28.60 25.12
C GLU A 460 6.76 27.25 25.13
N VAL A 461 6.64 26.56 24.02
CA VAL A 461 7.21 25.24 23.86
C VAL A 461 8.27 25.27 22.78
N SER A 462 9.34 24.55 23.05
CA SER A 462 10.41 24.43 22.08
C SER A 462 9.88 23.68 20.89
N GLU A 463 10.65 23.74 19.81
CA GLU A 463 10.43 22.86 18.69
C GLU A 463 10.52 21.42 19.21
N PRO A 464 9.93 20.46 18.50
CA PRO A 464 10.14 19.10 18.99
C PRO A 464 11.43 18.43 18.47
N ILE A 465 12.03 17.57 19.29
CA ILE A 465 13.21 16.82 18.87
C ILE A 465 12.93 15.33 18.95
N VAL A 466 13.51 14.62 18.01
CA VAL A 466 13.35 13.19 17.90
C VAL A 466 14.43 12.46 18.70
N VAL A 467 14.02 11.62 19.63
CA VAL A 467 14.95 10.81 20.38
C VAL A 467 15.54 9.80 19.44
N TYR A 468 16.82 9.98 19.10
CA TYR A 468 17.51 9.04 18.23
C TYR A 468 18.23 8.03 19.14
N ARG A 469 18.83 7.01 18.53
CA ARG A 469 19.65 6.03 19.26
C ARG A 469 20.90 5.60 18.49
N GLU A 470 21.87 4.96 19.15
CA GLU A 470 23.11 4.55 18.44
C GLU A 470 23.29 3.03 18.49
N SER A 471 23.91 2.45 17.46
CA SER A 471 24.20 1.01 17.46
C SER A 471 25.38 0.61 16.57
N ILE A 472 25.62 -0.67 16.39
CA ILE A 472 26.73 -1.07 15.50
C ILE A 472 26.19 -1.99 14.43
N THR A 473 27.00 -2.21 13.39
CA THR A 473 26.58 -3.02 12.27
C THR A 473 27.38 -4.33 12.24
N LYS A 474 28.64 -4.32 12.66
CA LYS A 474 29.43 -5.55 12.61
C LYS A 474 30.12 -5.82 13.96
N SER A 475 30.66 -7.02 14.13
CA SER A 475 31.37 -7.39 15.37
C SER A 475 32.74 -6.72 15.44
N SER A 476 33.23 -6.40 16.63
CA SER A 476 34.50 -5.67 16.74
C SER A 476 35.67 -6.59 16.93
N PRO A 477 36.87 -6.07 16.63
CA PRO A 477 38.01 -6.77 17.16
C PRO A 477 38.01 -6.57 18.65
N MET A 478 38.88 -7.26 19.36
CA MET A 478 38.94 -7.13 20.81
C MET A 478 39.59 -5.79 21.18
N VAL A 479 39.11 -5.23 22.28
CA VAL A 479 39.52 -3.91 22.73
C VAL A 479 39.87 -4.03 24.21
N GLU A 480 40.86 -3.25 24.63
CA GLU A 480 41.32 -3.30 26.00
C GLU A 480 40.89 -2.04 26.73
N GLY A 481 40.52 -2.20 28.00
CA GLY A 481 40.18 -1.07 28.86
C GLY A 481 41.11 -1.04 30.05
N LYS A 482 42.06 -0.11 30.05
CA LYS A 482 42.93 0.09 31.20
C LYS A 482 42.34 1.11 32.17
N SER A 483 42.39 0.86 33.48
CA SER A 483 42.04 1.92 34.42
C SER A 483 43.16 2.98 34.47
N PRO A 484 42.86 4.18 34.97
CA PRO A 484 43.94 5.17 35.05
C PRO A 484 45.12 4.69 35.87
N ASN A 485 44.93 3.99 36.98
CA ASN A 485 46.10 3.56 37.73
C ASN A 485 46.82 2.37 37.10
N ARG A 486 46.38 1.94 35.91
CA ARG A 486 46.99 0.84 35.12
C ARG A 486 46.91 -0.53 35.78
N HIS A 487 46.17 -0.64 36.87
CA HIS A 487 46.10 -1.87 37.65
C HIS A 487 44.97 -2.84 37.26
N ASN A 488 43.92 -2.33 36.66
CA ASN A 488 42.81 -3.18 36.23
C ASN A 488 42.68 -3.12 34.71
N ARG A 489 42.54 -4.25 34.05
CA ARG A 489 42.36 -4.27 32.60
C ARG A 489 41.19 -5.12 32.13
N PHE A 490 40.54 -4.74 31.03
CA PHE A 490 39.36 -5.50 30.62
C PHE A 490 39.33 -5.72 29.13
N TYR A 491 39.22 -6.97 28.76
CA TYR A 491 39.29 -7.33 27.37
C TYR A 491 37.91 -7.73 26.92
N ILE A 492 37.39 -6.90 26.01
CA ILE A 492 36.03 -7.04 25.49
C ILE A 492 35.94 -7.05 23.97
N VAL A 493 34.79 -7.52 23.50
CA VAL A 493 34.33 -7.26 22.15
C VAL A 493 32.85 -6.84 22.26
N VAL A 494 32.41 -6.04 21.28
CA VAL A 494 31.00 -5.73 21.14
C VAL A 494 30.48 -6.30 19.82
N GLU A 495 29.24 -6.74 19.86
CA GLU A 495 28.62 -7.45 18.74
C GLU A 495 27.21 -6.92 18.50
N PRO A 496 26.82 -6.75 17.23
CA PRO A 496 25.48 -6.31 16.90
C PRO A 496 24.46 -7.29 17.39
N MET A 497 23.37 -6.86 18.00
CA MET A 497 22.40 -7.80 18.55
C MET A 497 21.42 -8.25 17.50
N PRO A 498 21.28 -9.57 17.35
CA PRO A 498 20.30 -10.22 16.47
C PRO A 498 18.89 -9.75 16.79
N ASP A 499 18.13 -9.42 15.75
CA ASP A 499 16.83 -8.75 15.97
C ASP A 499 15.83 -9.63 16.69
N GLU A 500 16.05 -10.93 16.63
CA GLU A 500 15.19 -11.89 17.33
C GLU A 500 15.35 -11.75 18.84
N ILE A 501 16.61 -11.66 19.26
CA ILE A 501 16.91 -11.56 20.67
C ILE A 501 16.51 -10.18 21.16
N TYR A 502 16.76 -9.14 20.34
CA TYR A 502 16.37 -7.78 20.69
C TYR A 502 14.87 -7.71 20.91
N ASN A 503 14.13 -8.20 19.91
CA ASN A 503 12.67 -8.31 20.04
C ASN A 503 12.35 -9.03 21.34
N ALA A 504 12.91 -10.21 21.53
CA ALA A 504 12.75 -10.97 22.78
C ALA A 504 12.91 -10.12 24.04
N ILE A 505 13.89 -9.23 24.07
CA ILE A 505 14.10 -8.39 25.23
C ILE A 505 13.01 -7.34 25.40
N LYS A 506 12.62 -6.71 24.29
CA LYS A 506 11.69 -5.62 24.45
C LYS A 506 10.19 -5.98 24.45
N GLU A 507 9.78 -7.11 23.89
CA GLU A 507 8.37 -7.48 24.02
C GLU A 507 8.16 -8.24 25.32
N GLY A 508 9.23 -8.36 26.10
CA GLY A 508 9.21 -8.86 27.47
C GLY A 508 9.60 -10.32 27.72
N ILE A 509 9.76 -11.08 26.64
CA ILE A 509 10.14 -12.50 26.70
C ILE A 509 11.42 -12.69 27.56
N ILE A 510 12.42 -11.84 27.30
CA ILE A 510 13.61 -11.70 28.15
C ILE A 510 13.51 -10.39 28.97
N PRO A 511 13.89 -10.42 30.26
CA PRO A 511 13.65 -9.22 31.07
C PRO A 511 14.82 -8.26 31.19
N GLU A 512 14.47 -6.99 31.32
CA GLU A 512 15.42 -5.94 31.57
C GLU A 512 15.97 -6.15 32.97
N GLY A 513 17.01 -5.41 33.31
CA GLY A 513 17.63 -5.46 34.63
C GLY A 513 18.73 -6.49 34.72
N ARG A 514 19.38 -6.51 35.88
CA ARG A 514 20.39 -7.49 36.21
C ARG A 514 19.78 -8.87 36.17
N VAL A 515 20.47 -9.86 35.63
CA VAL A 515 19.83 -11.16 35.50
C VAL A 515 19.77 -11.88 36.86
N LYS A 516 18.54 -12.23 37.25
CA LYS A 516 18.22 -12.85 38.55
C LYS A 516 18.16 -14.38 38.45
N ASN A 517 18.40 -14.91 37.24
CA ASN A 517 18.31 -16.34 36.99
C ASN A 517 19.03 -16.68 35.70
N PRO A 518 20.38 -16.68 35.72
CA PRO A 518 21.20 -16.88 34.53
C PRO A 518 20.93 -18.18 33.81
N LYS A 519 20.81 -19.28 34.55
CA LYS A 519 20.64 -20.58 33.95
C LYS A 519 19.39 -20.65 33.08
N GLU A 520 18.32 -20.00 33.52
CA GLU A 520 17.04 -20.02 32.83
C GLU A 520 17.03 -19.06 31.64
N VAL A 521 17.62 -17.90 31.85
CA VAL A 521 17.71 -16.87 30.82
C VAL A 521 18.56 -17.38 29.64
N ALA A 522 19.71 -17.96 29.98
CA ALA A 522 20.65 -18.46 28.99
C ALA A 522 20.01 -19.41 28.00
N LYS A 523 19.09 -20.24 28.50
CA LYS A 523 18.36 -21.17 27.65
C LYS A 523 17.51 -20.41 26.66
N LYS A 524 16.89 -19.33 27.12
CA LYS A 524 15.97 -18.61 26.25
C LYS A 524 16.74 -17.81 25.23
N LEU A 525 18.00 -17.50 25.53
CA LEU A 525 18.90 -16.95 24.51
C LEU A 525 19.36 -18.01 23.56
N ALA A 526 19.52 -19.23 24.07
CA ALA A 526 19.99 -20.33 23.26
C ALA A 526 18.89 -20.80 22.34
N GLU A 527 17.64 -20.41 22.62
CA GLU A 527 16.53 -20.78 21.73
C GLU A 527 16.63 -19.99 20.44
N LEU A 528 16.92 -18.70 20.56
CA LEU A 528 17.27 -17.90 19.40
C LEU A 528 18.69 -18.27 19.04
N GLY A 529 19.12 -18.00 17.81
CA GLY A 529 20.44 -18.49 17.37
C GLY A 529 21.67 -18.05 18.15
N MET A 530 21.69 -18.26 19.47
CA MET A 530 22.89 -17.96 20.25
C MET A 530 23.55 -19.15 20.95
N ASP A 531 24.88 -19.14 20.95
CA ASP A 531 25.68 -20.15 21.60
C ASP A 531 25.40 -20.24 23.09
N TYR A 532 24.95 -21.41 23.55
CA TYR A 532 24.66 -21.58 24.97
C TYR A 532 25.87 -21.29 25.86
N GLU A 533 27.07 -21.68 25.43
CA GLU A 533 28.26 -21.49 26.27
C GLU A 533 28.74 -20.05 26.24
N ILE A 534 28.01 -19.20 25.54
CA ILE A 534 28.23 -17.77 25.62
C ILE A 534 27.06 -17.23 26.43
N ALA A 535 25.87 -17.70 26.11
CA ALA A 535 24.66 -17.23 26.76
C ALA A 535 24.66 -17.48 28.26
N ARG A 536 25.48 -18.40 28.73
CA ARG A 536 25.38 -18.76 30.14
C ARG A 536 26.12 -17.71 30.95
N GLY A 537 27.08 -17.02 30.34
CA GLY A 537 27.76 -15.95 31.06
C GLY A 537 27.04 -14.60 31.09
N ILE A 538 25.72 -14.64 30.85
CA ILE A 538 24.90 -13.43 30.83
C ILE A 538 24.84 -12.79 32.23
N VAL A 539 24.97 -11.48 32.28
CA VAL A 539 25.04 -10.80 33.55
C VAL A 539 23.99 -9.69 33.64
N ASP A 540 23.83 -8.94 32.56
CA ASP A 540 22.92 -7.82 32.64
C ASP A 540 22.17 -7.50 31.36
N ILE A 541 20.92 -7.10 31.53
CA ILE A 541 20.10 -6.61 30.42
C ILE A 541 19.80 -5.15 30.66
N TYR A 542 20.10 -4.31 29.67
CA TYR A 542 19.94 -2.88 29.86
C TYR A 542 19.51 -2.19 28.57
N ASN A 543 18.24 -1.80 28.52
CA ASN A 543 17.71 -0.93 27.50
C ASN A 543 18.04 -1.32 26.07
N GLY A 544 17.88 -2.61 25.76
CA GLY A 544 18.09 -3.09 24.41
C GLY A 544 19.52 -3.49 24.15
N ASN A 545 20.27 -3.69 25.24
CA ASN A 545 21.63 -4.22 25.18
C ASN A 545 21.85 -5.25 26.25
N MET A 546 22.96 -5.98 26.14
CA MET A 546 23.30 -6.89 27.23
C MET A 546 24.81 -6.96 27.44
N PHE A 547 25.16 -7.41 28.65
CA PHE A 547 26.54 -7.60 29.07
C PHE A 547 26.73 -9.03 29.57
N ILE A 548 27.72 -9.71 28.99
CA ILE A 548 27.99 -11.13 29.22
C ILE A 548 29.41 -11.40 29.75
N ASP A 549 29.54 -12.22 30.80
CA ASP A 549 30.86 -12.57 31.29
C ASP A 549 31.29 -13.89 30.74
N ASN A 550 32.27 -13.84 29.84
CA ASN A 550 32.80 -15.08 29.30
C ASN A 550 34.25 -15.31 29.73
N THR A 551 34.54 -14.93 30.96
CA THR A 551 35.90 -15.07 31.43
C THR A 551 35.99 -16.34 32.28
N LYS A 552 37.17 -16.94 32.22
CA LYS A 552 37.55 -18.15 32.92
C LYS A 552 38.60 -17.81 33.98
N GLY A 553 38.23 -17.94 35.24
CA GLY A 553 39.17 -17.81 36.34
C GLY A 553 39.92 -16.50 36.42
N VAL A 554 39.17 -15.41 36.61
CA VAL A 554 39.79 -14.12 36.84
C VAL A 554 39.60 -13.79 38.29
N GLN A 555 40.71 -13.72 39.00
CA GLN A 555 40.67 -13.55 40.44
C GLN A 555 40.19 -12.13 40.72
N TYR A 556 39.23 -12.01 41.63
CA TYR A 556 38.73 -10.72 42.15
C TYR A 556 37.78 -9.99 41.17
N LEU A 557 37.48 -10.61 40.03
CA LEU A 557 36.52 -10.02 39.10
C LEU A 557 35.17 -9.77 39.76
N ASN A 558 34.76 -10.73 40.58
CA ASN A 558 33.46 -10.66 41.22
C ASN A 558 33.37 -9.43 42.11
N GLU A 559 34.52 -8.84 42.42
CA GLU A 559 34.54 -7.70 43.33
C GLU A 559 34.24 -6.43 42.56
N VAL A 560 34.57 -6.41 41.28
CA VAL A 560 34.31 -5.22 40.49
C VAL A 560 33.07 -5.33 39.60
N MET A 561 32.57 -6.54 39.41
CA MET A 561 31.51 -6.82 38.44
C MET A 561 30.33 -5.82 38.46
N ASP A 562 29.92 -5.37 39.65
CA ASP A 562 28.83 -4.39 39.76
C ASP A 562 29.23 -3.04 39.16
N LEU A 563 30.45 -2.60 39.47
CA LEU A 563 31.07 -1.42 38.87
C LEU A 563 31.20 -1.58 37.36
N LEU A 564 31.62 -2.77 36.93
CA LEU A 564 31.66 -3.10 35.51
C LEU A 564 30.30 -2.87 34.88
N ILE A 565 29.24 -3.26 35.58
CA ILE A 565 27.88 -3.03 35.07
C ILE A 565 27.47 -1.53 35.08
N ASP A 566 27.83 -0.80 36.12
CA ASP A 566 27.56 0.65 36.16
C ASP A 566 28.24 1.37 34.99
N GLY A 567 29.49 0.99 34.72
CA GLY A 567 30.23 1.51 33.59
C GLY A 567 29.52 1.11 32.30
N PHE A 568 29.09 -0.15 32.20
CA PHE A 568 28.33 -0.63 31.04
C PHE A 568 27.13 0.24 30.73
N HIS A 569 26.33 0.45 31.77
CA HIS A 569 25.13 1.30 31.70
C HIS A 569 25.49 2.70 31.24
N GLN A 570 26.58 3.24 31.78
CA GLN A 570 27.05 4.58 31.40
C GLN A 570 27.39 4.61 29.93
N ALA A 571 27.98 3.50 29.49
CA ALA A 571 28.39 3.38 28.11
C ALA A 571 27.17 3.37 27.18
N MET A 572 26.05 2.87 27.71
CA MET A 572 24.83 2.76 26.92
C MET A 572 23.94 4.02 26.95
N ASP A 573 24.00 4.74 28.07
CA ASP A 573 23.20 5.93 28.30
C ASP A 573 23.51 6.96 27.22
N GLU A 574 24.79 7.10 26.87
CA GLU A 574 25.18 8.07 25.85
C GLU A 574 26.21 7.45 24.92
N GLY A 575 25.83 7.31 23.65
CA GLY A 575 26.67 6.69 22.64
C GLY A 575 27.89 7.52 22.27
N PRO A 576 28.80 6.95 21.46
CA PRO A 576 29.99 7.72 21.14
C PRO A 576 29.79 8.68 19.98
N LEU A 577 28.70 8.53 19.21
CA LEU A 577 28.48 9.35 18.02
C LEU A 577 27.88 10.73 18.33
N ALA A 578 26.80 10.77 19.12
CA ALA A 578 26.10 12.01 19.42
C ALA A 578 25.54 11.93 20.82
N ARG A 579 26.20 11.16 21.66
CA ARG A 579 25.75 10.97 23.03
C ARG A 579 24.28 10.55 23.17
N GLU A 580 23.74 9.83 22.18
CA GLU A 580 22.34 9.32 22.20
C GLU A 580 22.33 7.92 22.81
N PRO A 581 21.18 7.47 23.32
CA PRO A 581 21.15 6.11 23.91
C PRO A 581 21.50 4.97 22.92
N VAL A 582 22.07 3.91 23.46
CA VAL A 582 22.55 2.80 22.64
C VAL A 582 21.53 1.65 22.62
N MET A 583 21.40 1.00 21.47
CA MET A 583 20.53 -0.15 21.37
C MET A 583 21.19 -1.27 20.56
N LYS A 584 20.72 -2.50 20.81
CA LYS A 584 21.08 -3.64 19.99
C LYS A 584 22.56 -3.91 20.00
N VAL A 585 23.17 -3.84 21.19
CA VAL A 585 24.59 -4.13 21.34
C VAL A 585 24.83 -5.17 22.43
N ILE A 586 25.68 -6.11 22.11
CA ILE A 586 26.09 -7.13 23.06
C ILE A 586 27.54 -6.85 23.44
N VAL A 587 27.82 -6.69 24.73
CA VAL A 587 29.19 -6.50 25.21
C VAL A 587 29.61 -7.73 25.94
N ARG A 588 30.66 -8.38 25.43
CA ARG A 588 31.10 -9.63 26.04
C ARG A 588 32.48 -9.43 26.62
N LEU A 589 32.60 -9.69 27.92
CA LEU A 589 33.89 -9.57 28.61
C LEU A 589 34.64 -10.87 28.39
N LEU A 590 35.75 -10.81 27.66
CA LEU A 590 36.49 -12.02 27.29
C LEU A 590 37.63 -12.35 28.25
N ASP A 591 38.29 -11.32 28.79
CA ASP A 591 39.36 -11.58 29.75
C ASP A 591 39.52 -10.39 30.67
N ALA A 592 40.22 -10.57 31.78
CA ALA A 592 40.40 -9.46 32.70
C ALA A 592 41.55 -9.65 33.67
N GLN A 593 42.03 -8.53 34.18
CA GLN A 593 43.12 -8.50 35.14
C GLN A 593 42.68 -7.58 36.26
N VAL A 594 42.22 -8.14 37.39
CA VAL A 594 41.73 -7.29 38.48
C VAL A 594 42.73 -7.33 39.63
N HIS A 595 42.96 -6.18 40.27
CA HIS A 595 43.94 -6.02 41.35
C HIS A 595 43.37 -6.56 42.64
N GLU A 596 44.21 -6.84 43.63
CA GLU A 596 43.74 -7.60 44.78
C GLU A 596 43.25 -6.68 45.88
N ASP A 597 43.49 -5.38 45.73
CA ASP A 597 43.07 -4.45 46.76
C ASP A 597 42.11 -3.42 46.21
N ASN A 598 40.99 -3.28 46.90
CA ASN A 598 39.92 -2.38 46.52
C ASN A 598 40.39 -0.91 46.53
N VAL A 599 41.56 -0.68 47.12
CA VAL A 599 42.13 0.65 47.17
C VAL A 599 42.58 1.02 45.76
N HIS A 600 42.77 0.01 44.92
CA HIS A 600 43.14 0.23 43.53
C HIS A 600 42.00 -0.08 42.59
N ARG A 601 40.77 -0.08 43.11
CA ARG A 601 39.61 -0.50 42.32
C ARG A 601 38.35 0.31 42.60
N GLY A 602 38.47 1.63 42.65
CA GLY A 602 37.25 2.38 42.88
C GLY A 602 36.35 2.44 41.66
N PRO A 603 35.23 3.18 41.76
CA PRO A 603 34.45 3.50 40.56
C PRO A 603 35.37 4.27 39.61
N ALA A 604 36.26 5.05 40.23
CA ALA A 604 37.11 6.01 39.52
C ALA A 604 37.99 5.34 38.51
N GLN A 605 38.17 4.04 38.68
CA GLN A 605 39.05 3.29 37.83
C GLN A 605 38.31 2.25 37.01
N ILE A 606 37.25 1.65 37.56
CA ILE A 606 36.56 0.64 36.78
C ILE A 606 35.65 1.32 35.75
N TYR A 607 34.96 2.38 36.13
CA TYR A 607 34.03 3.03 35.18
C TYR A 607 34.65 3.46 33.84
N PRO A 608 35.72 4.30 33.87
CA PRO A 608 36.24 4.83 32.60
C PRO A 608 36.83 3.73 31.73
N ALA A 609 37.39 2.70 32.36
CA ALA A 609 38.06 1.63 31.65
C ALA A 609 37.11 0.86 30.75
N ILE A 610 36.03 0.35 31.34
CA ILE A 610 35.02 -0.42 30.62
C ILE A 610 34.20 0.51 29.72
N ARG A 611 33.92 1.73 30.19
CA ARG A 611 33.10 2.64 29.39
C ARG A 611 33.78 2.99 28.07
N THR A 612 35.04 3.45 28.15
CA THR A 612 35.70 3.82 26.91
C THR A 612 36.06 2.56 26.11
N ALA A 613 36.23 1.41 26.76
CA ALA A 613 36.44 0.22 25.94
C ALA A 613 35.21 -0.02 25.08
N ILE A 614 34.03 0.17 25.67
CA ILE A 614 32.79 -0.09 24.93
C ILE A 614 32.68 0.90 23.78
N HIS A 615 32.90 2.19 24.06
CA HIS A 615 32.85 3.15 22.96
C HIS A 615 33.88 2.89 21.87
N CYS A 616 35.13 2.63 22.24
CA CYS A 616 36.19 2.30 21.28
C CYS A 616 35.82 1.10 20.39
N ALA A 617 35.40 0.02 21.04
CA ALA A 617 34.94 -1.17 20.35
C ALA A 617 33.83 -0.80 19.32
N MET A 618 32.83 -0.05 19.80
CA MET A 618 31.71 0.40 18.96
C MET A 618 32.21 1.20 17.76
N MET A 619 33.16 2.11 17.98
CA MET A 619 33.68 2.89 16.88
C MET A 619 34.41 2.03 15.86
N LYS A 620 34.88 0.86 16.31
CA LYS A 620 35.54 -0.01 15.35
C LYS A 620 34.54 -0.93 14.68
N SER A 621 33.31 -0.93 15.16
CA SER A 621 32.32 -1.89 14.66
C SER A 621 31.31 -1.23 13.72
N ASN A 622 31.78 -0.17 13.07
CA ASN A 622 30.94 0.67 12.23
C ASN A 622 29.65 1.15 12.91
N PRO A 623 29.78 2.18 13.77
CA PRO A 623 28.63 2.70 14.52
C PRO A 623 27.70 3.51 13.64
N VAL A 624 26.41 3.33 13.90
CA VAL A 624 25.35 3.92 13.09
C VAL A 624 24.28 4.53 13.96
N LEU A 625 23.55 5.44 13.33
CA LEU A 625 22.40 6.08 13.93
C LEU A 625 21.11 5.28 13.66
N TYR A 626 20.25 5.19 14.67
CA TYR A 626 18.90 4.67 14.54
C TYR A 626 17.81 5.68 14.89
N GLU A 627 16.75 5.72 14.09
CA GLU A 627 15.59 6.61 14.32
C GLU A 627 14.32 5.83 14.63
N PRO A 628 13.43 6.44 15.41
CA PRO A 628 12.15 5.79 15.72
C PRO A 628 11.21 5.81 14.55
N TYR A 629 10.37 4.80 14.44
CA TYR A 629 9.31 4.81 13.44
C TYR A 629 7.97 4.78 14.12
N GLN A 630 6.96 5.09 13.32
CA GLN A 630 5.58 4.92 13.73
C GLN A 630 4.81 4.06 12.76
N LYS A 631 3.97 3.22 13.34
CA LYS A 631 2.90 2.59 12.61
C LYS A 631 1.78 3.60 12.52
N VAL A 632 1.41 3.95 11.30
CA VAL A 632 0.34 4.89 11.10
C VAL A 632 -0.91 4.19 10.56
N ILE A 633 -1.99 4.35 11.29
CA ILE A 633 -3.25 3.73 10.91
C ILE A 633 -4.22 4.84 10.45
N ILE A 634 -4.53 4.84 9.16
CA ILE A 634 -5.34 5.86 8.53
C ILE A 634 -6.63 5.32 7.94
N ASN A 635 -7.76 5.78 8.46
CA ASN A 635 -9.06 5.31 8.00
C ASN A 635 -9.81 6.40 7.24
N ILE A 636 -10.18 6.11 6.01
CA ILE A 636 -10.77 7.10 5.14
C ILE A 636 -11.85 6.59 4.19
N PRO A 637 -12.58 7.51 3.58
CA PRO A 637 -13.33 7.12 2.39
C PRO A 637 -12.39 6.99 1.20
N TYR A 638 -12.72 6.01 0.34
CA TYR A 638 -11.86 5.61 -0.75
C TYR A 638 -11.38 6.75 -1.62
N GLU A 639 -12.22 7.75 -1.85
CA GLU A 639 -11.89 8.80 -2.84
C GLU A 639 -10.57 9.45 -2.57
N TYR A 640 -10.13 9.37 -1.32
CA TYR A 640 -8.94 10.08 -0.89
C TYR A 640 -7.63 9.24 -0.89
N MET A 641 -7.72 7.94 -1.19
CA MET A 641 -6.59 7.07 -0.94
C MET A 641 -5.28 7.51 -1.63
N GLY A 642 -5.35 7.87 -2.90
CA GLY A 642 -4.18 8.29 -3.62
C GLY A 642 -3.51 9.43 -2.89
N ALA A 643 -4.34 10.39 -2.46
CA ALA A 643 -3.83 11.57 -1.75
C ALA A 643 -3.15 11.11 -0.49
N VAL A 644 -3.86 10.28 0.28
CA VAL A 644 -3.28 9.72 1.50
C VAL A 644 -1.97 9.05 1.15
N SER A 645 -2.04 8.15 0.18
CA SER A 645 -0.87 7.40 -0.21
C SER A 645 0.21 8.40 -0.53
N ARG A 646 -0.13 9.43 -1.31
CA ARG A 646 0.96 10.24 -1.83
C ARG A 646 1.60 10.91 -0.62
N GLU A 647 0.79 11.33 0.34
CA GLU A 647 1.31 11.98 1.53
C GLU A 647 2.32 11.12 2.24
N ILE A 648 2.03 9.85 2.43
CA ILE A 648 2.94 8.94 3.12
C ILE A 648 4.27 8.80 2.38
N THR A 649 4.18 8.72 1.05
CA THR A 649 5.38 8.64 0.24
C THR A 649 6.21 9.89 0.48
N GLN A 650 5.54 11.04 0.61
CA GLN A 650 6.28 12.29 0.77
C GLN A 650 6.92 12.43 2.16
N ARG A 651 6.70 11.46 3.03
CA ARG A 651 7.31 11.54 4.35
C ARG A 651 8.23 10.35 4.58
N ARG A 652 8.89 9.88 3.51
CA ARG A 652 9.77 8.70 3.61
C ARG A 652 9.09 7.52 4.25
N GLY A 653 7.77 7.42 4.06
CA GLY A 653 6.94 6.37 4.64
C GLY A 653 6.64 5.31 3.62
N GLN A 654 6.17 4.16 4.08
CA GLN A 654 5.80 3.06 3.18
C GLN A 654 4.49 2.39 3.55
N LEU A 655 3.67 2.04 2.55
CA LEU A 655 2.43 1.40 2.92
C LEU A 655 2.67 -0.07 3.21
N VAL A 656 2.23 -0.50 4.37
CA VAL A 656 2.51 -1.82 4.85
C VAL A 656 1.34 -2.75 4.55
N ASP A 657 0.15 -2.29 4.89
CA ASP A 657 -1.00 -3.16 4.78
C ASP A 657 -2.22 -2.30 4.48
N MET A 658 -3.31 -2.97 4.14
CA MET A 658 -4.51 -2.27 3.65
C MET A 658 -5.78 -3.09 3.85
N LYS A 659 -6.64 -2.66 4.76
CA LYS A 659 -7.86 -3.40 5.02
C LYS A 659 -9.08 -2.64 4.49
N GLN A 660 -9.95 -3.33 3.75
CA GLN A 660 -11.12 -2.70 3.14
C GLN A 660 -12.43 -3.29 3.63
N GLU A 661 -13.36 -2.41 3.98
CA GLU A 661 -14.73 -2.80 4.30
C GLU A 661 -15.64 -1.88 3.52
N GLY A 662 -16.20 -2.40 2.44
CA GLY A 662 -17.05 -1.57 1.61
C GLY A 662 -16.37 -0.31 1.17
N GLU A 663 -17.00 0.84 1.44
CA GLU A 663 -16.47 2.10 0.95
C GLU A 663 -15.48 2.73 1.96
N VAL A 664 -15.38 2.13 3.14
CA VAL A 664 -14.37 2.58 4.10
C VAL A 664 -13.08 1.74 3.95
N MET A 665 -11.98 2.48 4.07
CA MET A 665 -10.66 2.03 3.69
C MET A 665 -9.71 2.33 4.83
N THR A 666 -9.06 1.31 5.38
CA THR A 666 -8.03 1.55 6.40
C THR A 666 -6.63 1.19 5.89
N ILE A 667 -5.78 2.21 5.75
CA ILE A 667 -4.41 2.09 5.24
C ILE A 667 -3.45 2.04 6.40
N ILE A 668 -2.59 1.03 6.43
CA ILE A 668 -1.57 0.91 7.49
C ILE A 668 -0.18 1.11 6.89
N ALA A 669 0.55 2.08 7.45
CA ALA A 669 1.87 2.41 6.94
C ALA A 669 2.87 2.48 8.07
N GLU A 670 4.14 2.65 7.68
CA GLU A 670 5.22 2.95 8.61
C GLU A 670 5.93 4.18 8.07
N ALA A 671 6.21 5.11 8.95
CA ALA A 671 6.95 6.29 8.57
C ALA A 671 7.83 6.71 9.74
N PRO A 672 9.03 7.26 9.46
CA PRO A 672 9.90 7.78 10.54
C PRO A 672 9.29 9.00 11.24
N VAL A 673 9.26 8.95 12.56
CA VAL A 673 8.85 10.06 13.41
C VAL A 673 9.39 11.45 12.98
N ALA A 674 10.67 11.54 12.63
CA ALA A 674 11.29 12.79 12.21
C ALA A 674 10.64 13.38 10.98
N GLU A 675 9.92 12.55 10.23
CA GLU A 675 9.26 13.00 9.02
C GLU A 675 7.75 13.21 9.21
N MET A 676 7.24 12.93 10.40
CA MET A 676 5.82 12.91 10.66
C MET A 676 5.25 14.15 11.34
N PHE A 677 6.06 15.17 11.50
CA PHE A 677 5.59 16.39 12.18
C PHE A 677 4.65 17.15 11.25
N GLY A 678 3.53 17.62 11.78
CA GLY A 678 2.58 18.38 10.96
C GLY A 678 1.58 17.51 10.19
N PHE A 679 1.61 16.23 10.51
CA PHE A 679 0.82 15.28 9.77
C PHE A 679 -0.67 15.59 9.90
N ALA A 680 -1.17 15.93 11.10
CA ALA A 680 -2.61 16.24 11.26
C ALA A 680 -3.07 17.27 10.20
N GLY A 681 -2.26 18.28 9.95
CA GLY A 681 -2.59 19.25 8.92
C GLY A 681 -2.59 18.71 7.50
N SER A 682 -1.47 18.11 7.07
CA SER A 682 -1.35 17.55 5.72
C SER A 682 -2.46 16.55 5.42
N ILE A 683 -2.79 15.77 6.44
CA ILE A 683 -3.76 14.70 6.32
C ILE A 683 -5.22 15.27 6.41
N ARG A 684 -5.45 16.31 7.21
CA ARG A 684 -6.78 16.91 7.25
C ARG A 684 -7.06 17.54 5.89
N SER A 685 -6.06 18.22 5.34
CA SER A 685 -6.17 18.80 4.02
C SER A 685 -6.40 17.74 2.94
N ALA A 686 -5.62 16.67 2.95
CA ALA A 686 -5.78 15.70 1.88
C ALA A 686 -7.05 14.83 2.00
N THR A 687 -7.62 14.69 3.20
CA THR A 687 -8.85 13.90 3.31
C THR A 687 -10.04 14.75 3.70
N SER A 688 -9.86 16.08 3.62
CA SER A 688 -10.88 17.07 3.95
C SER A 688 -11.53 16.75 5.29
N GLY A 689 -10.69 16.45 6.29
CA GLY A 689 -11.17 16.29 7.65
C GLY A 689 -11.97 15.03 7.86
N ARG A 690 -11.92 14.12 6.89
CA ARG A 690 -12.67 12.87 7.02
C ARG A 690 -11.78 11.69 7.37
N ALA A 691 -10.48 11.93 7.53
CA ALA A 691 -9.55 10.88 7.98
C ALA A 691 -9.64 10.66 9.49
N LEU A 692 -9.63 9.41 9.90
CA LEU A 692 -9.57 9.08 11.32
C LEU A 692 -8.29 8.25 11.52
N TRP A 693 -7.40 8.70 12.38
CA TRP A 693 -6.10 8.08 12.40
C TRP A 693 -5.39 8.04 13.74
N SER A 694 -4.38 7.19 13.80
CA SER A 694 -3.59 7.03 14.99
C SER A 694 -2.19 6.56 14.63
N THR A 695 -1.31 6.51 15.62
CA THR A 695 0.03 5.95 15.46
C THR A 695 0.27 4.98 16.60
N GLU A 696 1.18 4.03 16.36
CA GLU A 696 1.68 3.17 17.42
C GLU A 696 3.19 3.15 17.29
N HIS A 697 3.90 2.81 18.36
CA HIS A 697 5.34 2.70 18.24
C HIS A 697 5.73 1.52 17.34
N ALA A 698 6.65 1.76 16.42
CA ALA A 698 6.98 0.74 15.44
C ALA A 698 8.35 0.13 15.68
N GLY A 699 9.01 0.57 16.76
CA GLY A 699 10.39 0.21 17.03
C GLY A 699 11.30 1.26 16.41
N PHE A 700 12.61 0.96 16.33
CA PHE A 700 13.64 1.84 15.73
C PHE A 700 14.26 1.19 14.52
N LYS A 701 14.68 1.98 13.53
CA LYS A 701 15.34 1.40 12.36
C LYS A 701 16.63 2.20 12.05
N ARG A 702 17.54 1.61 11.28
CA ARG A 702 18.78 2.31 11.00
C ARG A 702 18.51 3.46 10.03
N VAL A 703 19.09 4.63 10.33
CA VAL A 703 19.04 5.83 9.48
C VAL A 703 19.99 5.65 8.29
N PRO A 704 19.55 5.96 7.06
CA PRO A 704 20.41 5.78 5.87
C PRO A 704 21.68 6.61 5.97
N ASN A 705 22.76 6.12 5.41
CA ASN A 705 24.05 6.77 5.57
C ASN A 705 24.05 8.21 5.02
N GLU A 706 23.40 8.39 3.89
CA GLU A 706 23.32 9.69 3.24
C GLU A 706 22.71 10.79 4.13
N LEU A 707 21.78 10.41 5.03
CA LEU A 707 21.12 11.41 5.88
C LEU A 707 21.66 11.34 7.29
N ALA A 708 22.29 10.21 7.57
CA ALA A 708 22.84 9.91 8.89
C ALA A 708 23.80 11.02 9.32
N GLN A 709 24.74 11.33 8.46
CA GLN A 709 25.78 12.29 8.82
C GLN A 709 25.16 13.63 9.19
N GLN A 710 24.35 14.14 8.27
CA GLN A 710 23.73 15.44 8.47
C GLN A 710 22.99 15.41 9.81
N ILE A 711 22.23 14.34 10.06
CA ILE A 711 21.40 14.27 11.28
C ILE A 711 22.25 14.25 12.55
N ILE A 712 23.31 13.42 12.56
CA ILE A 712 24.31 13.34 13.65
C ILE A 712 24.96 14.70 13.95
N ARG A 713 25.37 15.41 12.89
CA ARG A 713 25.95 16.74 13.05
C ARG A 713 24.97 17.70 13.68
N GLN A 714 23.70 17.61 13.27
CA GLN A 714 22.71 18.52 13.82
C GLN A 714 22.36 18.19 15.27
N ILE A 715 22.37 16.91 15.62
CA ILE A 715 22.10 16.50 17.00
C ILE A 715 23.19 16.98 17.93
N ARG A 716 24.43 16.74 17.49
CA ARG A 716 25.62 17.19 18.22
C ARG A 716 25.59 18.69 18.40
N GLN A 717 25.28 19.41 17.30
CA GLN A 717 25.22 20.88 17.28
C GLN A 717 24.19 21.39 18.30
N ARG A 718 23.01 20.77 18.33
CA ARG A 718 21.95 21.10 19.28
C ARG A 718 22.44 20.90 20.73
N LYS A 719 23.24 19.86 20.90
CA LYS A 719 23.71 19.48 22.22
C LYS A 719 24.87 20.34 22.70
N GLY A 720 25.33 21.24 21.84
CA GLY A 720 26.40 22.14 22.27
C GLY A 720 27.74 21.49 22.02
N LEU A 721 27.76 20.42 21.24
CA LEU A 721 29.01 19.73 20.91
C LEU A 721 29.51 20.18 19.53
N ASP A 722 30.77 19.86 19.24
CA ASP A 722 31.34 20.05 17.91
C ASP A 722 30.59 19.15 16.93
N PRO A 723 30.24 19.69 15.75
CA PRO A 723 29.37 18.91 14.86
C PRO A 723 29.94 17.57 14.44
N ASN A 724 31.20 17.57 14.08
CA ASN A 724 31.81 16.39 13.51
C ASN A 724 31.97 15.29 14.55
N PRO A 725 31.39 14.12 14.27
CA PRO A 725 31.39 12.99 15.19
C PRO A 725 32.81 12.50 15.43
N PRO A 726 33.10 12.10 16.66
CA PRO A 726 34.45 11.59 16.88
C PRO A 726 34.60 10.27 16.14
N THR A 727 35.80 10.00 15.63
CA THR A 727 36.07 8.73 14.96
C THR A 727 36.76 7.80 15.94
N GLU A 728 37.08 6.58 15.52
CA GLU A 728 37.70 5.63 16.44
C GLU A 728 39.05 6.09 16.95
N LYS A 729 39.73 6.92 16.17
CA LYS A 729 41.04 7.40 16.55
C LYS A 729 40.96 8.47 17.61
N ASP A 730 39.84 9.14 17.66
CA ASP A 730 39.67 10.09 18.72
C ASP A 730 39.30 9.33 20.00
N VAL A 731 38.50 8.29 19.85
CA VAL A 731 37.94 7.62 21.02
C VAL A 731 38.92 6.61 21.60
N CYS A 732 39.57 5.81 20.75
CA CYS A 732 40.49 4.81 21.26
C CYS A 732 41.87 5.40 21.59
N PRO A 733 42.51 4.86 22.63
CA PRO A 733 43.81 5.36 23.03
C PRO A 733 44.84 4.89 22.03
N LEU A 734 46.03 5.47 22.07
CA LEU A 734 47.00 5.32 20.98
C LEU A 734 47.80 4.02 21.08
N PHE A 735 49.01 4.01 20.51
CA PHE A 735 49.94 2.88 20.58
C PHE A 735 49.80 2.05 21.86
N ILE B 11 -11.97 4.60 -55.96
CA ILE B 11 -11.32 3.73 -56.94
C ILE B 11 -10.01 4.34 -57.36
N ALA B 12 -10.01 5.66 -57.46
CA ALA B 12 -8.90 6.38 -58.05
C ALA B 12 -8.53 7.60 -57.22
N LYS B 13 -9.44 8.05 -56.37
CA LYS B 13 -9.05 9.07 -55.41
C LYS B 13 -9.79 9.00 -54.08
N ILE B 14 -9.09 8.44 -53.10
CA ILE B 14 -9.51 8.45 -51.72
C ILE B 14 -8.67 9.59 -51.11
N LYS B 15 -7.80 10.12 -51.97
CA LYS B 15 -6.94 11.25 -51.65
C LYS B 15 -7.72 12.52 -51.39
N GLU B 16 -8.97 12.57 -51.87
CA GLU B 16 -9.75 13.79 -51.70
C GLU B 16 -10.60 13.70 -50.43
N LEU B 17 -10.74 12.51 -49.85
CA LEU B 17 -11.21 12.43 -48.48
C LEU B 17 -10.08 12.52 -47.44
N MET B 18 -8.91 11.97 -47.75
CA MET B 18 -7.80 11.98 -46.79
C MET B 18 -7.27 13.40 -46.55
N LEU B 19 -7.48 14.26 -47.54
CA LEU B 19 -7.09 15.67 -47.47
C LEU B 19 -7.70 16.43 -46.28
N GLN B 20 -9.00 16.34 -46.07
CA GLN B 20 -9.63 17.11 -44.99
C GLN B 20 -9.99 16.21 -43.82
N PRO B 21 -9.47 16.57 -42.63
CA PRO B 21 -9.51 15.83 -41.36
C PRO B 21 -10.92 15.74 -40.81
N GLU B 22 -11.83 16.55 -41.35
CA GLU B 22 -13.16 16.68 -40.77
C GLU B 22 -14.12 15.65 -41.37
N ARG B 23 -13.57 14.64 -42.02
CA ARG B 23 -14.38 13.60 -42.63
C ARG B 23 -13.77 12.21 -42.38
N ILE B 24 -12.57 12.23 -41.81
CA ILE B 24 -11.87 11.03 -41.40
C ILE B 24 -12.43 10.56 -40.05
N ARG B 25 -12.52 9.25 -39.87
CA ARG B 25 -12.89 8.70 -38.58
C ARG B 25 -11.90 7.60 -38.19
N ASN B 26 -11.21 7.78 -37.07
CA ASN B 26 -10.30 6.76 -36.63
C ASN B 26 -10.90 6.02 -35.44
N ILE B 27 -11.28 4.76 -35.67
CA ILE B 27 -12.12 4.02 -34.73
C ILE B 27 -11.66 2.58 -34.61
N GLY B 28 -12.11 1.91 -33.55
CA GLY B 28 -11.81 0.50 -33.34
C GLY B 28 -12.98 -0.22 -32.68
N ILE B 29 -12.96 -1.55 -32.70
CA ILE B 29 -14.07 -2.29 -32.09
C ILE B 29 -13.70 -3.01 -30.80
N ALA B 30 -14.41 -2.67 -29.72
CA ALA B 30 -14.18 -3.32 -28.43
C ALA B 30 -15.27 -4.35 -28.19
N ALA B 31 -14.88 -5.58 -27.89
CA ALA B 31 -15.87 -6.62 -27.68
C ALA B 31 -15.31 -7.75 -26.85
N HIS B 32 -16.19 -8.45 -26.16
CA HIS B 32 -15.87 -9.71 -25.50
C HIS B 32 -15.60 -10.68 -26.64
N ILE B 33 -15.16 -11.89 -26.34
CA ILE B 33 -14.82 -12.82 -27.39
C ILE B 33 -16.06 -13.68 -27.65
N ASP B 34 -16.21 -14.07 -28.92
CA ASP B 34 -17.42 -14.71 -29.46
C ASP B 34 -18.58 -13.72 -29.60
N HIS B 35 -18.42 -12.51 -29.04
CA HIS B 35 -19.44 -11.46 -29.07
C HIS B 35 -19.66 -10.80 -30.43
N GLY B 36 -18.71 -10.95 -31.35
CA GLY B 36 -18.94 -10.56 -32.74
C GLY B 36 -17.96 -9.66 -33.46
N LYS B 37 -16.85 -9.30 -32.85
CA LYS B 37 -16.07 -8.19 -33.39
C LYS B 37 -15.47 -8.54 -34.76
N THR B 38 -14.95 -9.75 -34.92
CA THR B 38 -14.43 -10.14 -36.24
C THR B 38 -15.59 -10.20 -37.25
N THR B 39 -16.68 -10.90 -36.93
CA THR B 39 -17.83 -10.98 -37.83
C THR B 39 -18.28 -9.60 -38.29
N LEU B 40 -18.50 -8.73 -37.29
CA LEU B 40 -18.92 -7.36 -37.53
C LEU B 40 -17.99 -6.58 -38.45
N SER B 41 -16.69 -6.60 -38.17
CA SER B 41 -15.73 -5.85 -38.99
C SER B 41 -15.66 -6.45 -40.41
N ASP B 42 -15.66 -7.77 -40.51
CA ASP B 42 -15.65 -8.43 -41.81
C ASP B 42 -16.84 -8.00 -42.69
N ASN B 43 -18.07 -8.11 -42.18
CA ASN B 43 -19.26 -7.74 -42.96
C ASN B 43 -19.49 -6.20 -43.05
N LEU B 44 -18.76 -5.45 -42.21
CA LEU B 44 -18.66 -3.99 -42.29
C LEU B 44 -17.80 -3.61 -43.51
N LEU B 45 -16.74 -4.38 -43.75
CA LEU B 45 -15.81 -4.02 -44.81
C LEU B 45 -16.32 -4.59 -46.12
N ALA B 46 -17.03 -5.71 -46.03
CA ALA B 46 -17.72 -6.21 -47.21
C ALA B 46 -18.84 -5.28 -47.61
N GLY B 47 -19.47 -4.64 -46.62
CA GLY B 47 -20.67 -3.85 -46.86
C GLY B 47 -20.51 -2.55 -47.63
N ALA B 48 -19.30 -2.01 -47.75
CA ALA B 48 -19.19 -0.76 -48.50
C ALA B 48 -18.52 -0.99 -49.85
N GLY B 49 -18.20 -2.24 -50.14
CA GLY B 49 -17.62 -2.58 -51.43
C GLY B 49 -16.12 -2.42 -51.37
N MET B 50 -15.48 -3.23 -50.54
CA MET B 50 -14.01 -3.19 -50.45
C MET B 50 -13.37 -4.60 -50.51
N ALA B 77 -5.14 -8.22 -40.20
CA ALA B 77 -4.57 -7.00 -40.76
C ALA B 77 -4.55 -5.84 -39.76
N ALA B 78 -3.62 -4.92 -39.96
CA ALA B 78 -3.42 -3.77 -39.08
C ALA B 78 -4.60 -2.79 -39.13
N ASN B 79 -4.94 -2.32 -40.32
CA ASN B 79 -6.02 -1.35 -40.48
C ASN B 79 -6.79 -1.54 -41.77
N VAL B 80 -8.09 -1.28 -41.72
CA VAL B 80 -8.91 -1.37 -42.93
C VAL B 80 -9.86 -0.18 -43.05
N SER B 81 -9.98 0.34 -44.27
CA SER B 81 -10.73 1.56 -44.53
C SER B 81 -12.02 1.35 -45.32
N MET B 82 -13.05 2.13 -44.98
CA MET B 82 -14.32 2.08 -45.67
C MET B 82 -14.82 3.50 -45.94
N VAL B 83 -15.37 3.73 -47.12
CA VAL B 83 -15.95 5.02 -47.45
C VAL B 83 -17.44 4.92 -47.35
N HIS B 84 -18.03 5.90 -46.68
CA HIS B 84 -19.42 5.75 -46.34
C HIS B 84 -20.18 7.04 -46.56
N ASN B 85 -21.36 6.93 -47.15
CA ASN B 85 -22.13 8.13 -47.40
C ASN B 85 -23.05 8.45 -46.24
N TYR B 86 -22.87 9.64 -45.67
CA TYR B 86 -23.74 10.14 -44.61
C TYR B 86 -24.25 11.53 -44.97
N GLU B 87 -25.57 11.67 -44.92
CA GLU B 87 -26.23 12.93 -45.25
C GLU B 87 -25.77 13.44 -46.61
N GLY B 88 -25.64 12.52 -47.55
CA GLY B 88 -25.23 12.84 -48.91
C GLY B 88 -23.74 13.06 -49.14
N LYS B 89 -22.98 13.33 -48.08
CA LYS B 89 -21.55 13.56 -48.23
C LYS B 89 -20.75 12.41 -47.63
N ASP B 90 -19.58 12.13 -48.21
CA ASP B 90 -18.86 10.89 -47.94
C ASP B 90 -17.76 11.07 -46.90
N TYR B 91 -17.65 10.10 -46.01
CA TYR B 91 -16.67 10.12 -44.94
C TYR B 91 -15.75 8.92 -45.12
N LEU B 92 -14.46 9.12 -44.81
CA LEU B 92 -13.46 8.05 -44.84
C LEU B 92 -13.19 7.48 -43.45
N ILE B 93 -13.61 6.23 -43.21
CA ILE B 93 -13.49 5.62 -41.88
C ILE B 93 -12.39 4.57 -41.79
N ASN B 94 -11.54 4.70 -40.78
CA ASN B 94 -10.44 3.75 -40.56
C ASN B 94 -10.65 2.88 -39.29
N LEU B 95 -10.90 1.58 -39.44
CA LEU B 95 -10.96 0.78 -38.21
C LEU B 95 -9.68 -0.05 -38.08
N ILE B 96 -8.99 0.26 -36.98
CA ILE B 96 -7.66 -0.25 -36.66
C ILE B 96 -7.77 -1.51 -35.80
N ASP B 97 -6.91 -2.47 -36.08
CA ASP B 97 -6.89 -3.73 -35.38
C ASP B 97 -6.73 -3.54 -33.87
N THR B 98 -7.46 -4.35 -33.12
CA THR B 98 -7.40 -4.37 -31.66
C THR B 98 -7.40 -5.86 -31.34
N PRO B 99 -6.27 -6.36 -30.80
CA PRO B 99 -6.10 -7.80 -30.56
C PRO B 99 -7.08 -8.36 -29.53
N GLY B 100 -7.19 -9.70 -29.50
CA GLY B 100 -8.03 -10.40 -28.54
C GLY B 100 -7.77 -9.86 -27.15
N HIS B 101 -8.81 -9.81 -26.32
CA HIS B 101 -8.67 -9.20 -25.02
C HIS B 101 -7.68 -9.95 -24.13
N VAL B 102 -6.61 -9.24 -23.79
CA VAL B 102 -5.59 -9.71 -22.88
C VAL B 102 -5.80 -8.99 -21.54
N ASP B 103 -5.31 -9.56 -20.44
CA ASP B 103 -5.36 -8.87 -19.14
C ASP B 103 -4.17 -7.91 -18.98
N PHE B 104 -3.40 -7.80 -20.05
CA PHE B 104 -2.38 -6.78 -20.27
C PHE B 104 -3.15 -5.73 -21.07
N GLY B 105 -2.68 -4.49 -21.26
CA GLY B 105 -1.39 -3.96 -20.85
C GLY B 105 -0.46 -3.88 -22.05
N GLY B 106 -0.07 -5.04 -22.56
CA GLY B 106 1.01 -5.18 -23.53
C GLY B 106 0.77 -4.63 -24.91
N ASP B 107 -0.34 -5.02 -25.53
CA ASP B 107 -0.64 -4.60 -26.90
C ASP B 107 -1.83 -3.67 -26.94
N VAL B 108 -2.86 -4.09 -26.23
CA VAL B 108 -4.18 -3.48 -26.32
C VAL B 108 -4.25 -1.99 -26.03
N THR B 109 -3.55 -1.51 -25.00
CA THR B 109 -3.65 -0.09 -24.64
C THR B 109 -3.05 0.81 -25.73
N ARG B 110 -1.99 0.37 -26.40
CA ARG B 110 -1.41 1.22 -27.44
C ARG B 110 -2.39 1.34 -28.62
N ALA B 111 -2.99 0.20 -28.98
CA ALA B 111 -4.03 0.11 -30.00
C ALA B 111 -5.21 0.97 -29.63
N MET B 112 -5.49 1.03 -28.33
CA MET B 112 -6.56 1.84 -27.76
C MET B 112 -6.16 3.33 -27.76
N ARG B 113 -4.86 3.58 -27.88
CA ARG B 113 -4.37 4.96 -28.00
C ARG B 113 -4.38 5.41 -29.47
N ALA B 114 -4.33 4.44 -30.37
CA ALA B 114 -4.35 4.74 -31.80
C ALA B 114 -5.68 5.31 -32.31
N ILE B 115 -6.79 4.87 -31.72
CA ILE B 115 -8.12 5.19 -32.24
C ILE B 115 -8.79 6.39 -31.54
N ASP B 116 -9.76 7.04 -32.18
CA ASP B 116 -10.49 8.18 -31.57
C ASP B 116 -11.89 7.79 -31.12
N GLY B 117 -12.41 6.73 -31.71
CA GLY B 117 -13.75 6.29 -31.37
C GLY B 117 -13.78 4.78 -31.27
N VAL B 118 -14.76 4.27 -30.53
CA VAL B 118 -14.87 2.82 -30.36
C VAL B 118 -16.31 2.33 -30.45
N ILE B 119 -16.49 1.21 -31.14
CA ILE B 119 -17.78 0.54 -31.12
C ILE B 119 -17.72 -0.62 -30.11
N ILE B 120 -18.40 -0.43 -29.00
CA ILE B 120 -18.61 -1.50 -28.04
C ILE B 120 -19.64 -2.50 -28.57
N VAL B 121 -19.23 -3.75 -28.72
CA VAL B 121 -20.13 -4.76 -29.24
C VAL B 121 -20.57 -5.68 -28.14
N VAL B 122 -21.86 -5.78 -27.90
CA VAL B 122 -22.29 -6.68 -26.84
C VAL B 122 -23.33 -7.70 -27.27
N ASP B 123 -23.07 -8.95 -26.95
CA ASP B 123 -24.02 -10.03 -27.15
C ASP B 123 -25.30 -9.70 -26.38
N ALA B 124 -26.45 -9.84 -27.06
CA ALA B 124 -27.77 -9.55 -26.46
C ALA B 124 -28.24 -10.67 -25.53
N VAL B 125 -27.71 -11.86 -25.80
CA VAL B 125 -27.99 -13.06 -25.04
C VAL B 125 -27.26 -13.07 -23.70
N GLU B 126 -25.95 -12.83 -23.76
CA GLU B 126 -25.12 -12.88 -22.55
C GLU B 126 -25.13 -11.55 -21.79
N GLY B 127 -25.04 -10.46 -22.54
CA GLY B 127 -25.04 -9.15 -21.92
C GLY B 127 -23.63 -8.72 -21.61
N VAL B 128 -23.51 -7.57 -20.94
CA VAL B 128 -22.21 -7.02 -20.51
C VAL B 128 -21.47 -7.96 -19.58
N MET B 129 -20.27 -8.35 -19.99
CA MET B 129 -19.46 -9.30 -19.22
C MET B 129 -18.32 -8.61 -18.47
N PRO B 130 -17.68 -9.31 -17.51
CA PRO B 130 -16.53 -8.72 -16.85
C PRO B 130 -15.44 -8.27 -17.82
N GLN B 131 -15.14 -9.14 -18.77
CA GLN B 131 -14.17 -8.79 -19.77
C GLN B 131 -14.63 -7.64 -20.68
N THR B 132 -15.92 -7.58 -21.00
CA THR B 132 -16.41 -6.44 -21.79
C THR B 132 -16.12 -5.13 -21.06
N GLU B 133 -16.56 -5.04 -19.80
CA GLU B 133 -16.34 -3.83 -19.02
C GLU B 133 -14.83 -3.56 -18.91
N THR B 134 -14.03 -4.62 -18.90
CA THR B 134 -12.58 -4.44 -18.95
C THR B 134 -12.13 -3.68 -20.21
N VAL B 135 -12.46 -4.18 -21.41
CA VAL B 135 -11.96 -3.54 -22.64
C VAL B 135 -12.50 -2.10 -22.76
N VAL B 136 -13.73 -1.90 -22.27
CA VAL B 136 -14.31 -0.56 -22.13
C VAL B 136 -13.51 0.34 -21.21
N ARG B 137 -13.05 -0.26 -20.11
CA ARG B 137 -12.18 0.42 -19.15
C ARG B 137 -10.91 0.84 -19.89
N GLN B 138 -10.28 -0.08 -20.64
CA GLN B 138 -9.08 0.26 -21.39
C GLN B 138 -9.32 1.43 -22.34
N ALA B 139 -10.45 1.39 -23.04
CA ALA B 139 -10.76 2.44 -23.99
C ALA B 139 -10.91 3.79 -23.30
N LEU B 140 -11.72 3.84 -22.24
CA LEU B 140 -12.03 5.06 -21.48
C LEU B 140 -10.85 5.56 -20.63
N ARG B 141 -9.90 4.64 -20.42
CA ARG B 141 -8.60 4.87 -19.80
C ARG B 141 -8.04 6.07 -20.54
N GLU B 142 -8.12 5.96 -21.85
CA GLU B 142 -7.60 6.95 -22.77
C GLU B 142 -8.79 7.83 -23.16
N TYR B 143 -8.70 8.55 -24.26
CA TYR B 143 -9.83 9.39 -24.68
C TYR B 143 -10.44 8.97 -26.02
N VAL B 144 -11.20 7.88 -25.99
CA VAL B 144 -11.96 7.42 -27.15
C VAL B 144 -13.44 7.50 -26.80
N LYS B 145 -14.23 8.04 -27.73
CA LYS B 145 -15.65 8.24 -27.44
C LYS B 145 -16.32 6.91 -27.72
N PRO B 146 -17.32 6.55 -26.90
CA PRO B 146 -17.91 5.22 -27.02
C PRO B 146 -19.21 5.24 -27.81
N VAL B 147 -19.48 4.17 -28.53
CA VAL B 147 -20.80 4.02 -29.13
C VAL B 147 -21.20 2.55 -29.11
N LEU B 148 -22.48 2.30 -28.85
CA LEU B 148 -22.93 0.95 -28.54
C LEU B 148 -23.54 0.20 -29.73
N PHE B 149 -23.21 -1.08 -29.82
CA PHE B 149 -23.88 -1.96 -30.77
C PHE B 149 -24.24 -3.30 -30.13
N ILE B 150 -25.53 -3.51 -29.95
CA ILE B 150 -26.04 -4.75 -29.42
C ILE B 150 -26.17 -5.73 -30.56
N ASN B 151 -25.51 -6.87 -30.42
CA ASN B 151 -25.37 -7.82 -31.51
C ASN B 151 -26.13 -9.09 -31.13
N LYS B 152 -26.25 -10.05 -32.04
CA LYS B 152 -26.90 -11.34 -31.78
C LYS B 152 -28.42 -11.22 -31.62
N VAL B 153 -29.04 -10.21 -32.21
CA VAL B 153 -30.49 -10.02 -32.01
C VAL B 153 -31.31 -11.10 -32.71
N ASP B 154 -30.76 -11.65 -33.78
CA ASP B 154 -31.40 -12.77 -34.45
C ASP B 154 -31.63 -13.89 -33.43
N ARG B 155 -30.68 -14.13 -32.53
CA ARG B 155 -30.88 -15.19 -31.56
C ARG B 155 -31.97 -14.80 -30.55
N LEU B 156 -32.14 -13.51 -30.30
CA LEU B 156 -33.26 -13.09 -29.45
C LEU B 156 -34.57 -13.52 -30.08
N ILE B 157 -34.71 -13.19 -31.36
CA ILE B 157 -35.97 -13.45 -32.05
C ILE B 157 -36.22 -14.96 -32.23
N ARG B 158 -35.30 -15.66 -32.88
CA ARG B 158 -35.58 -17.03 -33.26
C ARG B 158 -35.62 -18.03 -32.11
N GLU B 159 -34.57 -18.16 -31.28
CA GLU B 159 -34.54 -19.32 -30.39
C GLU B 159 -35.19 -19.15 -29.02
N LEU B 160 -35.04 -18.00 -28.39
CA LEU B 160 -35.68 -17.83 -27.10
C LEU B 160 -37.00 -17.06 -27.22
N LYS B 161 -37.23 -16.43 -28.38
CA LYS B 161 -38.58 -16.05 -28.79
C LYS B 161 -39.28 -14.98 -27.94
N LEU B 162 -38.59 -13.92 -27.59
CA LEU B 162 -39.20 -12.93 -26.71
C LEU B 162 -40.13 -11.95 -27.43
N THR B 163 -41.14 -11.51 -26.68
CA THR B 163 -42.02 -10.43 -27.12
C THR B 163 -41.20 -9.15 -27.33
N PRO B 164 -41.67 -8.23 -28.18
CA PRO B 164 -40.95 -6.96 -28.43
C PRO B 164 -40.52 -6.24 -27.16
N GLN B 165 -41.35 -6.24 -26.13
CA GLN B 165 -41.05 -5.46 -24.94
C GLN B 165 -40.16 -6.25 -23.94
N GLN B 166 -40.12 -7.60 -24.03
CA GLN B 166 -39.02 -8.38 -23.42
C GLN B 166 -37.66 -8.05 -24.04
N MET B 167 -37.67 -7.83 -25.34
CA MET B 167 -36.48 -7.42 -26.05
C MET B 167 -36.10 -6.03 -25.61
N MET B 168 -37.11 -5.17 -25.43
CA MET B 168 -36.87 -3.85 -24.85
C MET B 168 -36.25 -3.94 -23.46
N GLU B 169 -36.78 -4.82 -22.62
CA GLU B 169 -36.24 -5.01 -21.27
C GLU B 169 -34.74 -5.32 -21.31
N ARG B 170 -34.32 -6.32 -22.11
CA ARG B 170 -32.90 -6.67 -22.06
C ARG B 170 -32.05 -5.67 -22.82
N PHE B 171 -32.62 -5.04 -23.84
CA PHE B 171 -31.95 -3.92 -24.49
C PHE B 171 -31.59 -2.87 -23.48
N SER B 172 -32.60 -2.43 -22.73
CA SER B 172 -32.47 -1.39 -21.72
C SER B 172 -31.55 -1.76 -20.55
N LYS B 173 -31.49 -3.04 -20.19
CA LYS B 173 -30.65 -3.44 -19.06
C LYS B 173 -29.18 -3.53 -19.55
N ILE B 174 -28.98 -3.93 -20.81
CA ILE B 174 -27.65 -3.82 -21.42
C ILE B 174 -27.18 -2.38 -21.53
N ILE B 175 -28.10 -1.52 -21.96
CA ILE B 175 -27.82 -0.10 -22.17
C ILE B 175 -27.40 0.51 -20.85
N MET B 176 -28.20 0.27 -19.81
CA MET B 176 -27.97 0.88 -18.50
C MET B 176 -26.69 0.35 -17.90
N ASP B 177 -26.40 -0.94 -18.11
CA ASP B 177 -25.09 -1.48 -17.73
C ASP B 177 -23.96 -0.68 -18.36
N VAL B 178 -23.98 -0.54 -19.69
CA VAL B 178 -22.95 0.23 -20.40
C VAL B 178 -22.83 1.71 -19.95
N ASN B 179 -23.95 2.39 -19.80
CA ASN B 179 -23.93 3.78 -19.37
C ASN B 179 -23.62 3.94 -17.88
N ARG B 180 -23.67 2.84 -17.13
CA ARG B 180 -23.20 2.87 -15.76
C ARG B 180 -21.68 2.66 -15.76
N LEU B 181 -21.16 1.93 -16.75
CA LEU B 181 -19.72 1.89 -17.01
C LEU B 181 -19.17 3.25 -17.41
N ILE B 182 -19.91 3.93 -18.27
CA ILE B 182 -19.50 5.26 -18.70
C ILE B 182 -19.59 6.22 -17.51
N GLN B 183 -20.71 6.12 -16.77
CA GLN B 183 -20.82 6.64 -15.40
C GLN B 183 -19.57 6.51 -14.58
N ARG B 184 -19.02 5.31 -14.54
CA ARG B 184 -17.99 5.04 -13.55
C ARG B 184 -16.55 5.38 -13.99
N TYR B 185 -16.17 5.06 -15.23
CA TYR B 185 -14.75 5.12 -15.57
C TYR B 185 -14.39 6.14 -16.62
N ALA B 186 -15.38 6.85 -17.15
CA ALA B 186 -15.10 7.90 -18.11
C ALA B 186 -14.48 9.08 -17.34
N PRO B 187 -13.64 9.87 -18.01
CA PRO B 187 -13.13 11.13 -17.44
C PRO B 187 -14.28 11.98 -16.92
N GLU B 188 -14.09 12.73 -15.82
CA GLU B 188 -15.21 13.43 -15.17
C GLU B 188 -15.90 14.50 -16.02
N GLU B 189 -15.21 15.03 -17.02
CA GLU B 189 -15.82 16.00 -17.93
C GLU B 189 -16.88 15.37 -18.86
N TYR B 190 -17.02 14.05 -18.79
CA TYR B 190 -17.79 13.27 -19.76
C TYR B 190 -18.80 12.25 -19.20
N LYS B 191 -18.87 12.08 -17.88
CA LYS B 191 -19.60 10.93 -17.33
C LYS B 191 -21.12 11.18 -17.31
N LYS B 192 -21.55 12.17 -18.11
CA LYS B 192 -22.96 12.49 -18.30
C LYS B 192 -23.14 12.94 -19.75
N LYS B 193 -22.04 13.16 -20.46
CA LYS B 193 -22.09 13.55 -21.87
C LYS B 193 -21.37 12.59 -22.81
N TRP B 194 -20.89 11.46 -22.30
CA TRP B 194 -20.35 10.42 -23.19
C TRP B 194 -21.20 9.18 -23.07
N MET B 195 -22.29 9.31 -22.33
CA MET B 195 -23.25 8.23 -22.22
C MET B 195 -23.82 7.96 -23.61
N VAL B 196 -24.46 6.81 -23.78
CA VAL B 196 -24.97 6.43 -25.10
C VAL B 196 -26.48 6.55 -25.16
N LYS B 197 -26.93 7.17 -26.25
CA LYS B 197 -28.27 7.75 -26.36
C LYS B 197 -29.08 7.00 -27.42
N VAL B 198 -29.96 6.08 -27.01
CA VAL B 198 -30.73 5.31 -27.98
C VAL B 198 -31.46 6.18 -29.02
N GLU B 199 -31.98 7.33 -28.59
CA GLU B 199 -32.81 8.20 -29.42
C GLU B 199 -32.05 9.00 -30.49
N ASP B 200 -30.74 9.15 -30.35
CA ASP B 200 -30.02 9.95 -31.34
C ASP B 200 -29.07 9.05 -32.12
N GLY B 201 -29.32 7.75 -31.98
CA GLY B 201 -28.62 6.78 -32.80
C GLY B 201 -27.22 6.46 -32.38
N SER B 202 -26.85 6.82 -31.15
CA SER B 202 -25.56 6.39 -30.60
C SER B 202 -25.66 4.94 -30.06
N VAL B 203 -26.82 4.32 -30.21
CA VAL B 203 -27.01 2.94 -29.81
C VAL B 203 -27.65 2.20 -30.98
N ALA B 204 -26.89 1.33 -31.64
CA ALA B 204 -27.44 0.55 -32.72
C ALA B 204 -27.77 -0.85 -32.22
N PHE B 205 -28.70 -1.51 -32.88
CA PHE B 205 -29.09 -2.87 -32.51
C PHE B 205 -29.03 -3.74 -33.77
N GLY B 206 -28.78 -5.04 -33.62
CA GLY B 206 -28.78 -5.85 -34.82
C GLY B 206 -28.07 -7.20 -34.84
N SER B 207 -27.68 -7.59 -36.04
CA SER B 207 -26.98 -8.85 -36.27
C SER B 207 -25.93 -8.66 -37.35
N ALA B 208 -24.70 -9.04 -37.05
CA ALA B 208 -23.62 -8.88 -37.98
C ALA B 208 -23.47 -10.10 -38.89
N TYR B 209 -23.99 -11.25 -38.44
CA TYR B 209 -23.91 -12.47 -39.24
C TYR B 209 -24.98 -12.45 -40.33
N TYR B 210 -26.07 -11.76 -40.06
CA TYR B 210 -27.13 -11.64 -41.06
C TYR B 210 -27.15 -10.24 -41.66
N ASN B 211 -26.03 -9.54 -41.49
CA ASN B 211 -25.78 -8.24 -42.13
C ASN B 211 -26.89 -7.21 -42.04
N TRP B 212 -27.53 -7.11 -40.88
CA TRP B 212 -28.58 -6.12 -40.71
C TRP B 212 -28.49 -5.46 -39.35
N ALA B 213 -28.87 -4.19 -39.30
CA ALA B 213 -28.95 -3.46 -38.04
C ALA B 213 -30.09 -2.42 -38.09
N LEU B 214 -30.23 -1.67 -37.01
CA LEU B 214 -31.32 -0.71 -36.81
C LEU B 214 -30.98 0.32 -35.74
N SER B 215 -31.32 1.58 -36.02
CA SER B 215 -31.17 2.68 -35.08
C SER B 215 -32.38 3.59 -35.27
N VAL B 216 -32.67 4.44 -34.30
CA VAL B 216 -33.82 5.34 -34.45
C VAL B 216 -33.67 6.34 -35.63
N PRO B 217 -32.46 6.91 -35.85
CA PRO B 217 -32.31 7.78 -37.03
C PRO B 217 -32.63 7.09 -38.36
N PHE B 218 -32.08 5.90 -38.54
CA PHE B 218 -32.33 5.11 -39.74
C PHE B 218 -33.83 4.87 -39.90
N MET B 219 -34.53 4.71 -38.77
CA MET B 219 -35.97 4.56 -38.77
C MET B 219 -36.62 5.87 -39.29
N LYS B 220 -36.30 7.04 -38.72
CA LYS B 220 -36.66 8.29 -39.40
C LYS B 220 -36.52 8.26 -40.91
N ARG B 221 -35.38 7.77 -41.38
CA ARG B 221 -35.00 7.99 -42.77
C ARG B 221 -35.53 6.88 -43.71
N THR B 222 -36.09 5.82 -43.14
CA THR B 222 -36.55 4.68 -43.94
C THR B 222 -37.89 4.11 -43.51
N GLY B 223 -38.31 4.45 -42.30
CA GLY B 223 -39.56 3.98 -41.78
C GLY B 223 -39.55 2.53 -41.35
N VAL B 224 -38.36 1.90 -41.27
CA VAL B 224 -38.25 0.50 -40.82
C VAL B 224 -38.26 0.39 -39.30
N LYS B 225 -39.21 -0.38 -38.78
CA LYS B 225 -39.24 -0.61 -37.34
C LYS B 225 -38.93 -2.05 -37.11
N PHE B 226 -38.91 -2.45 -35.85
CA PHE B 226 -38.49 -3.79 -35.52
C PHE B 226 -39.51 -4.80 -35.99
N ASN B 227 -40.76 -4.39 -36.12
CA ASN B 227 -41.80 -5.34 -36.52
C ASN B 227 -41.46 -6.02 -37.83
N GLU B 228 -41.10 -5.23 -38.84
CA GLU B 228 -40.79 -5.80 -40.15
C GLU B 228 -39.60 -6.74 -40.00
N ILE B 229 -38.61 -6.33 -39.20
CA ILE B 229 -37.42 -7.15 -38.97
C ILE B 229 -37.74 -8.50 -38.31
N ILE B 230 -38.58 -8.50 -37.28
CA ILE B 230 -39.00 -9.71 -36.57
C ILE B 230 -39.74 -10.62 -37.52
N ASP B 231 -40.63 -10.02 -38.29
CA ASP B 231 -41.37 -10.73 -39.32
C ASP B 231 -40.42 -11.43 -40.28
N LEU B 232 -39.70 -10.63 -41.06
CA LEU B 232 -38.72 -11.14 -42.01
C LEU B 232 -37.76 -12.17 -41.42
N THR B 233 -37.33 -11.95 -40.19
CA THR B 233 -36.48 -12.90 -39.48
C THR B 233 -37.16 -14.22 -39.20
N LEU B 234 -38.42 -14.18 -38.79
CA LEU B 234 -39.15 -15.39 -38.47
C LEU B 234 -39.53 -16.14 -39.75
N LYS B 235 -39.72 -15.38 -40.81
CA LYS B 235 -40.03 -15.92 -42.13
C LYS B 235 -38.80 -16.52 -42.82
N GLY B 236 -37.62 -16.02 -42.49
CA GLY B 236 -36.41 -16.51 -43.13
C GLY B 236 -36.02 -15.74 -44.37
N ASP B 237 -36.65 -14.59 -44.55
CA ASP B 237 -36.35 -13.72 -45.68
C ASP B 237 -35.11 -12.93 -45.30
N ASN B 238 -34.00 -13.64 -45.15
CA ASN B 238 -32.78 -13.01 -44.67
C ASN B 238 -32.33 -11.86 -45.58
N ARG B 239 -32.11 -12.15 -46.86
CA ARG B 239 -31.60 -11.15 -47.80
C ARG B 239 -32.48 -9.90 -47.94
N THR B 240 -33.79 -10.07 -47.88
CA THR B 240 -34.72 -8.93 -47.90
C THR B 240 -34.43 -8.00 -46.71
N LEU B 241 -34.29 -8.59 -45.53
CA LEU B 241 -33.94 -7.85 -44.34
C LEU B 241 -32.58 -7.18 -44.53
N ARG B 242 -31.58 -7.98 -44.90
CA ARG B 242 -30.26 -7.48 -45.25
C ARG B 242 -30.25 -6.19 -46.08
N GLN B 243 -31.06 -6.10 -47.13
CA GLN B 243 -30.91 -4.93 -47.97
C GLN B 243 -32.11 -4.02 -47.94
N LYS B 244 -32.91 -4.15 -46.89
CA LYS B 244 -33.96 -3.18 -46.58
C LYS B 244 -33.47 -2.38 -45.38
N ALA B 245 -32.49 -2.95 -44.67
CA ALA B 245 -31.93 -2.34 -43.46
C ALA B 245 -30.51 -2.86 -43.15
N PRO B 246 -29.55 -2.57 -44.05
CA PRO B 246 -28.19 -3.15 -43.98
C PRO B 246 -27.38 -2.72 -42.76
N LEU B 247 -26.75 -3.67 -42.07
CA LEU B 247 -25.96 -3.37 -40.88
C LEU B 247 -24.94 -2.25 -41.09
N HIS B 248 -24.10 -2.36 -42.12
CA HIS B 248 -22.99 -1.43 -42.29
C HIS B 248 -23.48 0.02 -42.46
N VAL B 249 -24.65 0.18 -43.08
CA VAL B 249 -25.21 1.51 -43.20
C VAL B 249 -25.58 2.06 -41.81
N VAL B 250 -26.32 1.29 -41.01
CA VAL B 250 -26.78 1.78 -39.70
C VAL B 250 -25.60 2.13 -38.81
N VAL B 251 -24.63 1.22 -38.83
CA VAL B 251 -23.46 1.33 -37.98
C VAL B 251 -22.55 2.48 -38.40
N LEU B 252 -22.15 2.56 -39.66
CA LEU B 252 -21.29 3.67 -40.09
C LEU B 252 -22.02 5.03 -39.99
N ASP B 253 -23.33 5.04 -40.21
CA ASP B 253 -24.13 6.23 -39.97
C ASP B 253 -23.93 6.70 -38.53
N MET B 254 -24.05 5.72 -37.61
CA MET B 254 -23.81 5.94 -36.19
C MET B 254 -22.37 6.46 -35.93
N VAL B 255 -21.39 5.87 -36.59
CA VAL B 255 -20.00 6.27 -36.44
C VAL B 255 -19.86 7.75 -36.74
N VAL B 256 -20.13 8.10 -37.99
CA VAL B 256 -20.00 9.48 -38.45
C VAL B 256 -20.77 10.46 -37.56
N ARG B 257 -22.03 10.13 -37.26
CA ARG B 257 -22.84 11.03 -36.45
C ARG B 257 -22.35 11.13 -35.00
N HIS B 258 -21.53 10.19 -34.54
CA HIS B 258 -21.18 10.21 -33.12
C HIS B 258 -19.68 10.13 -32.81
N LEU B 259 -18.92 9.38 -33.59
CA LEU B 259 -17.49 9.27 -33.33
C LEU B 259 -16.77 10.46 -33.97
N PRO B 260 -15.75 10.99 -33.30
CA PRO B 260 -15.17 12.26 -33.69
C PRO B 260 -14.10 12.18 -34.77
N SER B 261 -14.03 13.23 -35.57
CA SER B 261 -12.94 13.40 -36.52
C SER B 261 -11.61 13.45 -35.77
N PRO B 262 -10.49 13.23 -36.46
CA PRO B 262 -9.23 13.38 -35.75
C PRO B 262 -9.02 14.82 -35.21
N ILE B 263 -9.33 15.83 -36.03
CA ILE B 263 -9.06 17.20 -35.63
C ILE B 263 -10.01 17.71 -34.52
N GLU B 264 -11.26 17.24 -34.50
CA GLU B 264 -12.12 17.50 -33.35
C GLU B 264 -11.53 16.92 -32.04
N ALA B 265 -10.80 15.82 -32.14
CA ALA B 265 -10.50 14.99 -30.97
C ALA B 265 -9.10 15.19 -30.39
N GLN B 266 -8.07 15.37 -31.24
CA GLN B 266 -6.70 15.52 -30.71
C GLN B 266 -6.53 16.78 -29.86
N LYS B 267 -7.45 17.74 -30.05
CA LYS B 267 -7.56 18.93 -29.22
C LYS B 267 -7.72 18.60 -27.72
N TYR B 268 -8.19 17.39 -27.40
CA TYR B 268 -8.31 16.97 -26.00
C TYR B 268 -7.57 15.66 -25.78
N ARG B 269 -7.26 15.00 -26.88
CA ARG B 269 -6.52 13.76 -26.85
C ARG B 269 -5.04 14.03 -26.61
N ILE B 270 -4.40 14.81 -27.49
CA ILE B 270 -2.95 15.03 -27.42
C ILE B 270 -2.33 15.43 -26.06
N PRO B 271 -3.00 16.31 -25.27
CA PRO B 271 -2.41 16.60 -23.95
C PRO B 271 -2.29 15.40 -23.00
N HIS B 272 -3.39 14.72 -22.74
CA HIS B 272 -3.36 13.51 -21.89
C HIS B 272 -2.66 12.33 -22.61
N LEU B 273 -2.55 12.33 -23.95
CA LEU B 273 -1.84 11.24 -24.61
C LEU B 273 -0.32 11.39 -24.47
N TRP B 274 0.16 12.64 -24.39
CA TRP B 274 1.60 12.89 -24.33
C TRP B 274 2.01 13.81 -23.16
N GLU B 275 3.17 13.53 -22.58
CA GLU B 275 3.62 14.12 -21.31
C GLU B 275 4.44 15.41 -21.49
N GLY B 276 4.46 15.95 -22.70
CA GLY B 276 5.25 17.12 -23.00
C GLY B 276 4.36 18.33 -22.81
N ASP B 277 4.70 19.43 -23.47
CA ASP B 277 3.90 20.64 -23.30
C ASP B 277 3.36 21.03 -24.68
N ILE B 278 2.10 21.42 -24.69
CA ILE B 278 1.35 21.68 -25.92
C ILE B 278 1.68 23.04 -26.53
N SER B 279 2.15 23.98 -25.71
CA SER B 279 2.47 25.33 -26.18
C SER B 279 3.67 25.33 -27.13
N SER B 280 4.47 24.25 -27.08
CA SER B 280 5.42 23.94 -28.15
C SER B 280 4.71 24.11 -29.50
N ASP B 281 5.43 24.56 -30.54
CA ASP B 281 4.83 24.66 -31.86
C ASP B 281 4.57 23.30 -32.52
N ILE B 282 5.23 22.26 -32.02
CA ILE B 282 4.93 20.90 -32.44
C ILE B 282 3.65 20.50 -31.70
N GLY B 283 3.36 21.23 -30.63
CA GLY B 283 2.17 20.99 -29.83
C GLY B 283 0.84 21.30 -30.49
N GLN B 284 0.73 22.44 -31.19
CA GLN B 284 -0.52 22.74 -31.92
C GLN B 284 -0.38 22.46 -33.39
N ALA B 285 0.63 21.69 -33.73
CA ALA B 285 0.60 20.94 -34.97
C ALA B 285 -0.27 19.71 -34.70
N MET B 286 -0.04 19.12 -33.53
CA MET B 286 -0.79 17.94 -33.05
C MET B 286 -2.10 18.30 -32.33
N LEU B 287 -2.17 19.49 -31.74
CA LEU B 287 -3.36 19.88 -30.98
C LEU B 287 -4.53 20.05 -31.95
N ASN B 288 -4.32 20.81 -33.02
CA ASN B 288 -5.20 20.70 -34.18
C ASN B 288 -4.59 19.64 -35.11
N CYS B 289 -5.02 19.61 -36.37
CA CYS B 289 -4.49 18.61 -37.30
C CYS B 289 -3.86 19.35 -38.51
N ASP B 290 -2.69 19.96 -38.26
CA ASP B 290 -2.05 20.83 -39.26
C ASP B 290 -1.25 19.96 -40.21
N PRO B 291 -1.68 19.94 -41.49
CA PRO B 291 -1.00 19.16 -42.53
C PRO B 291 0.27 19.81 -43.04
N LYS B 292 0.32 21.14 -43.10
CA LYS B 292 1.49 21.81 -43.68
C LYS B 292 2.51 22.10 -42.59
N GLY B 293 2.16 21.77 -41.35
CA GLY B 293 3.16 21.58 -40.31
C GLY B 293 4.10 20.50 -40.82
N LYS B 294 5.18 20.22 -40.11
CA LYS B 294 5.96 19.08 -40.57
C LYS B 294 5.76 17.91 -39.62
N MET B 295 5.73 16.72 -40.22
CA MET B 295 5.16 15.53 -39.62
C MET B 295 5.57 15.12 -38.21
N VAL B 296 4.60 14.45 -37.58
CA VAL B 296 4.70 13.78 -36.30
C VAL B 296 3.66 12.68 -36.41
N MET B 297 4.10 11.43 -36.22
CA MET B 297 3.24 10.25 -36.30
C MET B 297 3.63 9.22 -35.25
N VAL B 298 2.80 8.17 -35.12
CA VAL B 298 3.12 7.06 -34.22
C VAL B 298 2.87 5.72 -34.94
N VAL B 299 3.70 4.71 -34.69
CA VAL B 299 3.54 3.39 -35.31
C VAL B 299 2.72 2.43 -34.43
N THR B 300 1.71 1.79 -35.03
CA THR B 300 0.82 0.87 -34.29
C THR B 300 1.28 -0.60 -34.30
N LYS B 301 1.62 -1.12 -35.49
CA LYS B 301 2.16 -2.48 -35.64
C LYS B 301 2.88 -2.64 -36.99
N ILE B 302 3.67 -3.70 -37.14
CA ILE B 302 4.42 -3.92 -38.37
C ILE B 302 4.23 -5.36 -38.87
N ILE B 303 4.21 -5.54 -40.19
CA ILE B 303 4.00 -6.85 -40.84
C ILE B 303 5.12 -7.18 -41.82
N ILE B 304 5.38 -8.46 -42.01
CA ILE B 304 6.49 -8.91 -42.84
C ILE B 304 6.04 -9.98 -43.83
N VAL B 311 6.60 -4.07 -43.50
CA VAL B 311 5.75 -2.90 -43.63
C VAL B 311 5.17 -2.46 -42.29
N ALA B 312 5.43 -1.21 -41.92
CA ALA B 312 4.99 -0.65 -40.65
C ALA B 312 3.69 0.15 -40.80
N THR B 313 2.75 -0.10 -39.92
CA THR B 313 1.46 0.60 -39.93
C THR B 313 1.38 1.60 -38.76
N GLY B 314 0.91 2.82 -39.04
CA GLY B 314 0.84 3.82 -37.99
C GLY B 314 -0.07 4.98 -38.27
N ARG B 315 -0.20 5.90 -37.30
CA ARG B 315 -1.08 7.05 -37.43
C ARG B 315 -0.32 8.39 -37.46
N VAL B 316 -0.69 9.27 -38.39
CA VAL B 316 -0.08 10.60 -38.52
C VAL B 316 -0.88 11.66 -37.75
N TRP B 317 -0.27 12.21 -36.69
CA TRP B 317 -0.94 13.15 -35.79
C TRP B 317 -0.85 14.59 -36.30
N SER B 318 0.30 14.95 -36.87
CA SER B 318 0.48 16.31 -37.38
C SER B 318 1.39 16.30 -38.61
N GLY B 319 1.21 17.28 -39.49
CA GLY B 319 2.14 17.47 -40.59
C GLY B 319 1.89 16.54 -41.77
N THR B 320 2.97 16.25 -42.51
CA THR B 320 2.90 15.43 -43.70
C THR B 320 4.21 14.74 -44.05
N VAL B 321 4.17 13.41 -44.10
CA VAL B 321 5.32 12.66 -44.57
C VAL B 321 5.28 12.59 -46.09
N LYS B 322 6.46 12.45 -46.70
CA LYS B 322 6.57 12.17 -48.12
C LYS B 322 7.72 11.20 -48.35
N SER B 323 7.84 10.72 -49.57
CA SER B 323 8.84 9.72 -49.92
C SER B 323 10.24 10.30 -49.82
N GLY B 324 11.16 9.50 -49.30
CA GLY B 324 12.57 9.90 -49.19
C GLY B 324 12.81 10.82 -48.02
N GLN B 325 11.93 10.71 -47.02
CA GLN B 325 12.03 11.52 -45.81
C GLN B 325 12.90 10.84 -44.77
N GLU B 326 13.92 11.56 -44.27
CA GLU B 326 14.70 11.03 -43.15
C GLU B 326 13.95 11.34 -41.85
N VAL B 327 14.10 10.42 -40.90
CA VAL B 327 13.29 10.38 -39.68
C VAL B 327 14.08 9.95 -38.46
N TYR B 328 13.99 10.74 -37.39
CA TYR B 328 14.56 10.32 -36.12
C TYR B 328 13.58 9.35 -35.44
N LEU B 329 13.97 8.10 -35.23
CA LEU B 329 13.14 7.17 -34.48
C LEU B 329 13.51 7.25 -33.00
N ILE B 330 12.68 7.99 -32.28
CA ILE B 330 12.88 8.37 -30.89
C ILE B 330 13.04 7.18 -29.92
N ASN B 331 12.27 6.12 -30.15
CA ASN B 331 12.31 4.93 -29.28
C ASN B 331 13.33 3.85 -29.61
N THR B 332 13.98 3.92 -30.77
CA THR B 332 15.14 3.07 -30.95
C THR B 332 16.42 3.91 -31.06
N LYS B 333 16.34 5.15 -30.57
CA LYS B 333 17.50 6.05 -30.39
C LYS B 333 18.02 6.59 -31.72
N ARG B 334 17.51 6.07 -32.84
CA ARG B 334 18.18 6.27 -34.14
C ARG B 334 17.53 7.25 -35.11
N LYS B 335 17.93 7.10 -36.36
CA LYS B 335 17.36 7.82 -37.49
C LYS B 335 17.62 7.02 -38.77
N ALA B 336 16.76 7.22 -39.76
CA ALA B 336 16.75 6.40 -40.96
C ALA B 336 16.05 7.21 -42.04
N ARG B 337 15.60 6.58 -43.11
CA ARG B 337 14.72 7.30 -44.02
C ARG B 337 13.81 6.36 -44.83
N ILE B 338 12.69 6.93 -45.26
CA ILE B 338 11.50 6.19 -45.67
C ILE B 338 11.56 5.82 -47.14
N GLN B 339 11.32 4.54 -47.44
CA GLN B 339 11.45 4.07 -48.81
C GLN B 339 10.13 4.23 -49.56
N GLN B 340 9.04 3.75 -48.98
CA GLN B 340 7.71 4.01 -49.55
C GLN B 340 6.69 4.35 -48.48
N VAL B 341 5.87 5.35 -48.79
CA VAL B 341 4.75 5.73 -47.94
C VAL B 341 3.47 5.27 -48.64
N GLY B 342 2.40 5.09 -47.88
CA GLY B 342 1.18 4.50 -48.41
C GLY B 342 -0.03 4.64 -47.50
N ILE B 343 -1.20 4.27 -48.02
CA ILE B 343 -2.49 4.40 -47.34
C ILE B 343 -3.18 3.03 -47.44
N TYR B 344 -4.34 2.86 -46.79
CA TYR B 344 -5.12 1.61 -46.82
C TYR B 344 -6.48 1.79 -47.50
N MET B 345 -6.77 0.95 -48.50
CA MET B 345 -8.10 0.81 -49.08
C MET B 345 -8.46 -0.66 -48.89
N GLY B 346 -9.51 -0.92 -48.11
CA GLY B 346 -9.76 -2.27 -47.63
C GLY B 346 -8.54 -2.74 -46.86
N PRO B 347 -8.07 -3.97 -47.15
CA PRO B 347 -6.83 -4.44 -46.52
C PRO B 347 -5.60 -4.15 -47.39
N GLU B 348 -5.84 -3.67 -48.61
CA GLU B 348 -4.75 -3.58 -49.58
C GLU B 348 -4.23 -2.15 -49.69
N ARG B 349 -4.21 -1.61 -50.92
CA ARG B 349 -3.73 -0.25 -51.25
C ARG B 349 -2.19 -0.23 -51.36
N ILE B 350 -1.71 0.56 -52.32
CA ILE B 350 -0.30 0.60 -52.76
C ILE B 350 0.29 1.96 -52.31
N ASN B 351 1.40 2.41 -52.90
CA ASN B 351 2.12 3.57 -52.39
C ASN B 351 1.87 4.90 -53.09
N MET B 352 1.92 5.97 -52.28
CA MET B 352 1.76 7.35 -52.74
C MET B 352 2.95 8.21 -52.35
N GLU B 353 2.77 9.52 -52.42
CA GLU B 353 3.85 10.48 -52.15
C GLU B 353 3.54 11.30 -50.90
N ALA B 354 2.60 12.23 -51.04
CA ALA B 354 2.22 13.11 -49.94
C ALA B 354 0.95 12.63 -49.23
N VAL B 355 1.07 12.34 -47.94
CA VAL B 355 -0.10 12.01 -47.13
C VAL B 355 -0.21 12.99 -45.95
N PRO B 356 -1.37 13.66 -45.80
CA PRO B 356 -1.51 14.63 -44.70
C PRO B 356 -1.69 14.03 -43.30
N ALA B 357 -2.03 14.89 -42.34
CA ALA B 357 -2.25 14.49 -40.95
C ALA B 357 -3.68 14.00 -40.69
N GLY B 358 -3.85 13.23 -39.60
CA GLY B 358 -5.15 12.70 -39.21
C GLY B 358 -5.53 11.40 -39.92
N ASN B 359 -4.61 10.87 -40.71
CA ASN B 359 -4.85 9.67 -41.49
C ASN B 359 -3.97 8.50 -41.03
N ILE B 360 -4.21 7.31 -41.58
CA ILE B 360 -3.47 6.11 -41.21
C ILE B 360 -2.58 5.64 -42.38
N VAL B 361 -1.30 5.40 -42.11
CA VAL B 361 -0.32 5.17 -43.18
C VAL B 361 0.51 3.89 -43.01
N ALA B 362 0.99 3.36 -44.12
CA ALA B 362 1.98 2.28 -44.08
C ALA B 362 3.29 2.79 -44.66
N VAL B 363 4.39 2.48 -43.98
CA VAL B 363 5.72 2.98 -44.33
C VAL B 363 6.69 1.82 -44.38
N THR B 364 7.77 1.96 -45.14
CA THR B 364 8.78 0.92 -45.09
C THR B 364 10.16 1.54 -44.87
N GLY B 365 11.16 0.68 -44.63
CA GLY B 365 12.54 1.05 -44.32
C GLY B 365 12.84 1.15 -42.83
N LEU B 366 11.80 1.03 -42.02
CA LEU B 366 11.91 1.17 -40.57
C LEU B 366 12.06 -0.23 -39.98
N ARG B 367 13.25 -0.83 -40.06
CA ARG B 367 13.40 -2.20 -39.57
C ARG B 367 13.90 -2.30 -38.11
N ASP B 368 14.14 -1.16 -37.47
CA ASP B 368 14.58 -1.19 -36.08
C ASP B 368 13.55 -0.49 -35.20
N ALA B 369 12.51 0.05 -35.84
CA ALA B 369 11.35 0.59 -35.12
C ALA B 369 10.40 -0.53 -34.65
N MET B 370 9.95 -0.44 -33.41
CA MET B 370 9.00 -1.41 -32.86
C MET B 370 7.59 -0.85 -32.97
N ALA B 371 6.62 -1.60 -32.45
CA ALA B 371 5.25 -1.10 -32.36
C ALA B 371 5.06 -0.22 -31.12
N GLY B 372 4.53 0.98 -31.35
CA GLY B 372 4.37 1.97 -30.30
C GLY B 372 5.45 3.03 -30.44
N GLU B 373 6.16 2.96 -31.56
CA GLU B 373 7.35 3.77 -31.80
C GLU B 373 6.89 5.15 -32.31
N THR B 374 7.28 6.20 -31.58
CA THR B 374 6.99 7.58 -31.94
C THR B 374 7.91 8.10 -33.07
N VAL B 375 7.33 8.44 -34.22
CA VAL B 375 8.10 8.86 -35.41
C VAL B 375 7.95 10.32 -35.82
N ALA B 376 9.07 11.02 -35.86
CA ALA B 376 9.15 12.45 -36.12
C ALA B 376 10.56 12.72 -36.68
N GLU B 377 10.77 13.89 -37.27
CA GLU B 377 12.12 14.23 -37.73
C GLU B 377 12.74 15.42 -36.99
N GLU B 378 12.17 15.74 -35.83
CA GLU B 378 12.79 16.55 -34.79
C GLU B 378 12.67 15.64 -33.54
N GLN B 379 13.52 15.79 -32.52
CA GLN B 379 13.39 14.96 -31.31
C GLN B 379 12.61 15.57 -30.11
N ILE B 380 11.46 14.98 -29.75
CA ILE B 380 10.81 15.27 -28.46
C ILE B 380 10.63 13.91 -27.79
N GLU B 381 9.74 13.83 -26.82
CA GLU B 381 9.57 12.62 -26.03
C GLU B 381 8.43 11.80 -26.59
N PRO B 382 8.56 10.46 -26.56
CA PRO B 382 7.57 9.57 -27.16
C PRO B 382 6.27 9.48 -26.34
N PHE B 383 5.26 8.80 -26.92
CA PHE B 383 3.97 8.69 -26.25
C PHE B 383 4.01 7.58 -25.22
N GLU B 384 4.89 6.59 -25.45
CA GLU B 384 5.06 5.50 -24.49
C GLU B 384 6.53 5.42 -24.14
N ALA B 385 6.83 4.74 -23.04
CA ALA B 385 8.19 4.73 -22.52
C ALA B 385 9.08 3.88 -23.42
N LEU B 386 10.32 4.31 -23.61
CA LEU B 386 11.30 3.46 -24.27
C LEU B 386 11.67 2.37 -23.25
N HIS B 387 11.32 1.11 -23.54
CA HIS B 387 11.51 0.08 -22.53
C HIS B 387 12.80 -0.67 -22.77
N TYR B 388 13.59 -0.82 -21.72
CA TYR B 388 14.90 -1.43 -21.81
C TYR B 388 14.75 -2.96 -21.83
N VAL B 389 15.66 -3.66 -22.53
CA VAL B 389 15.59 -5.11 -22.71
C VAL B 389 16.44 -5.74 -21.58
N SER B 390 15.76 -6.24 -20.56
CA SER B 390 16.39 -7.06 -19.53
C SER B 390 16.69 -8.47 -19.99
N GLU B 391 17.44 -9.18 -19.16
CA GLU B 391 17.81 -10.54 -19.47
C GLU B 391 16.91 -11.45 -18.63
N PRO B 392 16.64 -12.66 -19.14
CA PRO B 392 15.63 -13.56 -18.59
C PRO B 392 15.83 -14.01 -17.16
N VAL B 393 14.71 -14.16 -16.45
CA VAL B 393 14.70 -14.51 -15.04
C VAL B 393 13.94 -15.81 -14.82
N VAL B 394 13.31 -16.33 -15.87
CA VAL B 394 12.56 -17.56 -15.66
C VAL B 394 12.86 -18.47 -16.85
N THR B 395 12.85 -19.78 -16.60
CA THR B 395 13.29 -20.75 -17.60
C THR B 395 12.42 -22.02 -17.53
N VAL B 396 12.04 -22.55 -18.69
CA VAL B 396 11.40 -23.84 -18.76
C VAL B 396 12.03 -24.69 -19.85
N ALA B 397 11.97 -26.00 -19.66
CA ALA B 397 12.46 -26.94 -20.67
C ALA B 397 11.31 -27.59 -21.45
N ILE B 398 11.50 -27.72 -22.76
CA ILE B 398 10.44 -28.20 -23.64
C ILE B 398 10.89 -29.33 -24.58
N GLU B 399 10.00 -30.28 -24.84
CA GLU B 399 10.29 -31.36 -25.79
C GLU B 399 8.98 -31.69 -26.55
N ALA B 400 9.05 -31.85 -27.87
CA ALA B 400 7.87 -32.26 -28.64
C ALA B 400 7.40 -33.64 -28.16
N LYS B 401 6.09 -33.81 -28.08
CA LYS B 401 5.48 -35.07 -27.62
C LYS B 401 5.56 -36.19 -28.66
N ASN B 402 5.43 -35.78 -29.92
CA ASN B 402 5.43 -36.65 -31.08
C ASN B 402 6.64 -36.35 -32.00
N VAL B 403 7.40 -37.40 -32.29
CA VAL B 403 8.64 -37.31 -33.09
C VAL B 403 8.52 -36.52 -34.40
N LYS B 404 7.34 -36.55 -35.03
CA LYS B 404 7.28 -35.98 -36.37
C LYS B 404 7.40 -34.45 -36.32
N ASP B 405 7.24 -33.89 -35.11
CA ASP B 405 7.42 -32.44 -34.91
C ASP B 405 8.75 -32.01 -34.35
N LEU B 406 9.75 -32.89 -34.34
CA LEU B 406 11.05 -32.44 -33.82
C LEU B 406 11.65 -31.22 -34.56
N PRO B 407 11.70 -31.22 -35.90
CA PRO B 407 12.53 -30.18 -36.53
C PRO B 407 11.90 -28.78 -36.48
N ARG B 408 10.60 -28.72 -36.79
CA ARG B 408 9.85 -27.46 -36.81
C ARG B 408 9.94 -26.65 -35.53
N LEU B 409 9.69 -27.32 -34.40
CA LEU B 409 9.87 -26.74 -33.08
C LEU B 409 11.25 -26.13 -32.95
N ILE B 410 12.28 -26.88 -33.36
CA ILE B 410 13.65 -26.42 -33.23
C ILE B 410 13.79 -25.08 -33.94
N GLU B 411 12.99 -24.87 -34.97
CA GLU B 411 13.13 -23.65 -35.73
C GLU B 411 12.02 -22.68 -35.37
N ALA B 412 10.91 -23.23 -34.88
CA ALA B 412 9.82 -22.39 -34.34
C ALA B 412 10.37 -21.54 -33.22
N LEU B 413 11.02 -22.20 -32.27
CA LEU B 413 11.52 -21.51 -31.10
C LEU B 413 12.61 -20.56 -31.52
N ARG B 414 13.31 -20.86 -32.61
CA ARG B 414 14.38 -19.95 -32.97
C ARG B 414 13.81 -18.77 -33.71
N GLN B 415 12.67 -18.97 -34.38
CA GLN B 415 11.88 -17.85 -34.87
C GLN B 415 11.55 -16.98 -33.68
N LEU B 416 11.00 -17.63 -32.65
CA LEU B 416 10.49 -16.90 -31.51
C LEU B 416 11.67 -16.32 -30.76
N ALA B 417 12.85 -16.88 -30.97
CA ALA B 417 13.99 -16.34 -30.27
C ALA B 417 14.28 -14.94 -30.78
N LYS B 418 14.05 -14.73 -32.08
CA LYS B 418 14.38 -13.45 -32.68
C LYS B 418 13.19 -12.51 -32.89
N GLU B 419 11.96 -13.00 -32.66
CA GLU B 419 10.79 -12.13 -32.68
C GLU B 419 10.79 -11.24 -31.45
N ASP B 420 11.26 -11.83 -30.34
CA ASP B 420 11.24 -11.18 -29.04
C ASP B 420 12.66 -11.12 -28.43
N PRO B 421 13.20 -9.90 -28.26
CA PRO B 421 14.54 -9.74 -27.68
C PRO B 421 14.66 -10.19 -26.22
N THR B 422 13.55 -10.11 -25.50
CA THR B 422 13.48 -10.52 -24.10
C THR B 422 13.40 -12.06 -23.95
N LEU B 423 13.22 -12.76 -25.07
CA LEU B 423 13.15 -14.22 -25.09
C LEU B 423 14.46 -14.83 -25.56
N HIS B 424 14.89 -15.95 -24.96
CA HIS B 424 16.10 -16.64 -25.40
C HIS B 424 15.88 -18.14 -25.48
N VAL B 425 16.50 -18.84 -26.43
CA VAL B 425 16.36 -20.31 -26.42
C VAL B 425 17.67 -21.03 -26.67
N LYS B 426 17.87 -22.12 -25.94
CA LYS B 426 18.98 -23.02 -26.12
C LYS B 426 18.47 -24.25 -26.86
N ILE B 427 18.98 -24.50 -28.05
CA ILE B 427 18.51 -25.66 -28.79
C ILE B 427 19.34 -26.88 -28.41
N ASP B 428 18.70 -28.03 -28.19
CA ASP B 428 19.48 -29.27 -28.05
C ASP B 428 18.93 -30.37 -28.94
N GLU B 429 19.49 -30.49 -30.15
CA GLU B 429 18.94 -31.39 -31.16
C GLU B 429 19.33 -32.84 -30.95
N GLU B 430 19.89 -33.16 -29.80
CA GLU B 430 20.41 -34.50 -29.57
C GLU B 430 19.68 -35.09 -28.40
N THR B 431 19.14 -34.22 -27.55
CA THR B 431 18.39 -34.66 -26.38
C THR B 431 16.92 -34.47 -26.69
N GLY B 432 16.63 -33.45 -27.51
CA GLY B 432 15.25 -33.16 -27.85
C GLY B 432 14.61 -32.24 -26.84
N GLN B 433 15.44 -31.63 -26.00
CA GLN B 433 14.95 -30.82 -24.91
C GLN B 433 15.62 -29.45 -25.00
N HIS B 434 14.78 -28.45 -25.24
CA HIS B 434 15.22 -27.08 -25.51
C HIS B 434 14.95 -26.22 -24.31
N LEU B 435 15.79 -25.19 -24.11
CA LEU B 435 15.58 -24.33 -22.99
C LEU B 435 15.00 -23.02 -23.43
N LEU B 436 13.80 -22.69 -22.93
CA LEU B 436 13.14 -21.41 -23.17
C LEU B 436 13.21 -20.49 -21.93
N SER B 437 13.84 -19.34 -22.11
CA SER B 437 14.00 -18.41 -20.98
C SER B 437 13.43 -17.05 -21.29
N GLY B 438 12.63 -16.56 -20.36
CA GLY B 438 11.98 -15.29 -20.54
C GLY B 438 11.89 -14.53 -19.25
N MET B 439 10.90 -13.62 -19.22
CA MET B 439 10.76 -12.60 -18.20
C MET B 439 9.82 -12.94 -17.08
N GLY B 440 9.00 -13.96 -17.29
CA GLY B 440 8.00 -14.39 -16.32
C GLY B 440 7.14 -15.52 -16.83
N GLU B 441 6.24 -15.98 -15.96
CA GLU B 441 5.27 -17.04 -16.25
C GLU B 441 4.33 -16.83 -17.46
N LEU B 442 3.62 -15.71 -17.51
CA LEU B 442 2.71 -15.45 -18.63
C LEU B 442 3.47 -15.27 -19.92
N HIS B 443 4.61 -14.61 -19.80
CA HIS B 443 5.50 -14.42 -20.96
C HIS B 443 5.81 -15.77 -21.62
N LEU B 444 6.22 -16.76 -20.82
CA LEU B 444 6.49 -18.08 -21.35
C LEU B 444 5.22 -18.79 -21.84
N GLU B 445 4.11 -18.60 -21.15
CA GLU B 445 2.92 -19.40 -21.49
C GLU B 445 2.23 -18.89 -22.77
N VAL B 446 2.49 -17.62 -23.09
CA VAL B 446 2.13 -17.12 -24.41
C VAL B 446 2.77 -17.95 -25.49
N LYS B 447 4.10 -18.07 -25.42
CA LYS B 447 4.88 -18.81 -26.41
C LYS B 447 4.53 -20.31 -26.40
N LEU B 448 4.31 -20.85 -25.22
CA LEU B 448 3.87 -22.24 -25.10
C LEU B 448 2.58 -22.57 -25.85
N TYR B 449 1.53 -21.75 -25.73
CA TYR B 449 0.38 -22.20 -26.51
C TYR B 449 0.23 -21.39 -27.81
N LYS B 450 1.24 -20.58 -28.18
CA LYS B 450 1.39 -20.24 -29.60
C LYS B 450 2.05 -21.41 -30.30
N LEU B 451 2.85 -22.17 -29.56
CA LEU B 451 3.44 -23.39 -30.07
C LEU B 451 2.37 -24.46 -30.19
N LYS B 452 1.39 -24.44 -29.29
CA LYS B 452 0.21 -25.28 -29.52
C LYS B 452 -0.82 -24.80 -30.58
N LYS B 453 -1.02 -23.49 -30.73
CA LYS B 453 -2.16 -23.01 -31.54
C LYS B 453 -1.80 -22.65 -33.00
N ASP B 454 -0.53 -22.37 -33.25
CA ASP B 454 -0.08 -21.85 -34.56
C ASP B 454 0.67 -22.89 -35.37
N TRP B 455 1.40 -23.78 -34.70
CA TRP B 455 2.34 -24.68 -35.38
C TRP B 455 2.02 -26.16 -35.63
N GLY B 456 1.14 -26.83 -34.88
CA GLY B 456 0.55 -26.42 -33.62
C GLY B 456 0.85 -27.55 -32.64
N ILE B 457 2.15 -27.72 -32.44
CA ILE B 457 2.82 -28.82 -31.73
C ILE B 457 2.43 -29.13 -30.28
N ASP B 458 1.94 -30.34 -30.03
CA ASP B 458 1.67 -30.75 -28.66
C ASP B 458 2.98 -31.15 -27.98
N ILE B 459 3.22 -30.56 -26.80
CA ILE B 459 4.55 -30.59 -26.19
C ILE B 459 4.53 -30.81 -24.69
N GLU B 460 5.62 -31.31 -24.16
CA GLU B 460 5.74 -31.45 -22.73
C GLU B 460 6.71 -30.36 -22.23
N VAL B 461 6.24 -29.60 -21.24
CA VAL B 461 7.02 -28.52 -20.66
C VAL B 461 7.34 -28.74 -19.20
N SER B 462 8.61 -28.52 -18.86
CA SER B 462 9.08 -28.67 -17.49
C SER B 462 8.50 -27.60 -16.58
N GLU B 463 8.66 -27.86 -15.29
CA GLU B 463 8.46 -26.86 -14.26
C GLU B 463 9.38 -25.71 -14.61
N PRO B 464 9.01 -24.50 -14.20
CA PRO B 464 9.85 -23.32 -14.45
C PRO B 464 10.88 -23.16 -13.35
N ILE B 465 12.03 -22.59 -13.68
CA ILE B 465 12.99 -22.33 -12.63
C ILE B 465 13.37 -20.85 -12.65
N VAL B 466 13.61 -20.29 -11.46
CA VAL B 466 13.97 -18.87 -11.34
C VAL B 466 15.49 -18.68 -11.41
N VAL B 467 15.92 -17.72 -12.22
CA VAL B 467 17.29 -17.31 -12.30
C VAL B 467 17.76 -16.56 -11.06
N TYR B 468 18.52 -17.23 -10.20
CA TYR B 468 19.08 -16.55 -9.03
C TYR B 468 20.48 -16.00 -9.35
N ARG B 469 21.06 -15.18 -8.45
CA ARG B 469 22.42 -14.65 -8.59
C ARG B 469 23.17 -14.56 -7.27
N GLU B 470 24.50 -14.36 -7.31
CA GLU B 470 25.24 -14.33 -6.04
C GLU B 470 25.96 -12.99 -5.77
N SER B 471 26.08 -12.68 -4.49
CA SER B 471 26.86 -11.53 -4.11
C SER B 471 27.42 -11.57 -2.69
N ILE B 472 28.00 -10.47 -2.26
CA ILE B 472 28.56 -10.40 -0.92
C ILE B 472 28.00 -9.17 -0.27
N THR B 473 28.16 -9.12 1.06
CA THR B 473 27.61 -8.11 1.94
C THR B 473 28.70 -7.16 2.44
N LYS B 474 29.90 -7.67 2.68
CA LYS B 474 30.94 -6.86 3.27
C LYS B 474 32.29 -6.95 2.53
N SER B 475 33.21 -6.06 2.85
CA SER B 475 34.55 -6.15 2.26
C SER B 475 35.19 -7.43 2.80
N SER B 476 36.11 -8.01 2.04
CA SER B 476 36.82 -9.20 2.49
C SER B 476 38.19 -8.77 3.03
N PRO B 477 38.79 -9.63 3.87
CA PRO B 477 40.20 -9.50 4.22
C PRO B 477 41.06 -9.82 2.99
N MET B 478 42.38 -9.64 3.05
CA MET B 478 43.18 -9.94 1.87
C MET B 478 43.33 -11.46 1.77
N VAL B 479 43.30 -11.98 0.55
CA VAL B 479 43.36 -13.42 0.32
C VAL B 479 44.41 -13.65 -0.75
N GLU B 480 45.14 -14.75 -0.63
CA GLU B 480 46.17 -15.04 -1.60
C GLU B 480 45.76 -16.24 -2.39
N GLY B 481 46.10 -16.24 -3.65
CA GLY B 481 45.85 -17.36 -4.54
C GLY B 481 47.21 -17.80 -5.04
N LYS B 482 47.67 -18.91 -4.50
CA LYS B 482 48.89 -19.56 -4.93
C LYS B 482 48.42 -20.46 -6.08
N SER B 483 49.14 -20.42 -7.20
CA SER B 483 48.89 -21.28 -8.37
C SER B 483 49.37 -22.73 -8.16
N PRO B 484 49.07 -23.65 -9.08
CA PRO B 484 49.67 -24.98 -8.83
C PRO B 484 51.24 -25.07 -8.83
N ASN B 485 51.95 -24.36 -9.71
CA ASN B 485 53.41 -24.47 -9.74
C ASN B 485 54.05 -23.74 -8.60
N ARG B 486 53.21 -23.16 -7.75
CA ARG B 486 53.64 -22.43 -6.55
C ARG B 486 54.39 -21.11 -6.90
N HIS B 487 54.52 -20.81 -8.19
CA HIS B 487 55.43 -19.74 -8.66
C HIS B 487 54.76 -18.38 -8.78
N ASN B 488 53.44 -18.41 -8.96
CA ASN B 488 52.68 -17.19 -9.09
C ASN B 488 51.76 -17.07 -7.88
N ARG B 489 51.70 -15.87 -7.30
CA ARG B 489 50.78 -15.60 -6.19
C ARG B 489 49.91 -14.40 -6.53
N PHE B 490 48.72 -14.33 -5.95
CA PHE B 490 47.87 -13.19 -6.22
C PHE B 490 47.16 -12.74 -4.95
N TYR B 491 47.36 -11.49 -4.57
CA TYR B 491 46.79 -10.97 -3.34
C TYR B 491 45.67 -9.99 -3.68
N ILE B 492 44.45 -10.43 -3.34
CA ILE B 492 43.22 -9.74 -3.71
C ILE B 492 42.35 -9.39 -2.49
N VAL B 493 41.39 -8.50 -2.71
CA VAL B 493 40.24 -8.33 -1.81
C VAL B 493 39.00 -8.20 -2.69
N VAL B 494 37.84 -8.62 -2.18
CA VAL B 494 36.57 -8.34 -2.84
C VAL B 494 35.73 -7.51 -1.91
N GLU B 495 34.92 -6.67 -2.52
CA GLU B 495 34.07 -5.71 -1.83
C GLU B 495 32.69 -5.64 -2.47
N PRO B 496 31.66 -5.38 -1.65
CA PRO B 496 30.34 -5.19 -2.24
C PRO B 496 30.33 -3.98 -3.16
N MET B 497 29.68 -4.09 -4.32
CA MET B 497 29.61 -3.00 -5.27
C MET B 497 28.46 -2.05 -4.94
N PRO B 498 28.77 -0.75 -4.78
CA PRO B 498 27.78 0.31 -4.55
C PRO B 498 26.68 0.38 -5.60
N ASP B 499 25.43 0.62 -5.17
CA ASP B 499 24.32 0.46 -6.11
C ASP B 499 24.32 1.50 -7.21
N GLU B 500 24.95 2.64 -6.98
CA GLU B 500 25.04 3.68 -8.00
C GLU B 500 25.94 3.20 -9.14
N ILE B 501 27.03 2.54 -8.78
CA ILE B 501 27.98 2.05 -9.77
C ILE B 501 27.39 0.84 -10.51
N TYR B 502 26.74 -0.08 -9.77
CA TYR B 502 26.10 -1.26 -10.38
C TYR B 502 25.05 -0.82 -11.39
N ASN B 503 24.14 0.06 -10.94
CA ASN B 503 23.15 0.69 -11.82
C ASN B 503 23.84 1.29 -13.04
N ALA B 504 24.82 2.14 -12.77
CA ALA B 504 25.60 2.78 -13.80
C ALA B 504 25.98 1.75 -14.86
N ILE B 505 26.45 0.58 -14.39
CA ILE B 505 26.85 -0.53 -15.26
C ILE B 505 25.66 -1.14 -16.00
N LYS B 506 24.49 -1.20 -15.37
CA LYS B 506 23.39 -1.93 -15.98
C LYS B 506 22.59 -1.09 -16.98
N GLU B 507 22.54 0.24 -16.80
CA GLU B 507 21.89 1.09 -17.80
C GLU B 507 22.85 1.57 -18.88
N GLY B 508 24.11 1.14 -18.79
CA GLY B 508 25.08 1.39 -19.84
C GLY B 508 26.02 2.58 -19.68
N ILE B 509 25.78 3.40 -18.66
CA ILE B 509 26.59 4.59 -18.42
C ILE B 509 28.06 4.18 -18.34
N ILE B 510 28.36 3.14 -17.58
CA ILE B 510 29.68 2.54 -17.64
C ILE B 510 29.57 1.31 -18.54
N PRO B 511 30.56 1.11 -19.41
CA PRO B 511 30.33 0.07 -20.42
C PRO B 511 30.89 -1.30 -20.03
N GLU B 512 30.20 -2.33 -20.54
CA GLU B 512 30.61 -3.70 -20.35
C GLU B 512 31.91 -3.94 -21.15
N GLY B 513 32.52 -5.11 -20.99
CA GLY B 513 33.71 -5.43 -21.77
C GLY B 513 35.04 -5.08 -21.12
N ARG B 514 36.14 -5.45 -21.78
CA ARG B 514 37.44 -5.07 -21.27
C ARG B 514 37.61 -3.58 -21.36
N VAL B 515 38.06 -2.92 -20.30
CA VAL B 515 38.07 -1.45 -20.33
C VAL B 515 39.23 -0.94 -21.15
N LYS B 516 38.87 -0.22 -22.20
CA LYS B 516 39.80 0.21 -23.22
C LYS B 516 40.38 1.63 -22.97
N ASN B 517 39.90 2.25 -21.90
CA ASN B 517 40.29 3.61 -21.54
C ASN B 517 39.94 3.85 -20.09
N PRO B 518 40.78 3.29 -19.20
CA PRO B 518 40.60 3.30 -17.75
C PRO B 518 40.50 4.70 -17.21
N LYS B 519 41.36 5.60 -17.68
CA LYS B 519 41.39 6.96 -17.17
C LYS B 519 40.06 7.68 -17.39
N GLU B 520 39.39 7.41 -18.50
CA GLU B 520 38.16 8.13 -18.78
C GLU B 520 36.98 7.54 -17.98
N VAL B 521 36.96 6.21 -17.85
CA VAL B 521 35.96 5.47 -17.07
C VAL B 521 36.08 5.68 -15.54
N ALA B 522 37.30 5.62 -15.03
CA ALA B 522 37.62 5.87 -13.62
C ALA B 522 37.07 7.21 -13.18
N LYS B 523 37.03 8.19 -14.09
CA LYS B 523 36.41 9.47 -13.77
C LYS B 523 34.95 9.28 -13.38
N LYS B 524 34.22 8.46 -14.16
CA LYS B 524 32.80 8.28 -13.90
C LYS B 524 32.58 7.34 -12.72
N LEU B 525 33.57 6.54 -12.36
CA LEU B 525 33.50 5.81 -11.10
C LEU B 525 33.71 6.73 -9.91
N ALA B 526 34.55 7.76 -10.10
CA ALA B 526 34.82 8.69 -9.02
C ALA B 526 33.65 9.67 -8.86
N GLU B 527 32.83 9.82 -9.91
CA GLU B 527 31.61 10.64 -9.84
C GLU B 527 30.59 9.88 -9.00
N LEU B 528 30.47 8.59 -9.29
CA LEU B 528 29.71 7.66 -8.45
C LEU B 528 30.51 7.32 -7.18
N GLY B 529 31.05 8.36 -6.57
CA GLY B 529 31.83 8.29 -5.36
C GLY B 529 32.67 7.08 -5.07
N MET B 530 33.55 6.74 -6.01
CA MET B 530 34.55 5.73 -5.71
C MET B 530 35.89 6.43 -5.60
N ASP B 531 36.67 5.94 -4.66
CA ASP B 531 37.99 6.47 -4.45
C ASP B 531 38.85 6.23 -5.71
N TYR B 532 39.22 7.34 -6.36
CA TYR B 532 39.95 7.33 -7.63
C TYR B 532 41.28 6.58 -7.54
N GLU B 533 41.94 6.66 -6.40
CA GLU B 533 43.23 6.01 -6.31
C GLU B 533 43.03 4.51 -6.19
N ILE B 534 41.76 4.12 -6.21
CA ILE B 534 41.37 2.72 -6.40
C ILE B 534 40.73 2.56 -7.78
N ALA B 535 39.84 3.48 -8.13
CA ALA B 535 39.12 3.41 -9.39
C ALA B 535 39.99 3.48 -10.63
N ARG B 536 41.24 3.89 -10.45
CA ARG B 536 42.12 4.18 -11.60
C ARG B 536 42.72 2.93 -12.22
N GLY B 537 42.94 1.91 -11.40
CA GLY B 537 43.42 0.63 -11.86
C GLY B 537 42.35 -0.29 -12.42
N ILE B 538 41.26 0.30 -12.89
CA ILE B 538 40.16 -0.48 -13.42
C ILE B 538 40.63 -1.20 -14.67
N VAL B 539 40.23 -2.45 -14.81
CA VAL B 539 40.67 -3.33 -15.90
C VAL B 539 39.53 -3.91 -16.71
N ASP B 540 38.49 -4.39 -16.02
CA ASP B 540 37.39 -5.07 -16.73
C ASP B 540 36.00 -4.92 -16.11
N ILE B 541 34.99 -4.82 -16.96
CA ILE B 541 33.58 -4.84 -16.51
C ILE B 541 32.94 -6.13 -16.96
N TYR B 542 32.45 -6.94 -16.04
CA TYR B 542 31.89 -8.25 -16.41
C TYR B 542 30.68 -8.65 -15.59
N ASN B 543 29.53 -8.49 -16.26
CA ASN B 543 28.21 -8.87 -15.74
C ASN B 543 27.95 -8.32 -14.36
N GLY B 544 28.12 -7.02 -14.15
CA GLY B 544 27.74 -6.46 -12.88
C GLY B 544 28.77 -6.64 -11.80
N ASN B 545 30.00 -6.92 -12.24
CA ASN B 545 31.16 -7.02 -11.37
C ASN B 545 32.23 -6.28 -12.07
N MET B 546 33.30 -5.95 -11.37
CA MET B 546 34.45 -5.35 -12.07
C MET B 546 35.75 -5.78 -11.45
N PHE B 547 36.79 -5.71 -12.26
CA PHE B 547 38.13 -6.12 -11.86
C PHE B 547 39.09 -4.94 -11.98
N ILE B 548 39.79 -4.69 -10.89
CA ILE B 548 40.70 -3.55 -10.71
C ILE B 548 42.15 -3.99 -10.41
N ASP B 549 43.13 -3.34 -11.06
CA ASP B 549 44.54 -3.60 -10.77
C ASP B 549 45.08 -2.46 -9.89
N ASN B 550 45.30 -2.73 -8.61
CA ASN B 550 45.84 -1.72 -7.68
C ASN B 550 47.20 -2.15 -7.19
N THR B 551 48.01 -2.66 -8.12
CA THR B 551 49.34 -3.17 -7.82
C THR B 551 50.42 -2.16 -8.13
N LYS B 552 51.53 -2.28 -7.39
CA LYS B 552 52.68 -1.38 -7.46
C LYS B 552 53.90 -2.02 -8.14
N GLY B 553 54.14 -1.72 -9.41
CA GLY B 553 55.36 -2.17 -10.04
C GLY B 553 55.56 -3.67 -9.92
N VAL B 554 54.68 -4.44 -10.54
CA VAL B 554 54.81 -5.89 -10.52
C VAL B 554 55.25 -6.40 -11.90
N GLN B 555 56.42 -7.00 -11.96
CA GLN B 555 56.97 -7.44 -13.23
C GLN B 555 56.26 -8.68 -13.77
N TYR B 556 56.04 -8.70 -15.08
CA TYR B 556 55.49 -9.86 -15.83
C TYR B 556 53.97 -9.97 -15.69
N LEU B 557 53.37 -9.04 -14.95
CA LEU B 557 51.93 -8.97 -14.81
C LEU B 557 51.25 -8.75 -16.15
N ASN B 558 51.79 -7.83 -16.96
CA ASN B 558 51.13 -7.44 -18.20
C ASN B 558 50.94 -8.58 -19.20
N GLU B 559 51.64 -9.70 -18.97
CA GLU B 559 51.51 -10.84 -19.85
C GLU B 559 50.44 -11.78 -19.32
N VAL B 560 50.17 -11.76 -18.01
CA VAL B 560 49.16 -12.68 -17.46
C VAL B 560 47.78 -12.01 -17.31
N MET B 561 47.77 -10.69 -17.33
CA MET B 561 46.55 -9.93 -17.08
C MET B 561 45.34 -10.44 -17.88
N ASP B 562 45.55 -10.89 -19.12
CA ASP B 562 44.45 -11.48 -19.90
C ASP B 562 43.95 -12.80 -19.29
N LEU B 563 44.90 -13.64 -18.89
CA LEU B 563 44.56 -14.87 -18.23
C LEU B 563 43.82 -14.60 -16.92
N LEU B 564 44.33 -13.67 -16.12
CA LEU B 564 43.65 -13.26 -14.90
C LEU B 564 42.21 -12.83 -15.19
N ILE B 565 41.97 -12.05 -16.25
CA ILE B 565 40.59 -11.69 -16.53
C ILE B 565 39.74 -12.90 -16.91
N ASP B 566 40.33 -13.83 -17.63
CA ASP B 566 39.60 -15.07 -17.92
C ASP B 566 39.21 -15.80 -16.64
N GLY B 567 40.12 -15.83 -15.68
CA GLY B 567 39.86 -16.46 -14.40
C GLY B 567 38.75 -15.73 -13.65
N PHE B 568 38.84 -14.41 -13.64
CA PHE B 568 37.82 -13.53 -13.05
C PHE B 568 36.44 -13.89 -13.61
N HIS B 569 36.34 -13.91 -14.93
CA HIS B 569 35.10 -14.27 -15.58
C HIS B 569 34.66 -15.63 -15.10
N GLN B 570 35.62 -16.54 -14.94
CA GLN B 570 35.25 -17.89 -14.49
C GLN B 570 34.67 -17.91 -13.09
N ALA B 571 35.23 -17.13 -12.16
CA ALA B 571 34.66 -17.14 -10.81
C ALA B 571 33.26 -16.44 -10.84
N MET B 572 33.06 -15.50 -11.76
CA MET B 572 31.81 -14.78 -11.75
C MET B 572 30.70 -15.55 -12.43
N ASP B 573 31.06 -16.40 -13.41
CA ASP B 573 30.05 -17.15 -14.15
C ASP B 573 29.32 -18.06 -13.21
N GLU B 574 30.01 -18.68 -12.26
CA GLU B 574 29.32 -19.49 -11.28
C GLU B 574 29.82 -19.15 -9.86
N GLY B 575 28.94 -18.55 -9.05
CA GLY B 575 29.32 -18.11 -7.71
C GLY B 575 29.58 -19.29 -6.80
N PRO B 576 30.16 -19.04 -5.63
CA PRO B 576 30.52 -20.16 -4.77
C PRO B 576 29.41 -20.77 -3.94
N LEU B 577 28.22 -20.16 -3.85
CA LEU B 577 27.13 -20.69 -3.03
C LEU B 577 26.28 -21.78 -3.68
N ALA B 578 25.82 -21.51 -4.89
CA ALA B 578 24.94 -22.45 -5.61
C ALA B 578 25.20 -22.40 -7.13
N ARG B 579 26.45 -22.06 -7.50
CA ARG B 579 26.88 -21.93 -8.88
C ARG B 579 25.97 -20.96 -9.67
N GLU B 580 25.42 -20.00 -8.96
CA GLU B 580 24.63 -19.02 -9.64
C GLU B 580 25.51 -17.83 -10.01
N PRO B 581 25.09 -17.07 -11.04
CA PRO B 581 25.91 -15.96 -11.52
C PRO B 581 26.20 -14.92 -10.47
N VAL B 582 27.38 -14.30 -10.54
CA VAL B 582 27.73 -13.33 -9.51
C VAL B 582 27.43 -11.94 -9.99
N MET B 583 26.89 -11.09 -9.09
CA MET B 583 26.62 -9.70 -9.42
C MET B 583 27.01 -8.81 -8.24
N LYS B 584 27.28 -7.55 -8.59
CA LYS B 584 27.55 -6.49 -7.64
C LYS B 584 28.76 -6.83 -6.81
N VAL B 585 29.81 -7.34 -7.46
CA VAL B 585 31.07 -7.64 -6.75
C VAL B 585 32.22 -6.96 -7.43
N ILE B 586 33.06 -6.35 -6.59
CA ILE B 586 34.27 -5.66 -7.01
C ILE B 586 35.49 -6.43 -6.57
N VAL B 587 36.37 -6.73 -7.52
CA VAL B 587 37.63 -7.40 -7.21
C VAL B 587 38.83 -6.49 -7.37
N ARG B 588 39.62 -6.33 -6.32
CA ARG B 588 40.81 -5.51 -6.42
C ARG B 588 42.06 -6.35 -6.21
N LEU B 589 42.94 -6.33 -7.20
CA LEU B 589 44.23 -7.00 -7.13
C LEU B 589 45.20 -6.02 -6.45
N LEU B 590 45.64 -6.41 -5.26
CA LEU B 590 46.45 -5.53 -4.45
C LEU B 590 47.96 -5.83 -4.64
N ASP B 591 48.32 -7.10 -4.82
CA ASP B 591 49.72 -7.44 -5.07
C ASP B 591 49.87 -8.75 -5.84
N ALA B 592 51.05 -9.01 -6.39
CA ALA B 592 51.27 -10.25 -7.10
C ALA B 592 52.76 -10.56 -7.27
N GLN B 593 53.04 -11.86 -7.42
CA GLN B 593 54.38 -12.37 -7.58
C GLN B 593 54.32 -13.34 -8.75
N VAL B 594 54.73 -12.87 -9.92
CA VAL B 594 54.55 -13.61 -11.17
C VAL B 594 55.91 -14.17 -11.69
N HIS B 595 55.88 -15.33 -12.36
CA HIS B 595 57.09 -15.94 -12.91
C HIS B 595 57.45 -15.29 -14.24
N GLU B 596 58.71 -15.45 -14.67
CA GLU B 596 59.25 -14.69 -15.81
C GLU B 596 59.05 -15.37 -17.18
N ASP B 597 58.62 -16.63 -17.18
CA ASP B 597 58.46 -17.44 -18.41
C ASP B 597 57.03 -17.91 -18.67
N ASN B 598 56.51 -17.68 -19.88
CA ASN B 598 55.13 -17.97 -20.23
C ASN B 598 54.84 -19.47 -20.12
N VAL B 599 55.90 -20.25 -20.03
CA VAL B 599 55.76 -21.69 -19.85
C VAL B 599 55.30 -22.00 -18.42
N HIS B 600 55.58 -21.10 -17.47
CA HIS B 600 55.17 -21.35 -16.09
C HIS B 600 54.04 -20.43 -15.61
N ARG B 601 53.30 -19.84 -16.54
CA ARG B 601 52.21 -18.95 -16.18
C ARG B 601 51.16 -19.06 -17.29
N GLY B 602 50.87 -20.29 -17.68
CA GLY B 602 49.85 -20.54 -18.69
C GLY B 602 48.46 -20.45 -18.08
N PRO B 603 47.43 -20.73 -18.90
CA PRO B 603 46.07 -20.78 -18.36
C PRO B 603 45.94 -21.77 -17.20
N ALA B 604 46.60 -22.92 -17.33
CA ALA B 604 46.44 -24.02 -16.37
C ALA B 604 46.92 -23.71 -14.93
N GLN B 605 47.60 -22.57 -14.75
CA GLN B 605 48.08 -22.25 -13.42
C GLN B 605 47.54 -20.89 -12.94
N ILE B 606 47.32 -19.99 -13.88
CA ILE B 606 46.75 -18.70 -13.54
C ILE B 606 45.26 -18.84 -13.19
N TYR B 607 44.51 -19.61 -13.99
CA TYR B 607 43.09 -19.72 -13.74
C TYR B 607 42.80 -20.19 -12.29
N PRO B 608 43.36 -21.32 -11.89
CA PRO B 608 42.99 -21.75 -10.54
C PRO B 608 43.37 -20.82 -9.42
N ALA B 609 44.45 -20.07 -9.55
CA ALA B 609 44.90 -19.20 -8.46
C ALA B 609 43.90 -18.11 -8.22
N ILE B 610 43.56 -17.40 -9.30
CA ILE B 610 42.70 -16.25 -9.17
C ILE B 610 41.27 -16.68 -8.88
N ARG B 611 40.81 -17.76 -9.51
CA ARG B 611 39.42 -18.17 -9.26
C ARG B 611 39.21 -18.61 -7.81
N THR B 612 40.06 -19.51 -7.31
CA THR B 612 39.73 -19.98 -5.97
C THR B 612 39.99 -18.84 -5.01
N ALA B 613 40.93 -17.96 -5.36
CA ALA B 613 41.19 -16.81 -4.49
C ALA B 613 39.92 -15.96 -4.35
N ILE B 614 39.28 -15.69 -5.48
CA ILE B 614 38.11 -14.82 -5.51
C ILE B 614 36.94 -15.41 -4.75
N HIS B 615 36.66 -16.68 -5.00
CA HIS B 615 35.61 -17.35 -4.24
C HIS B 615 35.90 -17.37 -2.74
N CYS B 616 37.15 -17.63 -2.38
CA CYS B 616 37.53 -17.64 -0.97
C CYS B 616 37.23 -16.29 -0.30
N ALA B 617 37.68 -15.22 -0.94
CA ALA B 617 37.37 -13.89 -0.45
C ALA B 617 35.85 -13.78 -0.27
N MET B 618 35.10 -14.21 -1.29
CA MET B 618 33.64 -14.09 -1.27
C MET B 618 33.05 -14.78 -0.05
N MET B 619 33.50 -16.01 0.21
CA MET B 619 33.02 -16.75 1.38
C MET B 619 33.43 -16.06 2.68
N LYS B 620 34.47 -15.23 2.64
CA LYS B 620 34.84 -14.48 3.83
C LYS B 620 34.12 -13.11 3.90
N SER B 621 33.31 -12.81 2.90
CA SER B 621 32.66 -11.50 2.75
C SER B 621 31.13 -11.55 2.92
N ASN B 622 30.65 -12.56 3.66
CA ASN B 622 29.22 -12.89 3.80
C ASN B 622 28.50 -13.06 2.45
N PRO B 623 28.66 -14.24 1.83
CA PRO B 623 28.07 -14.54 0.53
C PRO B 623 26.59 -14.70 0.72
N VAL B 624 25.79 -14.18 -0.21
CA VAL B 624 24.33 -14.18 -0.10
C VAL B 624 23.68 -14.41 -1.47
N LEU B 625 22.40 -14.80 -1.47
CA LEU B 625 21.63 -14.89 -2.70
C LEU B 625 20.95 -13.58 -3.07
N TYR B 626 20.85 -13.30 -4.37
CA TYR B 626 19.99 -12.22 -4.88
C TYR B 626 19.00 -12.87 -5.81
N GLU B 627 17.71 -12.47 -5.68
CA GLU B 627 16.63 -13.00 -6.52
C GLU B 627 16.00 -11.90 -7.34
N PRO B 628 15.45 -12.22 -8.51
CA PRO B 628 14.75 -11.18 -9.29
C PRO B 628 13.35 -10.85 -8.75
N TYR B 629 13.04 -9.58 -8.95
CA TYR B 629 11.78 -8.96 -8.67
C TYR B 629 11.08 -8.45 -9.92
N GLN B 630 9.79 -8.19 -9.76
CA GLN B 630 8.95 -7.54 -10.76
C GLN B 630 8.32 -6.30 -10.19
N LYS B 631 8.28 -5.30 -11.05
CA LYS B 631 7.39 -4.18 -10.89
C LYS B 631 6.07 -4.67 -11.44
N VAL B 632 5.07 -4.72 -10.58
CA VAL B 632 3.75 -5.13 -10.99
C VAL B 632 2.89 -3.89 -11.00
N ILE B 633 2.24 -3.67 -12.14
CA ILE B 633 1.33 -2.56 -12.30
C ILE B 633 -0.12 -3.06 -12.42
N ILE B 634 -0.93 -2.83 -11.41
CA ILE B 634 -2.30 -3.35 -11.34
C ILE B 634 -3.42 -2.28 -11.41
N ASN B 635 -4.29 -2.35 -12.39
CA ASN B 635 -5.33 -1.34 -12.55
C ASN B 635 -6.72 -1.88 -12.24
N ILE B 636 -7.41 -1.29 -11.26
CA ILE B 636 -8.69 -1.86 -10.81
C ILE B 636 -9.80 -0.88 -10.38
N PRO B 637 -11.05 -1.35 -10.34
CA PRO B 637 -12.00 -0.50 -9.63
C PRO B 637 -11.79 -0.64 -8.12
N TYR B 638 -11.91 0.48 -7.39
CA TYR B 638 -11.46 0.55 -6.00
C TYR B 638 -11.94 -0.59 -5.07
N GLU B 639 -13.17 -1.09 -5.27
CA GLU B 639 -13.74 -2.11 -4.39
C GLU B 639 -12.86 -3.32 -4.22
N TYR B 640 -11.90 -3.51 -5.12
CA TYR B 640 -11.05 -4.71 -5.08
C TYR B 640 -9.69 -4.54 -4.43
N MET B 641 -9.31 -3.30 -4.12
CA MET B 641 -7.91 -3.15 -3.78
C MET B 641 -7.47 -3.89 -2.52
N GLY B 642 -8.31 -3.89 -1.50
CA GLY B 642 -7.98 -4.59 -0.28
C GLY B 642 -7.58 -6.02 -0.61
N ALA B 643 -8.28 -6.61 -1.58
CA ALA B 643 -8.01 -7.96 -2.03
C ALA B 643 -6.67 -8.03 -2.68
N VAL B 644 -6.48 -7.14 -3.65
CA VAL B 644 -5.21 -7.03 -4.37
C VAL B 644 -4.08 -6.88 -3.38
N SER B 645 -4.22 -5.90 -2.49
CA SER B 645 -3.21 -5.66 -1.49
C SER B 645 -2.87 -6.98 -0.82
N ARG B 646 -3.90 -7.72 -0.43
CA ARG B 646 -3.65 -8.84 0.42
C ARG B 646 -2.87 -9.85 -0.40
N GLU B 647 -3.26 -10.00 -1.65
CA GLU B 647 -2.64 -10.97 -2.54
C GLU B 647 -1.13 -10.69 -2.56
N ILE B 648 -0.76 -9.42 -2.75
CA ILE B 648 0.62 -9.01 -2.84
C ILE B 648 1.39 -9.22 -1.54
N THR B 649 0.76 -8.93 -0.44
CA THR B 649 1.37 -9.12 0.86
C THR B 649 1.73 -10.57 0.99
N GLN B 650 0.83 -11.41 0.48
CA GLN B 650 0.99 -12.85 0.57
C GLN B 650 1.99 -13.38 -0.42
N ARG B 651 2.57 -12.53 -1.23
CA ARG B 651 3.56 -13.02 -2.16
C ARG B 651 4.90 -12.34 -1.90
N ARG B 652 5.19 -12.04 -0.64
CA ARG B 652 6.40 -11.33 -0.22
C ARG B 652 6.50 -10.08 -1.06
N GLY B 653 5.33 -9.52 -1.38
CA GLY B 653 5.23 -8.33 -2.22
C GLY B 653 5.07 -7.12 -1.34
N GLN B 654 5.35 -5.96 -1.91
CA GLN B 654 5.18 -4.70 -1.21
C GLN B 654 4.58 -3.64 -2.14
N LEU B 655 3.63 -2.86 -1.61
CA LEU B 655 3.07 -1.79 -2.42
C LEU B 655 4.02 -0.58 -2.43
N VAL B 656 4.32 -0.09 -3.62
CA VAL B 656 5.30 0.98 -3.86
C VAL B 656 4.65 2.35 -4.07
N ASP B 657 3.59 2.36 -4.85
CA ASP B 657 2.87 3.60 -5.19
C ASP B 657 1.41 3.30 -5.43
N MET B 658 0.63 4.36 -5.49
CA MET B 658 -0.83 4.27 -5.58
C MET B 658 -1.38 5.54 -6.25
N LYS B 659 -1.87 5.40 -7.47
CA LYS B 659 -2.42 6.52 -8.24
C LYS B 659 -3.95 6.40 -8.32
N GLN B 660 -4.66 7.50 -8.10
CA GLN B 660 -6.13 7.42 -8.05
C GLN B 660 -6.76 8.31 -9.09
N GLU B 661 -7.74 7.81 -9.82
CA GLU B 661 -8.55 8.67 -10.67
C GLU B 661 -9.99 8.29 -10.45
N GLY B 662 -10.67 9.07 -9.65
CA GLY B 662 -12.04 8.75 -9.35
C GLY B 662 -12.12 7.37 -8.78
N GLU B 663 -12.92 6.50 -9.41
CA GLU B 663 -13.15 5.17 -8.83
C GLU B 663 -12.12 4.18 -9.33
N VAL B 664 -11.33 4.58 -10.33
CA VAL B 664 -10.28 3.69 -10.83
C VAL B 664 -8.98 3.96 -10.09
N MET B 665 -8.29 2.88 -9.80
CA MET B 665 -7.24 2.84 -8.82
C MET B 665 -6.07 2.09 -9.46
N THR B 666 -4.92 2.74 -9.57
CA THR B 666 -3.74 2.04 -10.10
C THR B 666 -2.72 1.79 -9.01
N ILE B 667 -2.43 0.52 -8.77
CA ILE B 667 -1.46 0.16 -7.76
C ILE B 667 -0.11 -0.26 -8.38
N ILE B 668 0.97 0.26 -7.82
CA ILE B 668 2.28 -0.20 -8.21
C ILE B 668 2.96 -0.94 -7.06
N ALA B 669 3.28 -2.21 -7.29
CA ALA B 669 3.89 -3.01 -6.22
C ALA B 669 5.16 -3.74 -6.70
N GLU B 670 5.91 -4.33 -5.76
CA GLU B 670 7.09 -5.11 -6.15
C GLU B 670 7.11 -6.48 -5.51
N ALA B 671 7.42 -7.49 -6.31
CA ALA B 671 7.47 -8.82 -5.72
C ALA B 671 8.51 -9.71 -6.33
N PRO B 672 9.08 -10.60 -5.50
CA PRO B 672 10.02 -11.56 -6.03
C PRO B 672 9.39 -12.51 -7.01
N VAL B 673 9.93 -12.55 -8.23
CA VAL B 673 9.55 -13.49 -9.29
C VAL B 673 9.24 -14.88 -8.75
N ALA B 674 10.07 -15.34 -7.83
CA ALA B 674 9.85 -16.60 -7.18
C ALA B 674 8.50 -16.63 -6.40
N GLU B 675 7.87 -15.50 -6.10
CA GLU B 675 6.61 -15.61 -5.35
C GLU B 675 5.42 -15.36 -6.28
N MET B 676 5.66 -15.02 -7.54
CA MET B 676 4.63 -14.53 -8.44
C MET B 676 3.98 -15.58 -9.32
N PHE B 677 4.29 -16.84 -9.06
CA PHE B 677 3.76 -17.90 -9.90
C PHE B 677 2.30 -18.13 -9.61
N GLY B 678 1.54 -18.23 -10.67
CA GLY B 678 0.10 -18.43 -10.53
C GLY B 678 -0.64 -17.13 -10.27
N PHE B 679 0.06 -16.02 -10.36
CA PHE B 679 -0.50 -14.72 -10.02
C PHE B 679 -1.72 -14.38 -10.89
N ALA B 680 -1.66 -14.62 -12.21
CA ALA B 680 -2.75 -14.25 -13.10
C ALA B 680 -4.10 -14.78 -12.62
N GLY B 681 -4.09 -16.04 -12.19
CA GLY B 681 -5.26 -16.66 -11.63
C GLY B 681 -5.65 -16.02 -10.31
N SER B 682 -4.72 -15.91 -9.37
CA SER B 682 -5.01 -15.31 -8.08
C SER B 682 -5.62 -13.92 -8.19
N ILE B 683 -5.13 -13.14 -9.14
CA ILE B 683 -5.54 -11.77 -9.27
C ILE B 683 -6.87 -11.66 -10.00
N ARG B 684 -7.10 -12.45 -11.06
CA ARG B 684 -8.41 -12.33 -11.73
C ARG B 684 -9.46 -12.87 -10.77
N SER B 685 -9.09 -13.90 -10.01
CA SER B 685 -9.94 -14.45 -8.98
C SER B 685 -10.30 -13.39 -7.95
N ALA B 686 -9.29 -12.74 -7.38
CA ALA B 686 -9.49 -11.74 -6.31
C ALA B 686 -10.06 -10.40 -6.78
N THR B 687 -9.92 -10.10 -8.06
CA THR B 687 -10.45 -8.88 -8.64
C THR B 687 -11.54 -9.25 -9.58
N SER B 688 -12.02 -10.48 -9.40
CA SER B 688 -13.17 -10.98 -10.11
C SER B 688 -13.09 -10.64 -11.62
N GLY B 689 -11.91 -10.86 -12.18
CA GLY B 689 -11.68 -10.68 -13.61
C GLY B 689 -11.64 -9.23 -14.07
N ARG B 690 -11.61 -8.29 -13.13
CA ARG B 690 -11.68 -6.89 -13.54
C ARG B 690 -10.35 -6.16 -13.49
N ALA B 691 -9.29 -6.90 -13.10
CA ALA B 691 -7.93 -6.36 -13.10
C ALA B 691 -7.21 -6.30 -14.47
N LEU B 692 -6.49 -5.21 -14.66
CA LEU B 692 -5.57 -5.05 -15.79
C LEU B 692 -4.19 -4.86 -15.24
N TRP B 693 -3.24 -5.66 -15.69
CA TRP B 693 -1.94 -5.57 -15.10
C TRP B 693 -0.87 -5.97 -16.08
N SER B 694 0.34 -5.58 -15.73
CA SER B 694 1.51 -5.94 -16.51
C SER B 694 2.64 -5.98 -15.52
N THR B 695 3.78 -6.47 -16.00
CA THR B 695 4.99 -6.42 -15.19
C THR B 695 6.15 -5.86 -15.95
N GLU B 696 7.10 -5.36 -15.19
CA GLU B 696 8.43 -5.02 -15.69
C GLU B 696 9.44 -5.64 -14.76
N HIS B 697 10.65 -5.83 -15.30
CA HIS B 697 11.77 -6.34 -14.50
C HIS B 697 12.14 -5.28 -13.46
N ALA B 698 12.30 -5.67 -12.21
CA ALA B 698 12.54 -4.68 -11.17
C ALA B 698 13.95 -4.80 -10.59
N GLY B 699 14.75 -5.69 -11.18
CA GLY B 699 16.06 -5.97 -10.67
C GLY B 699 16.17 -7.16 -9.76
N PHE B 700 17.31 -7.27 -9.08
CA PHE B 700 17.61 -8.38 -8.17
C PHE B 700 17.78 -7.77 -6.79
N LYS B 701 17.30 -8.46 -5.76
CA LYS B 701 17.40 -7.94 -4.42
C LYS B 701 17.84 -9.08 -3.56
N ARG B 702 18.43 -8.75 -2.43
CA ARG B 702 18.99 -9.74 -1.54
C ARG B 702 17.89 -10.61 -0.93
N VAL B 703 18.11 -11.91 -0.95
CA VAL B 703 17.15 -12.83 -0.36
C VAL B 703 17.21 -12.77 1.18
N PRO B 704 16.04 -12.70 1.85
CA PRO B 704 16.06 -12.61 3.33
C PRO B 704 16.79 -13.79 3.99
N ASN B 705 17.47 -13.59 5.11
CA ASN B 705 18.27 -14.67 5.69
C ASN B 705 17.47 -15.92 6.10
N GLU B 706 16.31 -15.68 6.69
CA GLU B 706 15.41 -16.72 7.11
C GLU B 706 14.97 -17.58 5.94
N LEU B 707 15.02 -17.05 4.72
CA LEU B 707 14.65 -17.83 3.53
C LEU B 707 15.86 -18.27 2.70
N ALA B 708 17.00 -17.63 2.94
CA ALA B 708 18.18 -17.86 2.12
C ALA B 708 18.58 -19.34 2.05
N GLN B 709 18.82 -19.96 3.20
CA GLN B 709 19.30 -21.34 3.25
C GLN B 709 18.39 -22.29 2.50
N GLN B 710 17.10 -22.23 2.80
CA GLN B 710 16.16 -23.13 2.15
C GLN B 710 16.25 -22.97 0.65
N ILE B 711 16.33 -21.72 0.19
CA ILE B 711 16.39 -21.49 -1.26
C ILE B 711 17.68 -22.01 -1.89
N ILE B 712 18.81 -21.71 -1.25
CA ILE B 712 20.13 -22.20 -1.65
C ILE B 712 20.13 -23.70 -1.78
N ARG B 713 19.55 -24.38 -0.79
CA ARG B 713 19.46 -25.82 -0.78
C ARG B 713 18.67 -26.32 -1.95
N GLN B 714 17.55 -25.65 -2.27
CA GLN B 714 16.78 -26.15 -3.39
C GLN B 714 17.49 -25.91 -4.73
N ILE B 715 18.21 -24.79 -4.84
CA ILE B 715 18.91 -24.50 -6.10
C ILE B 715 19.99 -25.53 -6.32
N ARG B 716 20.75 -25.78 -5.26
CA ARG B 716 21.82 -26.77 -5.26
C ARG B 716 21.30 -28.15 -5.59
N GLN B 717 20.19 -28.58 -4.96
CA GLN B 717 19.62 -29.91 -5.24
C GLN B 717 19.17 -30.03 -6.67
N ARG B 718 18.51 -28.99 -7.16
CA ARG B 718 18.03 -28.95 -8.54
C ARG B 718 19.21 -29.08 -9.50
N LYS B 719 20.31 -28.46 -9.11
CA LYS B 719 21.49 -28.47 -9.95
C LYS B 719 22.27 -29.79 -9.90
N GLY B 720 21.85 -30.72 -9.02
CA GLY B 720 22.46 -32.02 -8.91
C GLY B 720 23.62 -32.05 -7.93
N LEU B 721 23.75 -30.99 -7.13
CA LEU B 721 24.85 -30.86 -6.18
C LEU B 721 24.45 -31.34 -4.82
N ASP B 722 25.42 -31.55 -3.93
CA ASP B 722 25.06 -31.83 -2.54
C ASP B 722 24.42 -30.56 -1.99
N PRO B 723 23.21 -30.69 -1.42
CA PRO B 723 22.38 -29.56 -0.97
C PRO B 723 23.09 -28.69 0.06
N ASN B 724 24.02 -29.27 0.83
CA ASN B 724 24.67 -28.52 1.88
C ASN B 724 25.59 -27.45 1.28
N PRO B 725 25.27 -26.17 1.55
CA PRO B 725 26.06 -25.07 1.00
C PRO B 725 27.47 -25.18 1.49
N PRO B 726 28.44 -24.81 0.65
CA PRO B 726 29.83 -24.88 1.07
C PRO B 726 30.13 -23.79 2.09
N THR B 727 31.08 -24.05 2.97
CA THR B 727 31.57 -23.06 3.93
C THR B 727 32.85 -22.48 3.37
N GLU B 728 33.42 -21.49 4.04
CA GLU B 728 34.68 -20.92 3.57
C GLU B 728 35.80 -21.94 3.79
N LYS B 729 35.57 -22.90 4.67
CA LYS B 729 36.59 -23.91 4.94
C LYS B 729 36.71 -24.83 3.74
N ASP B 730 35.58 -25.05 3.07
CA ASP B 730 35.53 -25.80 1.83
C ASP B 730 36.09 -25.02 0.65
N VAL B 731 35.94 -23.70 0.65
CA VAL B 731 36.31 -22.89 -0.51
C VAL B 731 37.78 -22.49 -0.47
N CYS B 732 38.23 -22.07 0.71
CA CYS B 732 39.61 -21.66 0.91
C CYS B 732 40.54 -22.85 1.22
N PRO B 733 41.79 -22.80 0.70
CA PRO B 733 42.77 -23.89 0.81
C PRO B 733 43.48 -23.96 2.18
N ALA C 2 -32.49 7.89 -23.75
CA ALA C 2 -33.88 8.30 -23.97
C ALA C 2 -34.75 7.08 -24.28
N LEU C 3 -34.98 6.28 -23.24
CA LEU C 3 -35.59 4.96 -23.33
C LEU C 3 -37.06 5.03 -23.79
N ALA C 4 -37.59 6.24 -23.94
CA ALA C 4 -38.92 6.42 -24.54
C ALA C 4 -38.81 6.23 -26.05
N GLY C 5 -37.71 6.71 -26.62
CA GLY C 5 -37.38 6.46 -28.02
C GLY C 5 -37.24 4.98 -28.33
N LEU C 6 -36.66 4.24 -27.39
CA LEU C 6 -36.49 2.80 -27.51
C LEU C 6 -37.82 2.09 -27.78
N SER C 7 -38.90 2.65 -27.26
CA SER C 7 -40.24 2.07 -27.42
C SER C 7 -40.82 2.45 -28.78
N ALA C 8 -40.32 3.55 -29.35
CA ALA C 8 -40.76 4.00 -30.66
C ALA C 8 -40.41 3.02 -31.78
N LEU C 9 -39.31 2.28 -31.60
CA LEU C 9 -38.87 1.29 -32.59
C LEU C 9 -39.77 0.08 -32.60
N PHE C 10 -40.67 0.00 -31.62
CA PHE C 10 -41.60 -1.12 -31.53
C PHE C 10 -43.06 -0.66 -31.67
N GLY C 11 -43.56 -0.54 -32.90
CA GLY C 11 -44.92 -0.09 -33.12
C GLY C 11 -45.22 0.28 -34.58
N LEU D 3 -40.18 11.39 6.63
CA LEU D 3 -40.03 12.84 6.62
C LEU D 3 -41.41 13.52 6.61
N ALA D 4 -42.47 12.71 6.49
CA ALA D 4 -43.85 13.21 6.62
C ALA D 4 -44.19 13.45 8.09
N GLY D 5 -43.66 12.59 8.97
CA GLY D 5 -43.79 12.75 10.40
C GLY D 5 -43.23 14.09 10.86
N LEU D 6 -42.13 14.50 10.23
CA LEU D 6 -41.51 15.79 10.50
C LEU D 6 -42.49 16.97 10.37
N SER D 7 -43.44 16.85 9.45
CA SER D 7 -44.38 17.93 9.19
C SER D 7 -45.52 17.91 10.20
N ALA D 8 -45.76 16.74 10.76
CA ALA D 8 -46.76 16.56 11.80
C ALA D 8 -46.34 17.31 13.06
N LEU D 9 -45.03 17.46 13.26
CA LEU D 9 -44.50 18.15 14.42
C LEU D 9 -44.76 19.65 14.32
N PHE D 10 -45.12 20.10 13.12
CA PHE D 10 -45.39 21.51 12.94
C PHE D 10 -46.87 21.77 12.61
N GLY D 11 -47.70 21.91 13.65
CA GLY D 11 -49.11 22.17 13.42
C GLY D 11 -50.04 22.00 14.62
PG GCP E . -16.04 20.63 25.24
O1G GCP E . -14.95 21.64 24.62
O2G GCP E . -15.42 19.30 25.46
O3G GCP E . -16.49 21.25 26.66
C3B GCP E . -17.41 20.46 24.04
PB GCP E . -18.97 19.84 24.75
O1B GCP E . -19.27 18.48 24.27
O2B GCP E . -18.77 19.89 26.34
O3A GCP E . -20.20 20.79 24.39
PA GCP E . -20.93 21.60 25.58
O1A GCP E . -22.14 20.81 25.99
O2A GCP E . -19.94 22.00 26.65
O5' GCP E . -21.42 22.90 24.73
C5' GCP E . -20.62 24.06 24.62
C4' GCP E . -21.50 25.27 24.79
O4' GCP E . -22.65 25.10 23.98
C3' GCP E . -21.97 25.39 26.24
O3' GCP E . -21.58 26.66 26.76
C2' GCP E . -23.47 25.38 26.21
O2' GCP E . -23.95 26.53 26.92
C1' GCP E . -23.80 25.49 24.73
N9 GCP E . -25.00 24.63 24.47
C8 GCP E . -25.11 23.31 24.68
N7 GCP E . -26.36 22.87 24.35
C5 GCP E . -27.08 23.96 23.95
C6 GCP E . -28.46 24.24 23.48
O6 GCP E . -29.32 23.33 23.36
N1 GCP E . -28.76 25.51 23.16
C2 GCP E . -27.87 26.53 23.27
N2 GCP E . -28.23 27.78 22.94
N3 GCP E . -26.61 26.33 23.71
C4 GCP E . -26.17 25.11 24.05
PG GCP F . -12.22 -14.69 -32.30
O1G GCP F . -12.24 -14.88 -33.91
O2G GCP F . -11.56 -15.99 -31.61
O3G GCP F . -11.47 -13.46 -31.94
C3B GCP F . -13.92 -14.61 -31.68
PB GCP F . -14.72 -13.01 -31.96
O1B GCP F . -13.99 -12.17 -33.12
O2B GCP F . -14.71 -12.27 -30.69
O3A GCP F . -16.25 -13.33 -32.32
PA GCP F . -16.77 -13.71 -33.79
O1A GCP F . -15.79 -14.61 -34.55
O2A GCP F . -17.42 -12.54 -34.48
O5' GCP F . -17.97 -14.68 -33.38
C5' GCP F . -18.14 -15.68 -34.35
C4' GCP F . -19.20 -16.62 -33.91
O4' GCP F . -20.17 -15.82 -33.29
C3' GCP F . -19.73 -17.25 -35.18
O3' GCP F . -19.53 -18.66 -35.12
C2' GCP F . -21.20 -16.91 -35.19
O2' GCP F . -21.98 -18.12 -35.12
C1' GCP F . -21.40 -16.02 -33.97
N9 GCP F . -21.97 -14.72 -34.38
C8 GCP F . -21.33 -13.57 -34.66
N7 GCP F . -22.23 -12.61 -34.99
C5 GCP F . -23.47 -13.15 -34.93
C6 GCP F . -24.86 -12.73 -35.14
O6 GCP F . -25.17 -11.58 -35.49
N1 GCP F . -25.83 -13.63 -34.95
C2 GCP F . -25.57 -14.91 -34.57
N2 GCP F . -26.59 -15.79 -34.39
N3 GCP F . -24.32 -15.37 -34.36
C4 GCP F . -23.27 -14.55 -34.52
#